data_2GMK
# 
_entry.id   2GMK 
# 
_audit_conform.dict_name       mmcif_pdbx.dic 
_audit_conform.dict_version    5.398 
_audit_conform.dict_location   http://mmcif.pdb.org/dictionaries/ascii/mmcif_pdbx.dic 
# 
loop_
_database_2.database_id 
_database_2.database_code 
_database_2.pdbx_database_accession 
_database_2.pdbx_DOI 
PDB   2GMK         pdb_00002gmk 10.2210/pdb2gmk/pdb 
RCSB  RCSB037298   ?            ?                   
WWPDB D_1000037298 ?            ?                   
# 
loop_
_pdbx_audit_revision_history.ordinal 
_pdbx_audit_revision_history.data_content_type 
_pdbx_audit_revision_history.major_revision 
_pdbx_audit_revision_history.minor_revision 
_pdbx_audit_revision_history.revision_date 
1 'Structure model' 1 0 2006-04-25 
2 'Structure model' 1 1 2008-01-15 
3 'Structure model' 1 2 2011-07-13 
4 'Structure model' 2 0 2019-12-25 
5 'Structure model' 2 1 2021-10-20 
6 'Structure model' 2 2 2023-08-30 
7 'Structure model' 2 3 2024-10-30 
# 
_pdbx_audit_revision_details.ordinal             1 
_pdbx_audit_revision_details.revision_ordinal    1 
_pdbx_audit_revision_details.data_content_type   'Structure model' 
_pdbx_audit_revision_details.provider            repository 
_pdbx_audit_revision_details.type                'Initial release' 
_pdbx_audit_revision_details.description         ? 
_pdbx_audit_revision_details.details             ? 
# 
loop_
_pdbx_audit_revision_group.ordinal 
_pdbx_audit_revision_group.revision_ordinal 
_pdbx_audit_revision_group.data_content_type 
_pdbx_audit_revision_group.group 
1  2 'Structure model' 'Version format compliance' 
2  3 'Structure model' 'Version format compliance' 
3  4 'Structure model' 'Database references'       
4  4 'Structure model' 'Derived calculations'      
5  4 'Structure model' 'Polymer sequence'          
6  5 'Structure model' 'Database references'       
7  5 'Structure model' 'Derived calculations'      
8  6 'Structure model' 'Data collection'           
9  6 'Structure model' 'Refinement description'    
10 7 'Structure model' 'Structure summary'         
# 
loop_
_pdbx_audit_revision_category.ordinal 
_pdbx_audit_revision_category.revision_ordinal 
_pdbx_audit_revision_category.data_content_type 
_pdbx_audit_revision_category.category 
1  4 'Structure model' entity_poly                   
2  4 'Structure model' pdbx_struct_mod_residue       
3  4 'Structure model' struct_conn                   
4  4 'Structure model' struct_ref_seq_dif            
5  5 'Structure model' database_2                    
6  5 'Structure model' struct_ref_seq_dif            
7  5 'Structure model' struct_site                   
8  6 'Structure model' chem_comp_atom                
9  6 'Structure model' chem_comp_bond                
10 6 'Structure model' pdbx_initial_refinement_model 
11 7 'Structure model' pdbx_entry_details            
12 7 'Structure model' pdbx_modification_feature     
# 
loop_
_pdbx_audit_revision_item.ordinal 
_pdbx_audit_revision_item.revision_ordinal 
_pdbx_audit_revision_item.data_content_type 
_pdbx_audit_revision_item.item 
1 4 'Structure model' '_entity_poly.pdbx_seq_one_letter_code_can' 
2 4 'Structure model' '_pdbx_struct_mod_residue.parent_comp_id'   
3 4 'Structure model' '_struct_conn.pdbx_leaving_atom_flag'       
4 5 'Structure model' '_database_2.pdbx_DOI'                      
5 5 'Structure model' '_database_2.pdbx_database_accession'       
6 5 'Structure model' '_struct_ref_seq_dif.details'               
7 5 'Structure model' '_struct_site.pdbx_auth_asym_id'            
8 5 'Structure model' '_struct_site.pdbx_auth_comp_id'            
9 5 'Structure model' '_struct_site.pdbx_auth_seq_id'             
# 
_pdbx_database_status.entry_id                        2GMK 
_pdbx_database_status.deposit_site                    RCSB 
_pdbx_database_status.process_site                    RCSB 
_pdbx_database_status.recvd_initial_deposition_date   2006-04-06 
_pdbx_database_status.status_code                     REL 
_pdbx_database_status.status_code_sf                  REL 
_pdbx_database_status.status_code_mr                  ? 
_pdbx_database_status.SG_entry                        Y 
_pdbx_database_status.pdb_format_compatible           Y 
_pdbx_database_status.status_code_cs                  ? 
_pdbx_database_status.methods_development_category    ? 
_pdbx_database_status.status_code_nmr_data            ? 
# 
_pdbx_database_related.db_name        TargetDB 
_pdbx_database_related.db_id          GO.80161 
_pdbx_database_related.details        . 
_pdbx_database_related.content_type   unspecified 
# 
loop_
_audit_author.name 
_audit_author.pdbx_ordinal 
'Bae, E.'                                          1 
'Lee, J.E.'                                        2 
'Raines, R.T.'                                     3 
'Wesenberg, G.E.'                                  4 
'Phillips Jr., G.N.'                               5 
'Bitto, E.'                                        6 
'Bingman, C.A.'                                    7 
'Center for Eukaryotic Structural Genomics (CESG)' 8 
# 
_citation.id                        primary 
_citation.title                     'Structural basis for catalysis by onconase.' 
_citation.journal_abbrev            J.Mol.Biol. 
_citation.journal_volume            375 
_citation.page_first                165 
_citation.page_last                 177 
_citation.year                      2008 
_citation.journal_id_ASTM           JMOBAK 
_citation.country                   UK 
_citation.journal_id_ISSN           0022-2836 
_citation.journal_id_CSD            0070 
_citation.book_publisher            ? 
_citation.pdbx_database_id_PubMed   18001769 
_citation.pdbx_database_id_DOI      10.1016/j.jmb.2007.09.089 
# 
loop_
_citation_author.citation_id 
_citation_author.name 
_citation_author.ordinal 
_citation_author.identifier_ORCID 
primary 'Lee, J.E.'          1 ? 
primary 'Bae, E.'            2 ? 
primary 'Bingman, C.A.'      3 ? 
primary 'Phillips Jr., G.N.' 4 ? 
primary 'Raines, R.T.'       5 ? 
# 
loop_
_entity.id 
_entity.type 
_entity.src_method 
_entity.pdbx_description 
_entity.formula_weight 
_entity.pdbx_number_of_molecules 
_entity.pdbx_ec 
_entity.pdbx_mutation 
_entity.pdbx_fragment 
_entity.details 
1 polymer     man 'P-30 protein'            11800.611 1   3.1.27.- T89N,E91A ? ? 
2 non-polymer syn 'ADENOSINE MONOPHOSPHATE' 347.221   4   ?        ?         ? ? 
3 water       nat water                     18.015    196 ?        ?         ? ? 
# 
_entity_name_com.entity_id   1 
_entity_name_com.name        Onconase 
# 
_entity_poly.entity_id                      1 
_entity_poly.type                           'polypeptide(L)' 
_entity_poly.nstd_linkage                   no 
_entity_poly.nstd_monomer                   yes 
_entity_poly.pdbx_seq_one_letter_code       
;(PCA)DWLTFQKKHITNTRDVDCDNIMSTNLFHCKDKNTFIYSRPEPVKAICKGIIASKNVLTTSEFYLSDCNVTSRPCK
YKLKKSTNKFCVNCANQAPVHFVGVGSC
;
_entity_poly.pdbx_seq_one_letter_code_can   
;QDWLTFQKKHITNTRDVDCDNIMSTNLFHCKDKNTFIYSRPEPVKAICKGIIASKNVLTTSEFYLSDCNVTSRPCKYKLK
KSTNKFCVNCANQAPVHFVGVGSC
;
_entity_poly.pdbx_strand_id                 A 
_entity_poly.pdbx_target_identifier         GO.80161 
# 
loop_
_pdbx_entity_nonpoly.entity_id 
_pdbx_entity_nonpoly.name 
_pdbx_entity_nonpoly.comp_id 
2 'ADENOSINE MONOPHOSPHATE' AMP 
3 water                     HOH 
# 
loop_
_entity_poly_seq.entity_id 
_entity_poly_seq.num 
_entity_poly_seq.mon_id 
_entity_poly_seq.hetero 
1 1   PCA n 
1 2   ASP n 
1 3   TRP n 
1 4   LEU n 
1 5   THR n 
1 6   PHE n 
1 7   GLN n 
1 8   LYS n 
1 9   LYS n 
1 10  HIS n 
1 11  ILE n 
1 12  THR n 
1 13  ASN n 
1 14  THR n 
1 15  ARG n 
1 16  ASP n 
1 17  VAL n 
1 18  ASP n 
1 19  CYS n 
1 20  ASP n 
1 21  ASN n 
1 22  ILE n 
1 23  MET n 
1 24  SER n 
1 25  THR n 
1 26  ASN n 
1 27  LEU n 
1 28  PHE n 
1 29  HIS n 
1 30  CYS n 
1 31  LYS n 
1 32  ASP n 
1 33  LYS n 
1 34  ASN n 
1 35  THR n 
1 36  PHE n 
1 37  ILE n 
1 38  TYR n 
1 39  SER n 
1 40  ARG n 
1 41  PRO n 
1 42  GLU n 
1 43  PRO n 
1 44  VAL n 
1 45  LYS n 
1 46  ALA n 
1 47  ILE n 
1 48  CYS n 
1 49  LYS n 
1 50  GLY n 
1 51  ILE n 
1 52  ILE n 
1 53  ALA n 
1 54  SER n 
1 55  LYS n 
1 56  ASN n 
1 57  VAL n 
1 58  LEU n 
1 59  THR n 
1 60  THR n 
1 61  SER n 
1 62  GLU n 
1 63  PHE n 
1 64  TYR n 
1 65  LEU n 
1 66  SER n 
1 67  ASP n 
1 68  CYS n 
1 69  ASN n 
1 70  VAL n 
1 71  THR n 
1 72  SER n 
1 73  ARG n 
1 74  PRO n 
1 75  CYS n 
1 76  LYS n 
1 77  TYR n 
1 78  LYS n 
1 79  LEU n 
1 80  LYS n 
1 81  LYS n 
1 82  SER n 
1 83  THR n 
1 84  ASN n 
1 85  LYS n 
1 86  PHE n 
1 87  CYS n 
1 88  VAL n 
1 89  ASN n 
1 90  CYS n 
1 91  ALA n 
1 92  ASN n 
1 93  GLN n 
1 94  ALA n 
1 95  PRO n 
1 96  VAL n 
1 97  HIS n 
1 98  PHE n 
1 99  VAL n 
1 100 GLY n 
1 101 VAL n 
1 102 GLY n 
1 103 SER n 
1 104 CYS n 
# 
_entity_src_gen.entity_id                          1 
_entity_src_gen.pdbx_src_id                        1 
_entity_src_gen.pdbx_alt_source_flag               sample 
_entity_src_gen.pdbx_seq_type                      ? 
_entity_src_gen.pdbx_beg_seq_num                   ? 
_entity_src_gen.pdbx_end_seq_num                   ? 
_entity_src_gen.gene_src_common_name               'northern leopard frog' 
_entity_src_gen.gene_src_genus                     Rana 
_entity_src_gen.pdbx_gene_src_gene                 RNP30_RANPI 
_entity_src_gen.gene_src_species                   ? 
_entity_src_gen.gene_src_strain                    ? 
_entity_src_gen.gene_src_tissue                    ? 
_entity_src_gen.gene_src_tissue_fraction           ? 
_entity_src_gen.gene_src_details                   ? 
_entity_src_gen.pdbx_gene_src_fragment             ? 
_entity_src_gen.pdbx_gene_src_scientific_name      'Rana pipiens' 
_entity_src_gen.pdbx_gene_src_ncbi_taxonomy_id     8404 
_entity_src_gen.pdbx_gene_src_variant              ? 
_entity_src_gen.pdbx_gene_src_cell_line            ? 
_entity_src_gen.pdbx_gene_src_atcc                 ? 
_entity_src_gen.pdbx_gene_src_organ                ? 
_entity_src_gen.pdbx_gene_src_organelle            ? 
_entity_src_gen.pdbx_gene_src_cell                 ? 
_entity_src_gen.pdbx_gene_src_cellular_location    ? 
_entity_src_gen.host_org_common_name               ? 
_entity_src_gen.pdbx_host_org_scientific_name      'Escherichia coli BL21(DE3)' 
_entity_src_gen.pdbx_host_org_ncbi_taxonomy_id     469008 
_entity_src_gen.host_org_genus                     Escherichia 
_entity_src_gen.pdbx_host_org_gene                 ? 
_entity_src_gen.pdbx_host_org_organ                ? 
_entity_src_gen.host_org_species                   'Escherichia coli' 
_entity_src_gen.pdbx_host_org_tissue               ? 
_entity_src_gen.pdbx_host_org_tissue_fraction      ? 
_entity_src_gen.pdbx_host_org_strain               'BL21(DE3)' 
_entity_src_gen.pdbx_host_org_variant              ? 
_entity_src_gen.pdbx_host_org_cell_line            ? 
_entity_src_gen.pdbx_host_org_atcc                 ? 
_entity_src_gen.pdbx_host_org_culture_collection   ? 
_entity_src_gen.pdbx_host_org_cell                 ? 
_entity_src_gen.pdbx_host_org_organelle            ? 
_entity_src_gen.pdbx_host_org_cellular_location    ? 
_entity_src_gen.pdbx_host_org_vector_type          plasmid 
_entity_src_gen.pdbx_host_org_vector               ? 
_entity_src_gen.host_org_details                   ? 
_entity_src_gen.expression_system_id               ? 
_entity_src_gen.plasmid_name                       'pET 22b(+)' 
_entity_src_gen.plasmid_details                    ? 
_entity_src_gen.pdbx_description                   ? 
# 
loop_
_chem_comp.id 
_chem_comp.type 
_chem_comp.mon_nstd_flag 
_chem_comp.name 
_chem_comp.pdbx_synonyms 
_chem_comp.formula 
_chem_comp.formula_weight 
ALA 'L-peptide linking' y ALANINE                   ? 'C3 H7 N O2'      89.093  
AMP non-polymer         . 'ADENOSINE MONOPHOSPHATE' ? 'C10 H14 N5 O7 P' 347.221 
ARG 'L-peptide linking' y ARGININE                  ? 'C6 H15 N4 O2 1'  175.209 
ASN 'L-peptide linking' y ASPARAGINE                ? 'C4 H8 N2 O3'     132.118 
ASP 'L-peptide linking' y 'ASPARTIC ACID'           ? 'C4 H7 N O4'      133.103 
CYS 'L-peptide linking' y CYSTEINE                  ? 'C3 H7 N O2 S'    121.158 
GLN 'L-peptide linking' y GLUTAMINE                 ? 'C5 H10 N2 O3'    146.144 
GLU 'L-peptide linking' y 'GLUTAMIC ACID'           ? 'C5 H9 N O4'      147.129 
GLY 'peptide linking'   y GLYCINE                   ? 'C2 H5 N O2'      75.067  
HIS 'L-peptide linking' y HISTIDINE                 ? 'C6 H10 N3 O2 1'  156.162 
HOH non-polymer         . WATER                     ? 'H2 O'            18.015  
ILE 'L-peptide linking' y ISOLEUCINE                ? 'C6 H13 N O2'     131.173 
LEU 'L-peptide linking' y LEUCINE                   ? 'C6 H13 N O2'     131.173 
LYS 'L-peptide linking' y LYSINE                    ? 'C6 H15 N2 O2 1'  147.195 
MET 'L-peptide linking' y METHIONINE                ? 'C5 H11 N O2 S'   149.211 
PCA 'L-peptide linking' n 'PYROGLUTAMIC ACID'       ? 'C5 H7 N O3'      129.114 
PHE 'L-peptide linking' y PHENYLALANINE             ? 'C9 H11 N O2'     165.189 
PRO 'L-peptide linking' y PROLINE                   ? 'C5 H9 N O2'      115.130 
SER 'L-peptide linking' y SERINE                    ? 'C3 H7 N O3'      105.093 
THR 'L-peptide linking' y THREONINE                 ? 'C4 H9 N O3'      119.119 
TRP 'L-peptide linking' y TRYPTOPHAN                ? 'C11 H12 N2 O2'   204.225 
TYR 'L-peptide linking' y TYROSINE                  ? 'C9 H11 N O3'     181.189 
VAL 'L-peptide linking' y VALINE                    ? 'C5 H11 N O2'     117.146 
# 
loop_
_pdbx_poly_seq_scheme.asym_id 
_pdbx_poly_seq_scheme.entity_id 
_pdbx_poly_seq_scheme.seq_id 
_pdbx_poly_seq_scheme.mon_id 
_pdbx_poly_seq_scheme.ndb_seq_num 
_pdbx_poly_seq_scheme.pdb_seq_num 
_pdbx_poly_seq_scheme.auth_seq_num 
_pdbx_poly_seq_scheme.pdb_mon_id 
_pdbx_poly_seq_scheme.auth_mon_id 
_pdbx_poly_seq_scheme.pdb_strand_id 
_pdbx_poly_seq_scheme.pdb_ins_code 
_pdbx_poly_seq_scheme.hetero 
A 1 1   PCA 1   1   1   PCA PCA A . n 
A 1 2   ASP 2   2   2   ASP ASP A . n 
A 1 3   TRP 3   3   3   TRP TRP A . n 
A 1 4   LEU 4   4   4   LEU LEU A . n 
A 1 5   THR 5   5   5   THR THR A . n 
A 1 6   PHE 6   6   6   PHE PHE A . n 
A 1 7   GLN 7   7   7   GLN GLN A . n 
A 1 8   LYS 8   8   8   LYS LYS A . n 
A 1 9   LYS 9   9   9   LYS LYS A . n 
A 1 10  HIS 10  10  10  HIS HIS A . n 
A 1 11  ILE 11  11  11  ILE ILE A . n 
A 1 12  THR 12  12  12  THR THR A . n 
A 1 13  ASN 13  13  13  ASN ASN A . n 
A 1 14  THR 14  14  14  THR THR A . n 
A 1 15  ARG 15  15  15  ARG ARG A . n 
A 1 16  ASP 16  16  16  ASP ASP A . n 
A 1 17  VAL 17  17  17  VAL VAL A . n 
A 1 18  ASP 18  18  18  ASP ASP A . n 
A 1 19  CYS 19  19  19  CYS CYS A . n 
A 1 20  ASP 20  20  20  ASP ASP A . n 
A 1 21  ASN 21  21  21  ASN ASN A . n 
A 1 22  ILE 22  22  22  ILE ILE A . n 
A 1 23  MET 23  23  23  MET MET A . n 
A 1 24  SER 24  24  24  SER SER A . n 
A 1 25  THR 25  25  25  THR THR A . n 
A 1 26  ASN 26  26  26  ASN ASN A . n 
A 1 27  LEU 27  27  27  LEU LEU A . n 
A 1 28  PHE 28  28  28  PHE PHE A . n 
A 1 29  HIS 29  29  29  HIS HIS A . n 
A 1 30  CYS 30  30  30  CYS CYS A . n 
A 1 31  LYS 31  31  31  LYS LYS A . n 
A 1 32  ASP 32  32  32  ASP ASP A . n 
A 1 33  LYS 33  33  33  LYS LYS A . n 
A 1 34  ASN 34  34  34  ASN ASN A . n 
A 1 35  THR 35  35  35  THR THR A . n 
A 1 36  PHE 36  36  36  PHE PHE A . n 
A 1 37  ILE 37  37  37  ILE ILE A . n 
A 1 38  TYR 38  38  38  TYR TYR A . n 
A 1 39  SER 39  39  39  SER SER A . n 
A 1 40  ARG 40  40  40  ARG ARG A . n 
A 1 41  PRO 41  41  41  PRO PRO A . n 
A 1 42  GLU 42  42  42  GLU GLU A . n 
A 1 43  PRO 43  43  43  PRO PRO A . n 
A 1 44  VAL 44  44  44  VAL VAL A . n 
A 1 45  LYS 45  45  45  LYS LYS A . n 
A 1 46  ALA 46  46  46  ALA ALA A . n 
A 1 47  ILE 47  47  47  ILE ILE A . n 
A 1 48  CYS 48  48  48  CYS CYS A . n 
A 1 49  LYS 49  49  49  LYS LYS A . n 
A 1 50  GLY 50  50  50  GLY GLY A . n 
A 1 51  ILE 51  51  51  ILE ILE A . n 
A 1 52  ILE 52  52  52  ILE ILE A . n 
A 1 53  ALA 53  53  53  ALA ALA A . n 
A 1 54  SER 54  54  54  SER SER A . n 
A 1 55  LYS 55  55  55  LYS LYS A . n 
A 1 56  ASN 56  56  56  ASN ASN A . n 
A 1 57  VAL 57  57  57  VAL VAL A . n 
A 1 58  LEU 58  58  58  LEU LEU A . n 
A 1 59  THR 59  59  59  THR THR A . n 
A 1 60  THR 60  60  60  THR THR A . n 
A 1 61  SER 61  61  61  SER SER A . n 
A 1 62  GLU 62  62  62  GLU GLU A . n 
A 1 63  PHE 63  63  63  PHE PHE A . n 
A 1 64  TYR 64  64  64  TYR TYR A . n 
A 1 65  LEU 65  65  65  LEU LEU A . n 
A 1 66  SER 66  66  66  SER SER A . n 
A 1 67  ASP 67  67  67  ASP ASP A . n 
A 1 68  CYS 68  68  68  CYS CYS A . n 
A 1 69  ASN 69  69  69  ASN ASN A . n 
A 1 70  VAL 70  70  70  VAL VAL A . n 
A 1 71  THR 71  71  71  THR THR A . n 
A 1 72  SER 72  72  72  SER SER A . n 
A 1 73  ARG 73  73  73  ARG ARG A . n 
A 1 74  PRO 74  74  74  PRO PRO A . n 
A 1 75  CYS 75  75  75  CYS CYS A . n 
A 1 76  LYS 76  76  76  LYS LYS A . n 
A 1 77  TYR 77  77  77  TYR TYR A . n 
A 1 78  LYS 78  78  78  LYS LYS A . n 
A 1 79  LEU 79  79  79  LEU LEU A . n 
A 1 80  LYS 80  80  80  LYS LYS A . n 
A 1 81  LYS 81  81  81  LYS LYS A . n 
A 1 82  SER 82  82  82  SER SER A . n 
A 1 83  THR 83  83  83  THR THR A . n 
A 1 84  ASN 84  84  84  ASN ASN A . n 
A 1 85  LYS 85  85  85  LYS LYS A . n 
A 1 86  PHE 86  86  86  PHE PHE A . n 
A 1 87  CYS 87  87  87  CYS CYS A . n 
A 1 88  VAL 88  88  88  VAL VAL A . n 
A 1 89  ASN 89  89  89  ASN ASN A . n 
A 1 90  CYS 90  90  90  CYS CYS A . n 
A 1 91  ALA 91  91  91  ALA ALA A . n 
A 1 92  ASN 92  92  92  ASN ASN A . n 
A 1 93  GLN 93  93  93  GLN GLN A . n 
A 1 94  ALA 94  94  94  ALA ALA A . n 
A 1 95  PRO 95  95  95  PRO PRO A . n 
A 1 96  VAL 96  96  96  VAL VAL A . n 
A 1 97  HIS 97  97  97  HIS HIS A . n 
A 1 98  PHE 98  98  98  PHE PHE A . n 
A 1 99  VAL 99  99  99  VAL VAL A . n 
A 1 100 GLY 100 100 100 GLY GLY A . n 
A 1 101 VAL 101 101 101 VAL VAL A . n 
A 1 102 GLY 102 102 102 GLY GLY A . n 
A 1 103 SER 103 103 103 SER SER A . n 
A 1 104 CYS 104 104 104 CYS CYS A . n 
# 
loop_
_pdbx_nonpoly_scheme.asym_id 
_pdbx_nonpoly_scheme.entity_id 
_pdbx_nonpoly_scheme.mon_id 
_pdbx_nonpoly_scheme.ndb_seq_num 
_pdbx_nonpoly_scheme.pdb_seq_num 
_pdbx_nonpoly_scheme.auth_seq_num 
_pdbx_nonpoly_scheme.pdb_mon_id 
_pdbx_nonpoly_scheme.auth_mon_id 
_pdbx_nonpoly_scheme.pdb_strand_id 
_pdbx_nonpoly_scheme.pdb_ins_code 
B 2 AMP 1   940  941 AMP AMP A . 
C 2 AMP 1   941  941 AMP AMP A . 
D 2 AMP 1   942  941 AMP AMP A . 
E 2 AMP 1   943  941 AMP AMP A . 
F 3 HOH 1   944  1   HOH HOH A . 
F 3 HOH 2   945  2   HOH HOH A . 
F 3 HOH 3   946  3   HOH HOH A . 
F 3 HOH 4   947  4   HOH HOH A . 
F 3 HOH 5   948  5   HOH HOH A . 
F 3 HOH 6   949  6   HOH HOH A . 
F 3 HOH 7   950  7   HOH HOH A . 
F 3 HOH 8   951  8   HOH HOH A . 
F 3 HOH 9   952  9   HOH HOH A . 
F 3 HOH 10  953  10  HOH HOH A . 
F 3 HOH 11  954  11  HOH HOH A . 
F 3 HOH 12  955  12  HOH HOH A . 
F 3 HOH 13  956  13  HOH HOH A . 
F 3 HOH 14  957  14  HOH HOH A . 
F 3 HOH 15  958  15  HOH HOH A . 
F 3 HOH 16  959  16  HOH HOH A . 
F 3 HOH 17  960  17  HOH HOH A . 
F 3 HOH 18  961  18  HOH HOH A . 
F 3 HOH 19  962  19  HOH HOH A . 
F 3 HOH 20  963  20  HOH HOH A . 
F 3 HOH 21  964  21  HOH HOH A . 
F 3 HOH 22  965  22  HOH HOH A . 
F 3 HOH 23  966  23  HOH HOH A . 
F 3 HOH 24  967  24  HOH HOH A . 
F 3 HOH 25  968  25  HOH HOH A . 
F 3 HOH 26  969  26  HOH HOH A . 
F 3 HOH 27  970  27  HOH HOH A . 
F 3 HOH 28  971  28  HOH HOH A . 
F 3 HOH 29  972  29  HOH HOH A . 
F 3 HOH 30  973  30  HOH HOH A . 
F 3 HOH 31  974  31  HOH HOH A . 
F 3 HOH 32  975  32  HOH HOH A . 
F 3 HOH 33  976  33  HOH HOH A . 
F 3 HOH 34  977  34  HOH HOH A . 
F 3 HOH 35  978  35  HOH HOH A . 
F 3 HOH 36  979  36  HOH HOH A . 
F 3 HOH 37  980  37  HOH HOH A . 
F 3 HOH 38  981  38  HOH HOH A . 
F 3 HOH 39  982  39  HOH HOH A . 
F 3 HOH 40  983  40  HOH HOH A . 
F 3 HOH 41  984  41  HOH HOH A . 
F 3 HOH 42  985  42  HOH HOH A . 
F 3 HOH 43  986  43  HOH HOH A . 
F 3 HOH 44  987  44  HOH HOH A . 
F 3 HOH 45  988  45  HOH HOH A . 
F 3 HOH 46  989  46  HOH HOH A . 
F 3 HOH 47  990  47  HOH HOH A . 
F 3 HOH 48  991  48  HOH HOH A . 
F 3 HOH 49  992  49  HOH HOH A . 
F 3 HOH 50  993  50  HOH HOH A . 
F 3 HOH 51  994  51  HOH HOH A . 
F 3 HOH 52  995  52  HOH HOH A . 
F 3 HOH 53  996  53  HOH HOH A . 
F 3 HOH 54  997  54  HOH HOH A . 
F 3 HOH 55  998  55  HOH HOH A . 
F 3 HOH 56  999  56  HOH HOH A . 
F 3 HOH 57  1000 57  HOH HOH A . 
F 3 HOH 58  1001 58  HOH HOH A . 
F 3 HOH 59  1002 59  HOH HOH A . 
F 3 HOH 60  1003 60  HOH HOH A . 
F 3 HOH 61  1004 61  HOH HOH A . 
F 3 HOH 62  1005 62  HOH HOH A . 
F 3 HOH 63  1006 63  HOH HOH A . 
F 3 HOH 64  1007 64  HOH HOH A . 
F 3 HOH 65  1008 65  HOH HOH A . 
F 3 HOH 66  1009 66  HOH HOH A . 
F 3 HOH 67  1010 67  HOH HOH A . 
F 3 HOH 68  1011 68  HOH HOH A . 
F 3 HOH 69  1012 69  HOH HOH A . 
F 3 HOH 70  1013 70  HOH HOH A . 
F 3 HOH 71  1014 71  HOH HOH A . 
F 3 HOH 72  1015 72  HOH HOH A . 
F 3 HOH 73  1016 73  HOH HOH A . 
F 3 HOH 74  1017 74  HOH HOH A . 
F 3 HOH 75  1018 75  HOH HOH A . 
F 3 HOH 76  1019 76  HOH HOH A . 
F 3 HOH 77  1020 77  HOH HOH A . 
F 3 HOH 78  1021 78  HOH HOH A . 
F 3 HOH 79  1022 79  HOH HOH A . 
F 3 HOH 80  1023 80  HOH HOH A . 
F 3 HOH 81  1024 81  HOH HOH A . 
F 3 HOH 82  1025 82  HOH HOH A . 
F 3 HOH 83  1026 83  HOH HOH A . 
F 3 HOH 84  1027 84  HOH HOH A . 
F 3 HOH 85  1028 85  HOH HOH A . 
F 3 HOH 86  1029 86  HOH HOH A . 
F 3 HOH 87  1030 87  HOH HOH A . 
F 3 HOH 88  1031 88  HOH HOH A . 
F 3 HOH 89  1032 89  HOH HOH A . 
F 3 HOH 90  1033 90  HOH HOH A . 
F 3 HOH 91  1034 91  HOH HOH A . 
F 3 HOH 92  1035 92  HOH HOH A . 
F 3 HOH 93  1036 93  HOH HOH A . 
F 3 HOH 94  1037 94  HOH HOH A . 
F 3 HOH 95  1038 95  HOH HOH A . 
F 3 HOH 96  1039 96  HOH HOH A . 
F 3 HOH 97  1040 97  HOH HOH A . 
F 3 HOH 98  1041 98  HOH HOH A . 
F 3 HOH 99  1042 99  HOH HOH A . 
F 3 HOH 100 1043 100 HOH HOH A . 
F 3 HOH 101 1044 101 HOH HOH A . 
F 3 HOH 102 1045 102 HOH HOH A . 
F 3 HOH 103 1046 103 HOH HOH A . 
F 3 HOH 104 1047 104 HOH HOH A . 
F 3 HOH 105 1048 105 HOH HOH A . 
F 3 HOH 106 1049 106 HOH HOH A . 
F 3 HOH 107 1050 107 HOH HOH A . 
F 3 HOH 108 1051 108 HOH HOH A . 
F 3 HOH 109 1052 109 HOH HOH A . 
F 3 HOH 110 1053 110 HOH HOH A . 
F 3 HOH 111 1054 111 HOH HOH A . 
F 3 HOH 112 1055 112 HOH HOH A . 
F 3 HOH 113 1056 113 HOH HOH A . 
F 3 HOH 114 1057 114 HOH HOH A . 
F 3 HOH 115 1058 115 HOH HOH A . 
F 3 HOH 116 1059 116 HOH HOH A . 
F 3 HOH 117 1060 117 HOH HOH A . 
F 3 HOH 118 1061 118 HOH HOH A . 
F 3 HOH 119 1062 119 HOH HOH A . 
F 3 HOH 120 1063 120 HOH HOH A . 
F 3 HOH 121 1064 121 HOH HOH A . 
F 3 HOH 122 1065 122 HOH HOH A . 
F 3 HOH 123 1066 123 HOH HOH A . 
F 3 HOH 124 1067 124 HOH HOH A . 
F 3 HOH 125 1068 125 HOH HOH A . 
F 3 HOH 126 1069 126 HOH HOH A . 
F 3 HOH 127 1070 127 HOH HOH A . 
F 3 HOH 128 1071 128 HOH HOH A . 
F 3 HOH 129 1072 129 HOH HOH A . 
F 3 HOH 130 1073 130 HOH HOH A . 
F 3 HOH 131 1074 131 HOH HOH A . 
F 3 HOH 132 1075 132 HOH HOH A . 
F 3 HOH 133 1076 133 HOH HOH A . 
F 3 HOH 134 1077 134 HOH HOH A . 
F 3 HOH 135 1078 135 HOH HOH A . 
F 3 HOH 136 1079 136 HOH HOH A . 
F 3 HOH 137 1080 137 HOH HOH A . 
F 3 HOH 138 1081 138 HOH HOH A . 
F 3 HOH 139 1082 139 HOH HOH A . 
F 3 HOH 140 1083 140 HOH HOH A . 
F 3 HOH 141 1084 141 HOH HOH A . 
F 3 HOH 142 1085 142 HOH HOH A . 
F 3 HOH 143 1086 143 HOH HOH A . 
F 3 HOH 144 1087 144 HOH HOH A . 
F 3 HOH 145 1088 145 HOH HOH A . 
F 3 HOH 146 1089 146 HOH HOH A . 
F 3 HOH 147 1090 147 HOH HOH A . 
F 3 HOH 148 1091 148 HOH HOH A . 
F 3 HOH 149 1092 149 HOH HOH A . 
F 3 HOH 150 1093 150 HOH HOH A . 
F 3 HOH 151 1094 151 HOH HOH A . 
F 3 HOH 152 1095 152 HOH HOH A . 
F 3 HOH 153 1096 153 HOH HOH A . 
F 3 HOH 154 1097 154 HOH HOH A . 
F 3 HOH 155 1098 155 HOH HOH A . 
F 3 HOH 156 1099 156 HOH HOH A . 
F 3 HOH 157 1100 157 HOH HOH A . 
F 3 HOH 158 1101 158 HOH HOH A . 
F 3 HOH 159 1102 159 HOH HOH A . 
F 3 HOH 160 1103 160 HOH HOH A . 
F 3 HOH 161 1104 161 HOH HOH A . 
F 3 HOH 162 1105 162 HOH HOH A . 
F 3 HOH 163 1106 163 HOH HOH A . 
F 3 HOH 164 1107 164 HOH HOH A . 
F 3 HOH 165 1108 165 HOH HOH A . 
F 3 HOH 166 1109 166 HOH HOH A . 
F 3 HOH 167 1110 167 HOH HOH A . 
F 3 HOH 168 1111 168 HOH HOH A . 
F 3 HOH 169 1112 169 HOH HOH A . 
F 3 HOH 170 1113 170 HOH HOH A . 
F 3 HOH 171 1114 171 HOH HOH A . 
F 3 HOH 172 1115 172 HOH HOH A . 
F 3 HOH 173 1116 173 HOH HOH A . 
F 3 HOH 174 1117 175 HOH HOH A . 
F 3 HOH 175 1118 176 HOH HOH A . 
F 3 HOH 176 1119 177 HOH HOH A . 
F 3 HOH 177 1120 178 HOH HOH A . 
F 3 HOH 178 1121 179 HOH HOH A . 
F 3 HOH 179 1122 180 HOH HOH A . 
F 3 HOH 180 1123 181 HOH HOH A . 
F 3 HOH 181 1124 182 HOH HOH A . 
F 3 HOH 182 1125 183 HOH HOH A . 
F 3 HOH 183 1126 184 HOH HOH A . 
F 3 HOH 184 1127 185 HOH HOH A . 
F 3 HOH 185 1128 186 HOH HOH A . 
F 3 HOH 186 1129 187 HOH HOH A . 
F 3 HOH 187 1130 188 HOH HOH A . 
F 3 HOH 188 1131 189 HOH HOH A . 
F 3 HOH 189 1132 190 HOH HOH A . 
F 3 HOH 190 1133 191 HOH HOH A . 
F 3 HOH 191 1134 192 HOH HOH A . 
F 3 HOH 192 1135 193 HOH HOH A . 
F 3 HOH 193 1136 194 HOH HOH A . 
F 3 HOH 194 1137 195 HOH HOH A . 
F 3 HOH 195 1138 196 HOH HOH A . 
F 3 HOH 196 1139 198 HOH HOH A . 
# 
loop_
_software.name 
_software.version 
_software.date 
_software.type 
_software.contact_author 
_software.contact_author_email 
_software.classification 
_software.location 
_software.language 
_software.citation_id 
_software.pdbx_ordinal 
SAINT       .        ?               package ?                 ?                        'data scaling'    
http://www.bruker-axs.de/index.html         ?       ? 1 
MOLREP      .        ?               program 'A. Vagin'        alexei@ysbl.york.ac.uk   phasing           
http://www.ccp4.ac.uk/dist/html/molrep.html Fortran ? 2 
REFMAC      5.2.0005 ?               program 'Murshudov, G.N.' ccp4@dl.ac.uk            refinement        
http://www.ccp4.ac.uk/main.html             Fortran ? 3 
PDB_EXTRACT 1.701    'OCT. 28, 2005' package PDB               sw-help@rcsb.rutgers.edu 'data extraction' 
http://pdb.rutgers.edu/software/            C++     ? 4 
# 
_cell.length_a           28.994 
_cell.length_b           52.112 
_cell.length_c           66.142 
_cell.angle_alpha        90.00 
_cell.angle_beta         90.00 
_cell.angle_gamma        90.00 
_cell.entry_id           2GMK 
_cell.pdbx_unique_axis   ? 
_cell.Z_PDB              4 
_cell.length_a_esd       ? 
_cell.length_b_esd       ? 
_cell.length_c_esd       ? 
_cell.angle_alpha_esd    ? 
_cell.angle_beta_esd     ? 
_cell.angle_gamma_esd    ? 
# 
_symmetry.space_group_name_H-M             'P 21 21 21' 
_symmetry.Int_Tables_number                19 
_symmetry.entry_id                         2GMK 
_symmetry.pdbx_full_space_group_name_H-M   ? 
_symmetry.cell_setting                     ? 
_symmetry.space_group_name_Hall            ? 
# 
_exptl.crystals_number   1 
_exptl.method            'X-RAY DIFFRACTION' 
_exptl.entry_id          2GMK 
# 
_exptl_crystal.id                    1 
_exptl_crystal.density_meas          ? 
_exptl_crystal.density_Matthews      2.12 
_exptl_crystal.density_percent_sol   41.88 
_exptl_crystal.description           ? 
_exptl_crystal.F_000                 ? 
_exptl_crystal.preparation           ? 
# 
_exptl_crystal_grow.crystal_id      1 
_exptl_crystal_grow.method          'VAPOR DIFFUSION, HANGING DROP' 
_exptl_crystal_grow.pH              6.5 
_exptl_crystal_grow.temp            293 
_exptl_crystal_grow.pdbx_details    
;PROTEIN SOLUTION (21.4 MG/ML PROTEIN) MIXED   
IN A 1:1 RATIO WITH THE  
WELL SOLUTION (30.6% MEPEG 2K, 0.050 M AMP, 0.090 M BisTris pH 6.5) Crystals cryo-protected with the well solution   
supplemented with 5% ethylene glycol, vapor diffusion, hanging drop, temperature 293K, VAPOR DIFFUSION, HANGING DROP
;
_exptl_crystal_grow.temp_details    ? 
_exptl_crystal_grow.pdbx_pH_range   . 
# 
_diffrn.id                     1 
_diffrn.ambient_temp           100 
_diffrn.ambient_temp_details   ? 
_diffrn.crystal_id             1 
# 
_diffrn_detector.diffrn_id              1 
_diffrn_detector.detector               CCD 
_diffrn_detector.type                   'BRUKER PROTEUM-R' 
_diffrn_detector.pdbx_collection_date   2006-01-27 
_diffrn_detector.details                'MONTEL OPTICS' 
# 
_diffrn_radiation.diffrn_id                        1 
_diffrn_radiation.pdbx_diffrn_protocol             'SINGLE WAVELENGTH' 
_diffrn_radiation.monochromator                    'Graded Multilayer' 
_diffrn_radiation.wavelength_id                    1 
_diffrn_radiation.pdbx_monochromatic_or_laue_m_l   ? 
_diffrn_radiation.pdbx_scattering_type             x-ray 
# 
_diffrn_radiation_wavelength.id           1 
_diffrn_radiation_wavelength.wavelength   1.5418 
_diffrn_radiation_wavelength.wt           1.0 
# 
_diffrn_source.diffrn_id                   1 
_diffrn_source.source                      'ROTATING ANODE' 
_diffrn_source.type                        'BRUKER AXS MICROSTAR' 
_diffrn_source.pdbx_wavelength_list        1.5418 
_diffrn_source.pdbx_wavelength             ? 
_diffrn_source.pdbx_synchrotron_site       ? 
_diffrn_source.pdbx_synchrotron_beamline   ? 
# 
_reflns.entry_id                     2GMK 
_reflns.d_resolution_low             66.142 
_reflns.d_resolution_high            1.65 
_reflns.number_obs                   12645 
_reflns.percent_possible_obs         99.9 
_reflns.pdbx_Rmerge_I_obs            0.0542 
_reflns.pdbx_chi_squared             ? 
_reflns.pdbx_redundancy              26.59 
_reflns.pdbx_scaling_rejects         ? 
_reflns.pdbx_netI_over_sigmaI        40.66 
_reflns.pdbx_Rsym_value              ? 
_reflns.observed_criterion_sigma_F   ? 
_reflns.observed_criterion_sigma_I   ? 
_reflns.number_all                   ? 
_reflns.B_iso_Wilson_estimate        ? 
_reflns.R_free_details               ? 
_reflns.limit_h_max                  ? 
_reflns.limit_h_min                  ? 
_reflns.limit_k_max                  ? 
_reflns.limit_k_min                  ? 
_reflns.limit_l_max                  ? 
_reflns.limit_l_min                  ? 
_reflns.observed_criterion_F_max     ? 
_reflns.observed_criterion_F_min     ? 
_reflns.pdbx_diffrn_id               1 
_reflns.pdbx_ordinal                 1 
# 
loop_
_reflns_shell.d_res_low 
_reflns_shell.d_res_high 
_reflns_shell.number_unique_all 
_reflns_shell.percent_possible_all 
_reflns_shell.Rmerge_I_obs 
_reflns_shell.pdbx_chi_squared 
_reflns_shell.pdbx_redundancy 
_reflns_shell.number_unique_obs 
_reflns_shell.meanI_over_sigI_obs 
_reflns_shell.pdbx_Rsym_value 
_reflns_shell.percent_possible_obs 
_reflns_shell.number_measured_all 
_reflns_shell.number_measured_obs 
_reflns_shell.pdbx_diffrn_id 
_reflns_shell.pdbx_ordinal 
1.7    1.65 1046 99.6  0.6625 ? 5.07  ? 3.32   ? ? ? ? ? 1  
1.75   1.7  927  100.0 0.506  ? 8.7   ? 5.41   ? ? ? ? ? 2  
1.8    1.75 856  100.0 0.3799 ? 11.97 ? 8.09   ? ? ? ? ? 3  
1.85   1.8  742  99.7  0.3011 ? 13.61 ? 10.04  ? ? ? ? ? 4  
1.9    1.85 684  100.0 0.2289 ? 14.14 ? 11.94  ? ? ? ? ? 5  
2.0    1.9  1165 100.0 0.1526 ? 14.92 ? 16.36  ? ? ? ? ? 6  
2.1    2.0  950  100.0 0.1179 ? 16.6  ? 21.75  ? ? ? ? ? 7  
2.2    2.1  797  100.0 0.1052 ? 18.87 ? 25.79  ? ? ? ? ? 8  
2.3    2.2  655  100.0 0.107  ? 21.84 ? 29.6   ? ? ? ? ? 9  
2.45   2.3  808  100.0 0.0857 ? 26.62 ? 39.65  ? ? ? ? ? 10 
2.6    2.45 636  99.8  0.0761 ? 32.13 ? 48.43  ? ? ? ? ? 11 
2.8    2.6  643  100.0 0.0627 ? 38.67 ? 60.9   ? ? ? ? ? 12 
3.1    2.8  694  100.0 0.0539 ? 50.52 ? 80.79  ? ? ? ? ? 13 
3.6    3.1  706  100.0 0.0472 ? 60.39 ? 107.82 ? ? ? ? ? 14 
4.65   3.6  691  100.0 0.0394 ? 64.54 ? 127.75 ? ? ? ? ? 15 
66.142 4.65 645  99.1  0.0426 ? 63.76 ? 125.63 ? ? ? ? ? 16 
# 
_refine.details                                  'HYDROGENS HAVE BEEN ADDED IN THE RIDING POSITIONS' 
_refine.B_iso_mean                               19.346 
_refine.aniso_B[1][1]                            -0.717 
_refine.aniso_B[2][2]                            -0.534 
_refine.aniso_B[3][3]                            1.250 
_refine.aniso_B[1][2]                            0.000 
_refine.aniso_B[1][3]                            0.000 
_refine.aniso_B[2][3]                            0.000 
_refine.solvent_model_details                    'BABINET MODEL PLUS MASK' 
_refine.pdbx_solvent_vdw_probe_radii             1.200 
_refine.pdbx_solvent_ion_probe_radii             0.800 
_refine.pdbx_solvent_shrinkage_radii             0.800 
_refine.ls_d_res_high                            1.650 
_refine.ls_d_res_low                             40.927 
_refine.ls_number_reflns_R_free                  612 
_refine.ls_number_reflns_obs                     12597 
_refine.ls_R_factor_R_work                       0.1653 
_refine.ls_R_factor_R_free                       0.2173 
_refine.ls_R_factor_all                          0.168 
_refine.ls_wR_factor_R_work                      0.159 
_refine.ls_wR_factor_R_free                      0.199 
_refine.ls_percent_reflns_obs                    99.889 
_refine.ls_percent_reflns_R_free                 4.858 
_refine.correlation_coeff_Fo_to_Fc               0.963 
_refine.correlation_coeff_Fo_to_Fc_free          0.937 
_refine.pdbx_overall_ESU_R                       0.109 
_refine.pdbx_overall_ESU_R_Free                  0.113 
_refine.overall_SU_ML                            0.068 
_refine.overall_SU_B                             1.973 
_refine.entry_id                                 2GMK 
_refine.pdbx_ls_sigma_F                          ? 
_refine.pdbx_ls_sigma_I                          ? 
_refine.ls_number_reflns_all                     ? 
_refine.ls_R_factor_obs                          ? 
_refine.ls_redundancy_reflns_obs                 ? 
_refine.pdbx_data_cutoff_high_absF               ? 
_refine.pdbx_data_cutoff_low_absF                ? 
_refine.ls_number_parameters                     ? 
_refine.ls_number_restraints                     ? 
_refine.ls_R_factor_R_free_error                 ? 
_refine.ls_R_factor_R_free_error_details         ? 
_refine.pdbx_method_to_determine_struct          'MOLECULAR REPLACEMENT' 
_refine.pdbx_starting_model                      'pdb entry 1onc' 
_refine.pdbx_ls_cross_valid_method               THROUGHOUT 
_refine.pdbx_R_Free_selection_details            RANDOM 
_refine.pdbx_stereochem_target_val_spec_case     ? 
_refine.pdbx_stereochemistry_target_values       ? 
_refine.solvent_model_param_bsol                 ? 
_refine.solvent_model_param_ksol                 ? 
_refine.occupancy_max                            ? 
_refine.occupancy_min                            ? 
_refine.pdbx_isotropic_thermal_model             ? 
_refine.B_iso_min                                ? 
_refine.B_iso_max                                ? 
_refine.overall_SU_R_Cruickshank_DPI             ? 
_refine.overall_SU_R_free                        ? 
_refine.pdbx_data_cutoff_high_rms_absF           ? 
_refine.overall_FOM_free_R_set                   ? 
_refine.overall_FOM_work_R_set                   ? 
_refine.pdbx_overall_phase_error                 ? 
_refine.pdbx_refine_id                           'X-RAY DIFFRACTION' 
_refine.pdbx_diffrn_id                           1 
_refine.pdbx_TLS_residual_ADP_flag               ? 
_refine.pdbx_overall_SU_R_free_Cruickshank_DPI   ? 
_refine.pdbx_overall_SU_R_Blow_DPI               ? 
_refine.pdbx_overall_SU_R_free_Blow_DPI          ? 
# 
_refine_hist.pdbx_refine_id                   'X-RAY DIFFRACTION' 
_refine_hist.cycle_id                         LAST 
_refine_hist.pdbx_number_atoms_protein        859 
_refine_hist.pdbx_number_atoms_nucleic_acid   0 
_refine_hist.pdbx_number_atoms_ligand         92 
_refine_hist.number_atoms_solvent             196 
_refine_hist.number_atoms_total               1147 
_refine_hist.d_res_high                       1.650 
_refine_hist.d_res_low                        40.927 
# 
loop_
_refine_ls_restr.type 
_refine_ls_restr.number 
_refine_ls_restr.dev_ideal 
_refine_ls_restr.dev_ideal_target 
_refine_ls_restr.weight 
_refine_ls_restr.pdbx_refine_id 
_refine_ls_restr.pdbx_restraint_function 
r_bond_refined_d         987  0.010  0.022  ? 'X-RAY DIFFRACTION' ? 
r_angle_refined_deg      1361 1.718  2.064  ? 'X-RAY DIFFRACTION' ? 
r_dihedral_angle_1_deg   115  6.904  5.000  ? 'X-RAY DIFFRACTION' ? 
r_dihedral_angle_2_deg   39   36.399 24.615 ? 'X-RAY DIFFRACTION' ? 
r_dihedral_angle_3_deg   166  12.735 15.000 ? 'X-RAY DIFFRACTION' ? 
r_dihedral_angle_4_deg   4    3.664  15.000 ? 'X-RAY DIFFRACTION' ? 
r_chiral_restr           151  0.104  0.200  ? 'X-RAY DIFFRACTION' ? 
r_gen_planes_refined     706  0.005  0.020  ? 'X-RAY DIFFRACTION' ? 
r_nbd_refined            446  0.198  0.200  ? 'X-RAY DIFFRACTION' ? 
r_nbtor_refined          678  0.301  0.200  ? 'X-RAY DIFFRACTION' ? 
r_xyhbond_nbd_refined    154  0.124  0.200  ? 'X-RAY DIFFRACTION' ? 
r_symmetry_vdw_refined   41   0.180  0.200  ? 'X-RAY DIFFRACTION' ? 
r_symmetry_hbond_refined 40   0.114  0.200  ? 'X-RAY DIFFRACTION' ? 
r_mcbond_it              549  1.064  2.000  ? 'X-RAY DIFFRACTION' ? 
r_mcangle_it             892  1.924  4.000  ? 'X-RAY DIFFRACTION' ? 
r_scbond_it              513  3.193  6.000  ? 'X-RAY DIFFRACTION' ? 
r_scangle_it             463  4.723  8.000  ? 'X-RAY DIFFRACTION' ? 
# 
loop_
_refine_ls_shell.pdbx_total_number_of_bins_used 
_refine_ls_shell.d_res_low 
_refine_ls_shell.d_res_high 
_refine_ls_shell.number_reflns_all 
_refine_ls_shell.percent_reflns_obs 
_refine_ls_shell.number_reflns_R_work 
_refine_ls_shell.R_factor_R_work 
_refine_ls_shell.R_factor_all 
_refine_ls_shell.number_reflns_R_free 
_refine_ls_shell.R_factor_R_free 
_refine_ls_shell.number_reflns_obs 
_refine_ls_shell.R_factor_R_free_error 
_refine_ls_shell.percent_reflns_R_free 
_refine_ls_shell.redundancy_reflns_obs 
_refine_ls_shell.pdbx_refine_id 
20 1.693  1.650 919 99.456  857 0.222 0.228 57 0.316 . . . . 'X-RAY DIFFRACTION' 
20 1.739  1.693 875 100.000 834 0.204 0.209 41 0.305 . . . . 'X-RAY DIFFRACTION' 
20 1.789  1.739 864 100.000 824 0.189 0.193 40 0.31  . . . . 'X-RAY DIFFRACTION' 
20 1.844  1.789 831 99.759  789 0.195 0.197 40 0.235 . . . . 'X-RAY DIFFRACTION' 
20 1.905  1.844 820 100.000 767 0.177 0.181 53 0.233 . . . . 'X-RAY DIFFRACTION' 
20 1.971  1.905 789 100.000 762 0.166 0.169 27 0.239 . . . . 'X-RAY DIFFRACTION' 
20 2.046  1.971 777 100.000 734 0.16  0.166 43 0.281 . . . . 'X-RAY DIFFRACTION' 
20 2.129  2.046 738 100.000 702 0.161 0.162 36 0.18  . . . . 'X-RAY DIFFRACTION' 
20 2.223  2.129 722 100.000 695 0.165 0.168 27 0.261 . . . . 'X-RAY DIFFRACTION' 
20 2.332  2.223 665 100.000 636 0.161 0.162 29 0.179 . . . . 'X-RAY DIFFRACTION' 
20 2.457  2.332 651 100.000 616 0.166 0.167 35 0.2   . . . . 'X-RAY DIFFRACTION' 
20 2.606  2.457 632 99.842  600 0.169 0.172 31 0.217 . . . . 'X-RAY DIFFRACTION' 
20 2.785  2.606 570 100.000 545 0.171 0.175 25 0.252 . . . . 'X-RAY DIFFRACTION' 
20 3.007  2.785 553 100.000 529 0.161 0.163 24 0.203 . . . . 'X-RAY DIFFRACTION' 
20 3.292  3.007 505 100.000 472 0.147 0.149 33 0.174 . . . . 'X-RAY DIFFRACTION' 
20 3.678  3.292 465 100.000 449 0.136 0.137 16 0.196 . . . . 'X-RAY DIFFRACTION' 
20 4.241  3.678 413 100.000 397 0.128 0.130 16 0.198 . . . . 'X-RAY DIFFRACTION' 
20 5.180  4.241 354 100.000 337 0.144 0.143 17 0.139 . . . . 'X-RAY DIFFRACTION' 
20 7.268  5.180 293 100.000 282 0.187 0.188 11 0.206 . . . . 'X-RAY DIFFRACTION' 
20 40.927 7.268 175 96.571  158 0.275 0.276 11 0.297 . . . . 'X-RAY DIFFRACTION' 
# 
_struct.entry_id                  2GMK 
_struct.title                     'Crystal structure of onconase double mutant with spontaneously-assembled (AMP) 4 stack' 
_struct.pdbx_model_details        ? 
_struct.pdbx_CASP_flag            ? 
_struct.pdbx_model_type_details   ? 
# 
_struct_keywords.text            
;Onconase, P-30 protein, ribonuclease, anti-tumor, Protein Structure Initiative, PSI, Center for Eukaryotic Structural Genomics, CESG, HYDROLASE
;
_struct_keywords.entry_id        2GMK 
_struct_keywords.pdbx_keywords   HYDROLASE 
# 
loop_
_struct_asym.id 
_struct_asym.pdbx_blank_PDB_chainid_flag 
_struct_asym.pdbx_modified 
_struct_asym.entity_id 
_struct_asym.details 
A N N 1 ? 
B N N 2 ? 
C N N 2 ? 
D N N 2 ? 
E N N 2 ? 
F N N 3 ? 
# 
_struct_ref.id                         1 
_struct_ref.db_name                    UNP 
_struct_ref.db_code                    RNP30_RANPI 
_struct_ref.pdbx_db_accession          P22069 
_struct_ref.entity_id                  1 
_struct_ref.pdbx_align_begin           1 
_struct_ref.pdbx_seq_one_letter_code   ? 
_struct_ref.pdbx_db_isoform            ? 
# 
_struct_ref_seq.align_id                      1 
_struct_ref_seq.ref_id                        1 
_struct_ref_seq.pdbx_PDB_id_code              2GMK 
_struct_ref_seq.pdbx_strand_id                A 
_struct_ref_seq.seq_align_beg                 1 
_struct_ref_seq.pdbx_seq_align_beg_ins_code   ? 
_struct_ref_seq.seq_align_end                 104 
_struct_ref_seq.pdbx_seq_align_end_ins_code   ? 
_struct_ref_seq.pdbx_db_accession             P22069 
_struct_ref_seq.db_align_beg                  1 
_struct_ref_seq.pdbx_db_align_beg_ins_code    ? 
_struct_ref_seq.db_align_end                  104 
_struct_ref_seq.pdbx_db_align_end_ins_code    ? 
_struct_ref_seq.pdbx_auth_seq_align_beg       1 
_struct_ref_seq.pdbx_auth_seq_align_end       104 
# 
loop_
_struct_ref_seq_dif.align_id 
_struct_ref_seq_dif.pdbx_pdb_id_code 
_struct_ref_seq_dif.mon_id 
_struct_ref_seq_dif.pdbx_pdb_strand_id 
_struct_ref_seq_dif.seq_num 
_struct_ref_seq_dif.pdbx_pdb_ins_code 
_struct_ref_seq_dif.pdbx_seq_db_name 
_struct_ref_seq_dif.pdbx_seq_db_accession_code 
_struct_ref_seq_dif.db_mon_id 
_struct_ref_seq_dif.pdbx_seq_db_seq_num 
_struct_ref_seq_dif.details 
_struct_ref_seq_dif.pdbx_auth_seq_num 
_struct_ref_seq_dif.pdbx_ordinal 
1 2GMK ASN A 89 ? UNP P22069 THR 89 'engineered mutation' 89 1 
1 2GMK ALA A 91 ? UNP P22069 GLU 91 'engineered mutation' 91 2 
# 
_pdbx_struct_assembly.id                   1 
_pdbx_struct_assembly.details              author_defined_assembly 
_pdbx_struct_assembly.method_details       ? 
_pdbx_struct_assembly.oligomeric_details   monomeric 
_pdbx_struct_assembly.oligomeric_count     1 
# 
_pdbx_struct_assembly_gen.assembly_id       1 
_pdbx_struct_assembly_gen.oper_expression   1 
_pdbx_struct_assembly_gen.asym_id_list      A,B,C,D,E,F 
# 
_pdbx_struct_oper_list.id                   1 
_pdbx_struct_oper_list.type                 'identity operation' 
_pdbx_struct_oper_list.name                 1_555 
_pdbx_struct_oper_list.symmetry_operation   x,y,z 
_pdbx_struct_oper_list.matrix[1][1]         1.0000000000 
_pdbx_struct_oper_list.matrix[1][2]         0.0000000000 
_pdbx_struct_oper_list.matrix[1][3]         0.0000000000 
_pdbx_struct_oper_list.vector[1]            0.0000000000 
_pdbx_struct_oper_list.matrix[2][1]         0.0000000000 
_pdbx_struct_oper_list.matrix[2][2]         1.0000000000 
_pdbx_struct_oper_list.matrix[2][3]         0.0000000000 
_pdbx_struct_oper_list.vector[2]            0.0000000000 
_pdbx_struct_oper_list.matrix[3][1]         0.0000000000 
_pdbx_struct_oper_list.matrix[3][2]         0.0000000000 
_pdbx_struct_oper_list.matrix[3][3]         1.0000000000 
_pdbx_struct_oper_list.vector[3]            0.0000000000 
# 
loop_
_struct_conf.conf_type_id 
_struct_conf.id 
_struct_conf.pdbx_PDB_helix_id 
_struct_conf.beg_label_comp_id 
_struct_conf.beg_label_asym_id 
_struct_conf.beg_label_seq_id 
_struct_conf.pdbx_beg_PDB_ins_code 
_struct_conf.end_label_comp_id 
_struct_conf.end_label_asym_id 
_struct_conf.end_label_seq_id 
_struct_conf.pdbx_end_PDB_ins_code 
_struct_conf.beg_auth_comp_id 
_struct_conf.beg_auth_asym_id 
_struct_conf.beg_auth_seq_id 
_struct_conf.end_auth_comp_id 
_struct_conf.end_auth_asym_id 
_struct_conf.end_auth_seq_id 
_struct_conf.pdbx_PDB_helix_class 
_struct_conf.details 
_struct_conf.pdbx_PDB_helix_length 
HELX_P HELX_P1 1 ASP A 2  ? HIS A 10 ? ASP A 2  HIS A 10 1 ? 9 
HELX_P HELX_P2 2 ASP A 18 ? MET A 23 ? ASP A 18 MET A 23 1 ? 6 
HELX_P HELX_P3 3 ARG A 40 ? ALA A 46 ? ARG A 40 ALA A 46 1 ? 7 
HELX_P HELX_P4 4 ILE A 47 ? LYS A 49 ? ILE A 47 LYS A 49 5 ? 3 
# 
_struct_conf_type.id          HELX_P 
_struct_conf_type.criteria    ? 
_struct_conf_type.reference   ? 
# 
loop_
_struct_conn.id 
_struct_conn.conn_type_id 
_struct_conn.pdbx_leaving_atom_flag 
_struct_conn.pdbx_PDB_id 
_struct_conn.ptnr1_label_asym_id 
_struct_conn.ptnr1_label_comp_id 
_struct_conn.ptnr1_label_seq_id 
_struct_conn.ptnr1_label_atom_id 
_struct_conn.pdbx_ptnr1_label_alt_id 
_struct_conn.pdbx_ptnr1_PDB_ins_code 
_struct_conn.pdbx_ptnr1_standard_comp_id 
_struct_conn.ptnr1_symmetry 
_struct_conn.ptnr2_label_asym_id 
_struct_conn.ptnr2_label_comp_id 
_struct_conn.ptnr2_label_seq_id 
_struct_conn.ptnr2_label_atom_id 
_struct_conn.pdbx_ptnr2_label_alt_id 
_struct_conn.pdbx_ptnr2_PDB_ins_code 
_struct_conn.ptnr1_auth_asym_id 
_struct_conn.ptnr1_auth_comp_id 
_struct_conn.ptnr1_auth_seq_id 
_struct_conn.ptnr2_auth_asym_id 
_struct_conn.ptnr2_auth_comp_id 
_struct_conn.ptnr2_auth_seq_id 
_struct_conn.ptnr2_symmetry 
_struct_conn.pdbx_ptnr3_label_atom_id 
_struct_conn.pdbx_ptnr3_label_seq_id 
_struct_conn.pdbx_ptnr3_label_comp_id 
_struct_conn.pdbx_ptnr3_label_asym_id 
_struct_conn.pdbx_ptnr3_label_alt_id 
_struct_conn.pdbx_ptnr3_PDB_ins_code 
_struct_conn.details 
_struct_conn.pdbx_dist_value 
_struct_conn.pdbx_value_order 
_struct_conn.pdbx_role 
disulf1 disulf ?    ? A CYS 19 SG ? ? ? 1_555 A CYS 68  SG ? ? A CYS 19 A CYS 68  1_555 ? ? ? ? ? ? ? 2.068 ? ? 
disulf2 disulf ?    ? A CYS 30 SG ? ? ? 1_555 A CYS 75  SG ? ? A CYS 30 A CYS 75  1_555 ? ? ? ? ? ? ? 2.040 ? ? 
disulf3 disulf ?    ? A CYS 48 SG ? ? ? 1_555 A CYS 90  SG ? ? A CYS 48 A CYS 90  1_555 ? ? ? ? ? ? ? 2.044 ? ? 
disulf4 disulf ?    ? A CYS 87 SG ? ? ? 1_555 A CYS 104 SG ? ? A CYS 87 A CYS 104 1_555 ? ? ? ? ? ? ? 2.051 ? ? 
covale1 covale both ? A PCA 1  C  ? ? ? 1_555 A ASP 2   N  ? ? A PCA 1  A ASP 2   1_555 ? ? ? ? ? ? ? 1.331 ? ? 
# 
loop_
_struct_conn_type.id 
_struct_conn_type.criteria 
_struct_conn_type.reference 
disulf ? ? 
covale ? ? 
# 
loop_
_pdbx_modification_feature.ordinal 
_pdbx_modification_feature.label_comp_id 
_pdbx_modification_feature.label_asym_id 
_pdbx_modification_feature.label_seq_id 
_pdbx_modification_feature.label_alt_id 
_pdbx_modification_feature.modified_residue_label_comp_id 
_pdbx_modification_feature.modified_residue_label_asym_id 
_pdbx_modification_feature.modified_residue_label_seq_id 
_pdbx_modification_feature.modified_residue_label_alt_id 
_pdbx_modification_feature.auth_comp_id 
_pdbx_modification_feature.auth_asym_id 
_pdbx_modification_feature.auth_seq_id 
_pdbx_modification_feature.PDB_ins_code 
_pdbx_modification_feature.symmetry 
_pdbx_modification_feature.modified_residue_auth_comp_id 
_pdbx_modification_feature.modified_residue_auth_asym_id 
_pdbx_modification_feature.modified_residue_auth_seq_id 
_pdbx_modification_feature.modified_residue_PDB_ins_code 
_pdbx_modification_feature.modified_residue_symmetry 
_pdbx_modification_feature.comp_id_linking_atom 
_pdbx_modification_feature.modified_residue_id_linking_atom 
_pdbx_modification_feature.modified_residue_id 
_pdbx_modification_feature.ref_pcm_id 
_pdbx_modification_feature.ref_comp_id 
_pdbx_modification_feature.type 
_pdbx_modification_feature.category 
1 PCA A 1  ? .   . .   . PCA A 1  ? 1_555 .   . .   . .     .  .  GLN 1 PCA 'Pyrrolidone carboxylic acid' 
'Named protein modification' 
2 CYS A 19 ? CYS A 68  ? CYS A 19 ? 1_555 CYS A 68  ? 1_555 SG SG .   . .   None                          'Disulfide bridge' 
3 CYS A 30 ? CYS A 75  ? CYS A 30 ? 1_555 CYS A 75  ? 1_555 SG SG .   . .   None                          'Disulfide bridge' 
4 CYS A 48 ? CYS A 90  ? CYS A 48 ? 1_555 CYS A 90  ? 1_555 SG SG .   . .   None                          'Disulfide bridge' 
5 CYS A 87 ? CYS A 104 ? CYS A 87 ? 1_555 CYS A 104 ? 1_555 SG SG .   . .   None                          'Disulfide bridge' 
# 
loop_
_struct_sheet.id 
_struct_sheet.type 
_struct_sheet.number_strands 
_struct_sheet.details 
A ? 4 ? 
B ? 3 ? 
# 
loop_
_struct_sheet_order.sheet_id 
_struct_sheet_order.range_id_1 
_struct_sheet_order.range_id_2 
_struct_sheet_order.offset 
_struct_sheet_order.sense 
A 1 2 ? parallel      
A 2 3 ? anti-parallel 
A 3 4 ? anti-parallel 
B 1 2 ? anti-parallel 
B 2 3 ? anti-parallel 
# 
loop_
_struct_sheet_range.sheet_id 
_struct_sheet_range.id 
_struct_sheet_range.beg_label_comp_id 
_struct_sheet_range.beg_label_asym_id 
_struct_sheet_range.beg_label_seq_id 
_struct_sheet_range.pdbx_beg_PDB_ins_code 
_struct_sheet_range.end_label_comp_id 
_struct_sheet_range.end_label_asym_id 
_struct_sheet_range.end_label_seq_id 
_struct_sheet_range.pdbx_end_PDB_ins_code 
_struct_sheet_range.beg_auth_comp_id 
_struct_sheet_range.beg_auth_asym_id 
_struct_sheet_range.beg_auth_seq_id 
_struct_sheet_range.end_auth_comp_id 
_struct_sheet_range.end_auth_asym_id 
_struct_sheet_range.end_auth_seq_id 
A 1 ILE A 11 ? THR A 12  ? ILE A 11 THR A 12  
A 2 LYS A 33 ? TYR A 38  ? LYS A 33 TYR A 38  
A 3 PHE A 63 ? VAL A 70  ? PHE A 63 VAL A 70  
A 4 TYR A 77 ? ASN A 84  ? TYR A 77 ASN A 84  
B 1 LYS A 55 ? LEU A 58  ? LYS A 55 LEU A 58  
B 2 PHE A 86 ? ALA A 91  ? PHE A 86 ALA A 91  
B 3 ALA A 94 ? VAL A 101 ? ALA A 94 VAL A 101 
# 
loop_
_pdbx_struct_sheet_hbond.sheet_id 
_pdbx_struct_sheet_hbond.range_id_1 
_pdbx_struct_sheet_hbond.range_id_2 
_pdbx_struct_sheet_hbond.range_1_label_atom_id 
_pdbx_struct_sheet_hbond.range_1_label_comp_id 
_pdbx_struct_sheet_hbond.range_1_label_asym_id 
_pdbx_struct_sheet_hbond.range_1_label_seq_id 
_pdbx_struct_sheet_hbond.range_1_PDB_ins_code 
_pdbx_struct_sheet_hbond.range_1_auth_atom_id 
_pdbx_struct_sheet_hbond.range_1_auth_comp_id 
_pdbx_struct_sheet_hbond.range_1_auth_asym_id 
_pdbx_struct_sheet_hbond.range_1_auth_seq_id 
_pdbx_struct_sheet_hbond.range_2_label_atom_id 
_pdbx_struct_sheet_hbond.range_2_label_comp_id 
_pdbx_struct_sheet_hbond.range_2_label_asym_id 
_pdbx_struct_sheet_hbond.range_2_label_seq_id 
_pdbx_struct_sheet_hbond.range_2_PDB_ins_code 
_pdbx_struct_sheet_hbond.range_2_auth_atom_id 
_pdbx_struct_sheet_hbond.range_2_auth_comp_id 
_pdbx_struct_sheet_hbond.range_2_auth_asym_id 
_pdbx_struct_sheet_hbond.range_2_auth_seq_id 
A 1 2 N THR A 12 ? N THR A 12 O ILE A 37 ? O ILE A 37 
A 2 3 N PHE A 36 ? N PHE A 36 O SER A 66 ? O SER A 66 
A 3 4 N LEU A 65 ? N LEU A 65 O SER A 82 ? O SER A 82 
B 1 2 N LYS A 55 ? N LYS A 55 O CYS A 90 ? O CYS A 90 
B 2 3 N ASN A 89 ? N ASN A 89 O VAL A 96 ? O VAL A 96 
# 
loop_
_struct_site.id 
_struct_site.pdbx_evidence_code 
_struct_site.pdbx_auth_asym_id 
_struct_site.pdbx_auth_comp_id 
_struct_site.pdbx_auth_seq_id 
_struct_site.pdbx_auth_ins_code 
_struct_site.pdbx_num_residues 
_struct_site.details 
AC1 Software A AMP 940 ? 13 'BINDING SITE FOR RESIDUE AMP A 940' 
AC2 Software A AMP 941 ? 16 'BINDING SITE FOR RESIDUE AMP A 941' 
AC3 Software A AMP 942 ? 9  'BINDING SITE FOR RESIDUE AMP A 942' 
AC4 Software A AMP 943 ? 19 'BINDING SITE FOR RESIDUE AMP A 943' 
# 
loop_
_struct_site_gen.id 
_struct_site_gen.site_id 
_struct_site_gen.pdbx_num_res 
_struct_site_gen.label_comp_id 
_struct_site_gen.label_asym_id 
_struct_site_gen.label_seq_id 
_struct_site_gen.pdbx_auth_ins_code 
_struct_site_gen.auth_comp_id 
_struct_site_gen.auth_asym_id 
_struct_site_gen.auth_seq_id 
_struct_site_gen.label_atom_id 
_struct_site_gen.label_alt_id 
_struct_site_gen.symmetry 
_struct_site_gen.details 
1  AC1 13 LYS A 9  ? LYS A 9    . ? 1_555 ? 
2  AC1 13 LYS A 31 ? LYS A 31   . ? 1_555 ? 
3  AC1 13 ILE A 52 ? ILE A 52   . ? 4_445 ? 
4  AC1 13 THR A 60 ? THR A 60   . ? 1_455 ? 
5  AC1 13 SER A 61 ? SER A 61   . ? 1_455 ? 
6  AC1 13 AMP C .  ? AMP A 941  . ? 1_555 ? 
7  AC1 13 HOH F .  ? HOH A 1015 . ? 1_555 ? 
8  AC1 13 HOH F .  ? HOH A 1031 . ? 1_555 ? 
9  AC1 13 HOH F .  ? HOH A 1053 . ? 1_455 ? 
10 AC1 13 HOH F .  ? HOH A 1058 . ? 1_555 ? 
11 AC1 13 HOH F .  ? HOH A 1059 . ? 1_555 ? 
12 AC1 13 HOH F .  ? HOH A 1072 . ? 1_555 ? 
13 AC1 13 HOH F .  ? HOH A 1128 . ? 1_555 ? 
14 AC2 16 LYS A 9  ? LYS A 9    . ? 1_555 ? 
15 AC2 16 HIS A 10 ? HIS A 10   . ? 1_555 ? 
16 AC2 16 HIS A 97 ? HIS A 97   . ? 1_555 ? 
17 AC2 16 PHE A 98 ? PHE A 98   . ? 1_555 ? 
18 AC2 16 VAL A 99 ? VAL A 99   . ? 1_555 ? 
19 AC2 16 AMP B .  ? AMP A 940  . ? 1_555 ? 
20 AC2 16 AMP D .  ? AMP A 942  . ? 1_555 ? 
21 AC2 16 HOH F .  ? HOH A 966  . ? 1_555 ? 
22 AC2 16 HOH F .  ? HOH A 1029 . ? 1_555 ? 
23 AC2 16 HOH F .  ? HOH A 1047 . ? 1_555 ? 
24 AC2 16 HOH F .  ? HOH A 1051 . ? 1_555 ? 
25 AC2 16 HOH F .  ? HOH A 1060 . ? 1_555 ? 
26 AC2 16 HOH F .  ? HOH A 1072 . ? 1_555 ? 
27 AC2 16 HOH F .  ? HOH A 1074 . ? 1_555 ? 
28 AC2 16 HOH F .  ? HOH A 1089 . ? 1_555 ? 
29 AC2 16 HOH F .  ? HOH A 1099 . ? 1_555 ? 
30 AC3 9  ARG A 40 ? ARG A 40   . ? 2_455 ? 
31 AC3 9  VAL A 99 ? VAL A 99   . ? 1_555 ? 
32 AC3 9  AMP C .  ? AMP A 941  . ? 1_555 ? 
33 AC3 9  AMP E .  ? AMP A 943  . ? 1_555 ? 
34 AC3 9  HOH F .  ? HOH A 1027 . ? 1_555 ? 
35 AC3 9  HOH F .  ? HOH A 1030 . ? 1_555 ? 
36 AC3 9  HOH F .  ? HOH A 1048 . ? 1_555 ? 
37 AC3 9  HOH F .  ? HOH A 1049 . ? 1_555 ? 
38 AC3 9  HOH F .  ? HOH A 1126 . ? 1_555 ? 
39 AC4 19 ARG A 15 ? ARG A 15   . ? 4_455 ? 
40 AC4 19 TYR A 64 ? TYR A 64   . ? 4_455 ? 
41 AC4 19 SER A 72 ? SER A 72   . ? 4_555 ? 
42 AC4 19 ARG A 73 ? ARG A 73   . ? 4_555 ? 
43 AC4 19 PRO A 74 ? PRO A 74   . ? 4_555 ? 
44 AC4 19 LYS A 81 ? LYS A 81   . ? 4_455 ? 
45 AC4 19 AMP D .  ? AMP A 942  . ? 1_555 ? 
46 AC4 19 HOH F .  ? HOH A 968  . ? 4_555 ? 
47 AC4 19 HOH F .  ? HOH A 981  . ? 4_455 ? 
48 AC4 19 HOH F .  ? HOH A 982  . ? 4_555 ? 
49 AC4 19 HOH F .  ? HOH A 997  . ? 1_555 ? 
50 AC4 19 HOH F .  ? HOH A 1002 . ? 4_455 ? 
51 AC4 19 HOH F .  ? HOH A 1007 . ? 1_555 ? 
52 AC4 19 HOH F .  ? HOH A 1010 . ? 1_555 ? 
53 AC4 19 HOH F .  ? HOH A 1017 . ? 1_555 ? 
54 AC4 19 HOH F .  ? HOH A 1046 . ? 1_555 ? 
55 AC4 19 HOH F .  ? HOH A 1048 . ? 1_555 ? 
56 AC4 19 HOH F .  ? HOH A 1049 . ? 1_555 ? 
57 AC4 19 HOH F .  ? HOH A 1086 . ? 1_555 ? 
# 
_pdbx_entry_details.entry_id                   2GMK 
_pdbx_entry_details.compound_details           ? 
_pdbx_entry_details.source_details             ? 
_pdbx_entry_details.nonpolymer_details         ? 
_pdbx_entry_details.sequence_details           ? 
_pdbx_entry_details.has_ligand_of_interest     ? 
_pdbx_entry_details.has_protein_modification   Y 
# 
_pdbx_validate_torsion.id              1 
_pdbx_validate_torsion.PDB_model_num   1 
_pdbx_validate_torsion.auth_comp_id    ILE 
_pdbx_validate_torsion.auth_asym_id    A 
_pdbx_validate_torsion.auth_seq_id     52 
_pdbx_validate_torsion.PDB_ins_code    ? 
_pdbx_validate_torsion.label_alt_id    ? 
_pdbx_validate_torsion.phi             -95.47 
_pdbx_validate_torsion.psi             -71.80 
# 
_pdbx_SG_project.id                    1 
_pdbx_SG_project.project_name          'PSI, Protein Structure Initiative' 
_pdbx_SG_project.full_name_of_center   'Center for Eukaryotic Structural Genomics' 
_pdbx_SG_project.initial_of_center     CESG 
# 
_pdbx_struct_mod_residue.id               1 
_pdbx_struct_mod_residue.label_asym_id    A 
_pdbx_struct_mod_residue.label_comp_id    PCA 
_pdbx_struct_mod_residue.label_seq_id     1 
_pdbx_struct_mod_residue.auth_asym_id     A 
_pdbx_struct_mod_residue.auth_comp_id     PCA 
_pdbx_struct_mod_residue.auth_seq_id      1 
_pdbx_struct_mod_residue.PDB_ins_code     ? 
_pdbx_struct_mod_residue.parent_comp_id   GLN 
_pdbx_struct_mod_residue.details          'PYROGLUTAMIC ACID' 
# 
_pdbx_phasing_MR.entry_id                     2GMK 
_pdbx_phasing_MR.method_rotation              ? 
_pdbx_phasing_MR.method_translation           ? 
_pdbx_phasing_MR.model_details                ? 
_pdbx_phasing_MR.R_factor                     0.414 
_pdbx_phasing_MR.R_rigid_body                 ? 
_pdbx_phasing_MR.correlation_coeff_Fo_to_Fc   0.565 
_pdbx_phasing_MR.correlation_coeff_Io_to_Ic   ? 
_pdbx_phasing_MR.d_res_high_rotation          3.000 
_pdbx_phasing_MR.d_res_low_rotation           26.550 
_pdbx_phasing_MR.d_res_high_translation       3.000 
_pdbx_phasing_MR.d_res_low_translation        26.550 
_pdbx_phasing_MR.packing                      ? 
_pdbx_phasing_MR.reflns_percent_rotation      ? 
_pdbx_phasing_MR.reflns_percent_translation   ? 
_pdbx_phasing_MR.sigma_F_rotation             ? 
_pdbx_phasing_MR.sigma_F_translation          ? 
_pdbx_phasing_MR.sigma_I_rotation             ? 
_pdbx_phasing_MR.sigma_I_translation          ? 
# 
loop_
_chem_comp_atom.comp_id 
_chem_comp_atom.atom_id 
_chem_comp_atom.type_symbol 
_chem_comp_atom.pdbx_aromatic_flag 
_chem_comp_atom.pdbx_stereo_config 
_chem_comp_atom.pdbx_ordinal 
ALA N      N N N 1   
ALA CA     C N S 2   
ALA C      C N N 3   
ALA O      O N N 4   
ALA CB     C N N 5   
ALA OXT    O N N 6   
ALA H      H N N 7   
ALA H2     H N N 8   
ALA HA     H N N 9   
ALA HB1    H N N 10  
ALA HB2    H N N 11  
ALA HB3    H N N 12  
ALA HXT    H N N 13  
AMP P      P N N 14  
AMP O1P    O N N 15  
AMP O2P    O N N 16  
AMP O3P    O N N 17  
AMP "O5'"  O N N 18  
AMP "C5'"  C N N 19  
AMP "C4'"  C N R 20  
AMP "O4'"  O N N 21  
AMP "C3'"  C N S 22  
AMP "O3'"  O N N 23  
AMP "C2'"  C N R 24  
AMP "O2'"  O N N 25  
AMP "C1'"  C N R 26  
AMP N9     N Y N 27  
AMP C8     C Y N 28  
AMP N7     N Y N 29  
AMP C5     C Y N 30  
AMP C6     C Y N 31  
AMP N6     N N N 32  
AMP N1     N Y N 33  
AMP C2     C Y N 34  
AMP N3     N Y N 35  
AMP C4     C Y N 36  
AMP HOP2   H N N 37  
AMP HOP3   H N N 38  
AMP "H5'1" H N N 39  
AMP "H5'2" H N N 40  
AMP "H4'"  H N N 41  
AMP "H3'"  H N N 42  
AMP "HO3'" H N N 43  
AMP "H2'"  H N N 44  
AMP "HO2'" H N N 45  
AMP "H1'"  H N N 46  
AMP H8     H N N 47  
AMP HN61   H N N 48  
AMP HN62   H N N 49  
AMP H2     H N N 50  
ARG N      N N N 51  
ARG CA     C N S 52  
ARG C      C N N 53  
ARG O      O N N 54  
ARG CB     C N N 55  
ARG CG     C N N 56  
ARG CD     C N N 57  
ARG NE     N N N 58  
ARG CZ     C N N 59  
ARG NH1    N N N 60  
ARG NH2    N N N 61  
ARG OXT    O N N 62  
ARG H      H N N 63  
ARG H2     H N N 64  
ARG HA     H N N 65  
ARG HB2    H N N 66  
ARG HB3    H N N 67  
ARG HG2    H N N 68  
ARG HG3    H N N 69  
ARG HD2    H N N 70  
ARG HD3    H N N 71  
ARG HE     H N N 72  
ARG HH11   H N N 73  
ARG HH12   H N N 74  
ARG HH21   H N N 75  
ARG HH22   H N N 76  
ARG HXT    H N N 77  
ASN N      N N N 78  
ASN CA     C N S 79  
ASN C      C N N 80  
ASN O      O N N 81  
ASN CB     C N N 82  
ASN CG     C N N 83  
ASN OD1    O N N 84  
ASN ND2    N N N 85  
ASN OXT    O N N 86  
ASN H      H N N 87  
ASN H2     H N N 88  
ASN HA     H N N 89  
ASN HB2    H N N 90  
ASN HB3    H N N 91  
ASN HD21   H N N 92  
ASN HD22   H N N 93  
ASN HXT    H N N 94  
ASP N      N N N 95  
ASP CA     C N S 96  
ASP C      C N N 97  
ASP O      O N N 98  
ASP CB     C N N 99  
ASP CG     C N N 100 
ASP OD1    O N N 101 
ASP OD2    O N N 102 
ASP OXT    O N N 103 
ASP H      H N N 104 
ASP H2     H N N 105 
ASP HA     H N N 106 
ASP HB2    H N N 107 
ASP HB3    H N N 108 
ASP HD2    H N N 109 
ASP HXT    H N N 110 
CYS N      N N N 111 
CYS CA     C N R 112 
CYS C      C N N 113 
CYS O      O N N 114 
CYS CB     C N N 115 
CYS SG     S N N 116 
CYS OXT    O N N 117 
CYS H      H N N 118 
CYS H2     H N N 119 
CYS HA     H N N 120 
CYS HB2    H N N 121 
CYS HB3    H N N 122 
CYS HG     H N N 123 
CYS HXT    H N N 124 
GLN N      N N N 125 
GLN CA     C N S 126 
GLN C      C N N 127 
GLN O      O N N 128 
GLN CB     C N N 129 
GLN CG     C N N 130 
GLN CD     C N N 131 
GLN OE1    O N N 132 
GLN NE2    N N N 133 
GLN OXT    O N N 134 
GLN H      H N N 135 
GLN H2     H N N 136 
GLN HA     H N N 137 
GLN HB2    H N N 138 
GLN HB3    H N N 139 
GLN HG2    H N N 140 
GLN HG3    H N N 141 
GLN HE21   H N N 142 
GLN HE22   H N N 143 
GLN HXT    H N N 144 
GLU N      N N N 145 
GLU CA     C N S 146 
GLU C      C N N 147 
GLU O      O N N 148 
GLU CB     C N N 149 
GLU CG     C N N 150 
GLU CD     C N N 151 
GLU OE1    O N N 152 
GLU OE2    O N N 153 
GLU OXT    O N N 154 
GLU H      H N N 155 
GLU H2     H N N 156 
GLU HA     H N N 157 
GLU HB2    H N N 158 
GLU HB3    H N N 159 
GLU HG2    H N N 160 
GLU HG3    H N N 161 
GLU HE2    H N N 162 
GLU HXT    H N N 163 
GLY N      N N N 164 
GLY CA     C N N 165 
GLY C      C N N 166 
GLY O      O N N 167 
GLY OXT    O N N 168 
GLY H      H N N 169 
GLY H2     H N N 170 
GLY HA2    H N N 171 
GLY HA3    H N N 172 
GLY HXT    H N N 173 
HIS N      N N N 174 
HIS CA     C N S 175 
HIS C      C N N 176 
HIS O      O N N 177 
HIS CB     C N N 178 
HIS CG     C Y N 179 
HIS ND1    N Y N 180 
HIS CD2    C Y N 181 
HIS CE1    C Y N 182 
HIS NE2    N Y N 183 
HIS OXT    O N N 184 
HIS H      H N N 185 
HIS H2     H N N 186 
HIS HA     H N N 187 
HIS HB2    H N N 188 
HIS HB3    H N N 189 
HIS HD1    H N N 190 
HIS HD2    H N N 191 
HIS HE1    H N N 192 
HIS HE2    H N N 193 
HIS HXT    H N N 194 
HOH O      O N N 195 
HOH H1     H N N 196 
HOH H2     H N N 197 
ILE N      N N N 198 
ILE CA     C N S 199 
ILE C      C N N 200 
ILE O      O N N 201 
ILE CB     C N S 202 
ILE CG1    C N N 203 
ILE CG2    C N N 204 
ILE CD1    C N N 205 
ILE OXT    O N N 206 
ILE H      H N N 207 
ILE H2     H N N 208 
ILE HA     H N N 209 
ILE HB     H N N 210 
ILE HG12   H N N 211 
ILE HG13   H N N 212 
ILE HG21   H N N 213 
ILE HG22   H N N 214 
ILE HG23   H N N 215 
ILE HD11   H N N 216 
ILE HD12   H N N 217 
ILE HD13   H N N 218 
ILE HXT    H N N 219 
LEU N      N N N 220 
LEU CA     C N S 221 
LEU C      C N N 222 
LEU O      O N N 223 
LEU CB     C N N 224 
LEU CG     C N N 225 
LEU CD1    C N N 226 
LEU CD2    C N N 227 
LEU OXT    O N N 228 
LEU H      H N N 229 
LEU H2     H N N 230 
LEU HA     H N N 231 
LEU HB2    H N N 232 
LEU HB3    H N N 233 
LEU HG     H N N 234 
LEU HD11   H N N 235 
LEU HD12   H N N 236 
LEU HD13   H N N 237 
LEU HD21   H N N 238 
LEU HD22   H N N 239 
LEU HD23   H N N 240 
LEU HXT    H N N 241 
LYS N      N N N 242 
LYS CA     C N S 243 
LYS C      C N N 244 
LYS O      O N N 245 
LYS CB     C N N 246 
LYS CG     C N N 247 
LYS CD     C N N 248 
LYS CE     C N N 249 
LYS NZ     N N N 250 
LYS OXT    O N N 251 
LYS H      H N N 252 
LYS H2     H N N 253 
LYS HA     H N N 254 
LYS HB2    H N N 255 
LYS HB3    H N N 256 
LYS HG2    H N N 257 
LYS HG3    H N N 258 
LYS HD2    H N N 259 
LYS HD3    H N N 260 
LYS HE2    H N N 261 
LYS HE3    H N N 262 
LYS HZ1    H N N 263 
LYS HZ2    H N N 264 
LYS HZ3    H N N 265 
LYS HXT    H N N 266 
MET N      N N N 267 
MET CA     C N S 268 
MET C      C N N 269 
MET O      O N N 270 
MET CB     C N N 271 
MET CG     C N N 272 
MET SD     S N N 273 
MET CE     C N N 274 
MET OXT    O N N 275 
MET H      H N N 276 
MET H2     H N N 277 
MET HA     H N N 278 
MET HB2    H N N 279 
MET HB3    H N N 280 
MET HG2    H N N 281 
MET HG3    H N N 282 
MET HE1    H N N 283 
MET HE2    H N N 284 
MET HE3    H N N 285 
MET HXT    H N N 286 
PCA N      N N N 287 
PCA CA     C N S 288 
PCA CB     C N N 289 
PCA CG     C N N 290 
PCA CD     C N N 291 
PCA OE     O N N 292 
PCA C      C N N 293 
PCA O      O N N 294 
PCA OXT    O N N 295 
PCA H      H N N 296 
PCA HA     H N N 297 
PCA HB2    H N N 298 
PCA HB3    H N N 299 
PCA HG2    H N N 300 
PCA HG3    H N N 301 
PCA HXT    H N N 302 
PHE N      N N N 303 
PHE CA     C N S 304 
PHE C      C N N 305 
PHE O      O N N 306 
PHE CB     C N N 307 
PHE CG     C Y N 308 
PHE CD1    C Y N 309 
PHE CD2    C Y N 310 
PHE CE1    C Y N 311 
PHE CE2    C Y N 312 
PHE CZ     C Y N 313 
PHE OXT    O N N 314 
PHE H      H N N 315 
PHE H2     H N N 316 
PHE HA     H N N 317 
PHE HB2    H N N 318 
PHE HB3    H N N 319 
PHE HD1    H N N 320 
PHE HD2    H N N 321 
PHE HE1    H N N 322 
PHE HE2    H N N 323 
PHE HZ     H N N 324 
PHE HXT    H N N 325 
PRO N      N N N 326 
PRO CA     C N S 327 
PRO C      C N N 328 
PRO O      O N N 329 
PRO CB     C N N 330 
PRO CG     C N N 331 
PRO CD     C N N 332 
PRO OXT    O N N 333 
PRO H      H N N 334 
PRO HA     H N N 335 
PRO HB2    H N N 336 
PRO HB3    H N N 337 
PRO HG2    H N N 338 
PRO HG3    H N N 339 
PRO HD2    H N N 340 
PRO HD3    H N N 341 
PRO HXT    H N N 342 
SER N      N N N 343 
SER CA     C N S 344 
SER C      C N N 345 
SER O      O N N 346 
SER CB     C N N 347 
SER OG     O N N 348 
SER OXT    O N N 349 
SER H      H N N 350 
SER H2     H N N 351 
SER HA     H N N 352 
SER HB2    H N N 353 
SER HB3    H N N 354 
SER HG     H N N 355 
SER HXT    H N N 356 
THR N      N N N 357 
THR CA     C N S 358 
THR C      C N N 359 
THR O      O N N 360 
THR CB     C N R 361 
THR OG1    O N N 362 
THR CG2    C N N 363 
THR OXT    O N N 364 
THR H      H N N 365 
THR H2     H N N 366 
THR HA     H N N 367 
THR HB     H N N 368 
THR HG1    H N N 369 
THR HG21   H N N 370 
THR HG22   H N N 371 
THR HG23   H N N 372 
THR HXT    H N N 373 
TRP N      N N N 374 
TRP CA     C N S 375 
TRP C      C N N 376 
TRP O      O N N 377 
TRP CB     C N N 378 
TRP CG     C Y N 379 
TRP CD1    C Y N 380 
TRP CD2    C Y N 381 
TRP NE1    N Y N 382 
TRP CE2    C Y N 383 
TRP CE3    C Y N 384 
TRP CZ2    C Y N 385 
TRP CZ3    C Y N 386 
TRP CH2    C Y N 387 
TRP OXT    O N N 388 
TRP H      H N N 389 
TRP H2     H N N 390 
TRP HA     H N N 391 
TRP HB2    H N N 392 
TRP HB3    H N N 393 
TRP HD1    H N N 394 
TRP HE1    H N N 395 
TRP HE3    H N N 396 
TRP HZ2    H N N 397 
TRP HZ3    H N N 398 
TRP HH2    H N N 399 
TRP HXT    H N N 400 
TYR N      N N N 401 
TYR CA     C N S 402 
TYR C      C N N 403 
TYR O      O N N 404 
TYR CB     C N N 405 
TYR CG     C Y N 406 
TYR CD1    C Y N 407 
TYR CD2    C Y N 408 
TYR CE1    C Y N 409 
TYR CE2    C Y N 410 
TYR CZ     C Y N 411 
TYR OH     O N N 412 
TYR OXT    O N N 413 
TYR H      H N N 414 
TYR H2     H N N 415 
TYR HA     H N N 416 
TYR HB2    H N N 417 
TYR HB3    H N N 418 
TYR HD1    H N N 419 
TYR HD2    H N N 420 
TYR HE1    H N N 421 
TYR HE2    H N N 422 
TYR HH     H N N 423 
TYR HXT    H N N 424 
VAL N      N N N 425 
VAL CA     C N S 426 
VAL C      C N N 427 
VAL O      O N N 428 
VAL CB     C N N 429 
VAL CG1    C N N 430 
VAL CG2    C N N 431 
VAL OXT    O N N 432 
VAL H      H N N 433 
VAL H2     H N N 434 
VAL HA     H N N 435 
VAL HB     H N N 436 
VAL HG11   H N N 437 
VAL HG12   H N N 438 
VAL HG13   H N N 439 
VAL HG21   H N N 440 
VAL HG22   H N N 441 
VAL HG23   H N N 442 
VAL HXT    H N N 443 
# 
loop_
_chem_comp_bond.comp_id 
_chem_comp_bond.atom_id_1 
_chem_comp_bond.atom_id_2 
_chem_comp_bond.value_order 
_chem_comp_bond.pdbx_aromatic_flag 
_chem_comp_bond.pdbx_stereo_config 
_chem_comp_bond.pdbx_ordinal 
ALA N     CA     sing N N 1   
ALA N     H      sing N N 2   
ALA N     H2     sing N N 3   
ALA CA    C      sing N N 4   
ALA CA    CB     sing N N 5   
ALA CA    HA     sing N N 6   
ALA C     O      doub N N 7   
ALA C     OXT    sing N N 8   
ALA CB    HB1    sing N N 9   
ALA CB    HB2    sing N N 10  
ALA CB    HB3    sing N N 11  
ALA OXT   HXT    sing N N 12  
AMP P     O1P    doub N N 13  
AMP P     O2P    sing N N 14  
AMP P     O3P    sing N N 15  
AMP P     "O5'"  sing N N 16  
AMP O2P   HOP2   sing N N 17  
AMP O3P   HOP3   sing N N 18  
AMP "O5'" "C5'"  sing N N 19  
AMP "C5'" "C4'"  sing N N 20  
AMP "C5'" "H5'1" sing N N 21  
AMP "C5'" "H5'2" sing N N 22  
AMP "C4'" "O4'"  sing N N 23  
AMP "C4'" "C3'"  sing N N 24  
AMP "C4'" "H4'"  sing N N 25  
AMP "O4'" "C1'"  sing N N 26  
AMP "C3'" "O3'"  sing N N 27  
AMP "C3'" "C2'"  sing N N 28  
AMP "C3'" "H3'"  sing N N 29  
AMP "O3'" "HO3'" sing N N 30  
AMP "C2'" "O2'"  sing N N 31  
AMP "C2'" "C1'"  sing N N 32  
AMP "C2'" "H2'"  sing N N 33  
AMP "O2'" "HO2'" sing N N 34  
AMP "C1'" N9     sing N N 35  
AMP "C1'" "H1'"  sing N N 36  
AMP N9    C8     sing Y N 37  
AMP N9    C4     sing Y N 38  
AMP C8    N7     doub Y N 39  
AMP C8    H8     sing N N 40  
AMP N7    C5     sing Y N 41  
AMP C5    C6     sing Y N 42  
AMP C5    C4     doub Y N 43  
AMP C6    N6     sing N N 44  
AMP C6    N1     doub Y N 45  
AMP N6    HN61   sing N N 46  
AMP N6    HN62   sing N N 47  
AMP N1    C2     sing Y N 48  
AMP C2    N3     doub Y N 49  
AMP C2    H2     sing N N 50  
AMP N3    C4     sing Y N 51  
ARG N     CA     sing N N 52  
ARG N     H      sing N N 53  
ARG N     H2     sing N N 54  
ARG CA    C      sing N N 55  
ARG CA    CB     sing N N 56  
ARG CA    HA     sing N N 57  
ARG C     O      doub N N 58  
ARG C     OXT    sing N N 59  
ARG CB    CG     sing N N 60  
ARG CB    HB2    sing N N 61  
ARG CB    HB3    sing N N 62  
ARG CG    CD     sing N N 63  
ARG CG    HG2    sing N N 64  
ARG CG    HG3    sing N N 65  
ARG CD    NE     sing N N 66  
ARG CD    HD2    sing N N 67  
ARG CD    HD3    sing N N 68  
ARG NE    CZ     sing N N 69  
ARG NE    HE     sing N N 70  
ARG CZ    NH1    sing N N 71  
ARG CZ    NH2    doub N N 72  
ARG NH1   HH11   sing N N 73  
ARG NH1   HH12   sing N N 74  
ARG NH2   HH21   sing N N 75  
ARG NH2   HH22   sing N N 76  
ARG OXT   HXT    sing N N 77  
ASN N     CA     sing N N 78  
ASN N     H      sing N N 79  
ASN N     H2     sing N N 80  
ASN CA    C      sing N N 81  
ASN CA    CB     sing N N 82  
ASN CA    HA     sing N N 83  
ASN C     O      doub N N 84  
ASN C     OXT    sing N N 85  
ASN CB    CG     sing N N 86  
ASN CB    HB2    sing N N 87  
ASN CB    HB3    sing N N 88  
ASN CG    OD1    doub N N 89  
ASN CG    ND2    sing N N 90  
ASN ND2   HD21   sing N N 91  
ASN ND2   HD22   sing N N 92  
ASN OXT   HXT    sing N N 93  
ASP N     CA     sing N N 94  
ASP N     H      sing N N 95  
ASP N     H2     sing N N 96  
ASP CA    C      sing N N 97  
ASP CA    CB     sing N N 98  
ASP CA    HA     sing N N 99  
ASP C     O      doub N N 100 
ASP C     OXT    sing N N 101 
ASP CB    CG     sing N N 102 
ASP CB    HB2    sing N N 103 
ASP CB    HB3    sing N N 104 
ASP CG    OD1    doub N N 105 
ASP CG    OD2    sing N N 106 
ASP OD2   HD2    sing N N 107 
ASP OXT   HXT    sing N N 108 
CYS N     CA     sing N N 109 
CYS N     H      sing N N 110 
CYS N     H2     sing N N 111 
CYS CA    C      sing N N 112 
CYS CA    CB     sing N N 113 
CYS CA    HA     sing N N 114 
CYS C     O      doub N N 115 
CYS C     OXT    sing N N 116 
CYS CB    SG     sing N N 117 
CYS CB    HB2    sing N N 118 
CYS CB    HB3    sing N N 119 
CYS SG    HG     sing N N 120 
CYS OXT   HXT    sing N N 121 
GLN N     CA     sing N N 122 
GLN N     H      sing N N 123 
GLN N     H2     sing N N 124 
GLN CA    C      sing N N 125 
GLN CA    CB     sing N N 126 
GLN CA    HA     sing N N 127 
GLN C     O      doub N N 128 
GLN C     OXT    sing N N 129 
GLN CB    CG     sing N N 130 
GLN CB    HB2    sing N N 131 
GLN CB    HB3    sing N N 132 
GLN CG    CD     sing N N 133 
GLN CG    HG2    sing N N 134 
GLN CG    HG3    sing N N 135 
GLN CD    OE1    doub N N 136 
GLN CD    NE2    sing N N 137 
GLN NE2   HE21   sing N N 138 
GLN NE2   HE22   sing N N 139 
GLN OXT   HXT    sing N N 140 
GLU N     CA     sing N N 141 
GLU N     H      sing N N 142 
GLU N     H2     sing N N 143 
GLU CA    C      sing N N 144 
GLU CA    CB     sing N N 145 
GLU CA    HA     sing N N 146 
GLU C     O      doub N N 147 
GLU C     OXT    sing N N 148 
GLU CB    CG     sing N N 149 
GLU CB    HB2    sing N N 150 
GLU CB    HB3    sing N N 151 
GLU CG    CD     sing N N 152 
GLU CG    HG2    sing N N 153 
GLU CG    HG3    sing N N 154 
GLU CD    OE1    doub N N 155 
GLU CD    OE2    sing N N 156 
GLU OE2   HE2    sing N N 157 
GLU OXT   HXT    sing N N 158 
GLY N     CA     sing N N 159 
GLY N     H      sing N N 160 
GLY N     H2     sing N N 161 
GLY CA    C      sing N N 162 
GLY CA    HA2    sing N N 163 
GLY CA    HA3    sing N N 164 
GLY C     O      doub N N 165 
GLY C     OXT    sing N N 166 
GLY OXT   HXT    sing N N 167 
HIS N     CA     sing N N 168 
HIS N     H      sing N N 169 
HIS N     H2     sing N N 170 
HIS CA    C      sing N N 171 
HIS CA    CB     sing N N 172 
HIS CA    HA     sing N N 173 
HIS C     O      doub N N 174 
HIS C     OXT    sing N N 175 
HIS CB    CG     sing N N 176 
HIS CB    HB2    sing N N 177 
HIS CB    HB3    sing N N 178 
HIS CG    ND1    sing Y N 179 
HIS CG    CD2    doub Y N 180 
HIS ND1   CE1    doub Y N 181 
HIS ND1   HD1    sing N N 182 
HIS CD2   NE2    sing Y N 183 
HIS CD2   HD2    sing N N 184 
HIS CE1   NE2    sing Y N 185 
HIS CE1   HE1    sing N N 186 
HIS NE2   HE2    sing N N 187 
HIS OXT   HXT    sing N N 188 
HOH O     H1     sing N N 189 
HOH O     H2     sing N N 190 
ILE N     CA     sing N N 191 
ILE N     H      sing N N 192 
ILE N     H2     sing N N 193 
ILE CA    C      sing N N 194 
ILE CA    CB     sing N N 195 
ILE CA    HA     sing N N 196 
ILE C     O      doub N N 197 
ILE C     OXT    sing N N 198 
ILE CB    CG1    sing N N 199 
ILE CB    CG2    sing N N 200 
ILE CB    HB     sing N N 201 
ILE CG1   CD1    sing N N 202 
ILE CG1   HG12   sing N N 203 
ILE CG1   HG13   sing N N 204 
ILE CG2   HG21   sing N N 205 
ILE CG2   HG22   sing N N 206 
ILE CG2   HG23   sing N N 207 
ILE CD1   HD11   sing N N 208 
ILE CD1   HD12   sing N N 209 
ILE CD1   HD13   sing N N 210 
ILE OXT   HXT    sing N N 211 
LEU N     CA     sing N N 212 
LEU N     H      sing N N 213 
LEU N     H2     sing N N 214 
LEU CA    C      sing N N 215 
LEU CA    CB     sing N N 216 
LEU CA    HA     sing N N 217 
LEU C     O      doub N N 218 
LEU C     OXT    sing N N 219 
LEU CB    CG     sing N N 220 
LEU CB    HB2    sing N N 221 
LEU CB    HB3    sing N N 222 
LEU CG    CD1    sing N N 223 
LEU CG    CD2    sing N N 224 
LEU CG    HG     sing N N 225 
LEU CD1   HD11   sing N N 226 
LEU CD1   HD12   sing N N 227 
LEU CD1   HD13   sing N N 228 
LEU CD2   HD21   sing N N 229 
LEU CD2   HD22   sing N N 230 
LEU CD2   HD23   sing N N 231 
LEU OXT   HXT    sing N N 232 
LYS N     CA     sing N N 233 
LYS N     H      sing N N 234 
LYS N     H2     sing N N 235 
LYS CA    C      sing N N 236 
LYS CA    CB     sing N N 237 
LYS CA    HA     sing N N 238 
LYS C     O      doub N N 239 
LYS C     OXT    sing N N 240 
LYS CB    CG     sing N N 241 
LYS CB    HB2    sing N N 242 
LYS CB    HB3    sing N N 243 
LYS CG    CD     sing N N 244 
LYS CG    HG2    sing N N 245 
LYS CG    HG3    sing N N 246 
LYS CD    CE     sing N N 247 
LYS CD    HD2    sing N N 248 
LYS CD    HD3    sing N N 249 
LYS CE    NZ     sing N N 250 
LYS CE    HE2    sing N N 251 
LYS CE    HE3    sing N N 252 
LYS NZ    HZ1    sing N N 253 
LYS NZ    HZ2    sing N N 254 
LYS NZ    HZ3    sing N N 255 
LYS OXT   HXT    sing N N 256 
MET N     CA     sing N N 257 
MET N     H      sing N N 258 
MET N     H2     sing N N 259 
MET CA    C      sing N N 260 
MET CA    CB     sing N N 261 
MET CA    HA     sing N N 262 
MET C     O      doub N N 263 
MET C     OXT    sing N N 264 
MET CB    CG     sing N N 265 
MET CB    HB2    sing N N 266 
MET CB    HB3    sing N N 267 
MET CG    SD     sing N N 268 
MET CG    HG2    sing N N 269 
MET CG    HG3    sing N N 270 
MET SD    CE     sing N N 271 
MET CE    HE1    sing N N 272 
MET CE    HE2    sing N N 273 
MET CE    HE3    sing N N 274 
MET OXT   HXT    sing N N 275 
PCA N     CA     sing N N 276 
PCA N     CD     sing N N 277 
PCA N     H      sing N N 278 
PCA CA    CB     sing N N 279 
PCA CA    C      sing N N 280 
PCA CA    HA     sing N N 281 
PCA CB    CG     sing N N 282 
PCA CB    HB2    sing N N 283 
PCA CB    HB3    sing N N 284 
PCA CG    CD     sing N N 285 
PCA CG    HG2    sing N N 286 
PCA CG    HG3    sing N N 287 
PCA CD    OE     doub N N 288 
PCA C     O      doub N N 289 
PCA C     OXT    sing N N 290 
PCA OXT   HXT    sing N N 291 
PHE N     CA     sing N N 292 
PHE N     H      sing N N 293 
PHE N     H2     sing N N 294 
PHE CA    C      sing N N 295 
PHE CA    CB     sing N N 296 
PHE CA    HA     sing N N 297 
PHE C     O      doub N N 298 
PHE C     OXT    sing N N 299 
PHE CB    CG     sing N N 300 
PHE CB    HB2    sing N N 301 
PHE CB    HB3    sing N N 302 
PHE CG    CD1    doub Y N 303 
PHE CG    CD2    sing Y N 304 
PHE CD1   CE1    sing Y N 305 
PHE CD1   HD1    sing N N 306 
PHE CD2   CE2    doub Y N 307 
PHE CD2   HD2    sing N N 308 
PHE CE1   CZ     doub Y N 309 
PHE CE1   HE1    sing N N 310 
PHE CE2   CZ     sing Y N 311 
PHE CE2   HE2    sing N N 312 
PHE CZ    HZ     sing N N 313 
PHE OXT   HXT    sing N N 314 
PRO N     CA     sing N N 315 
PRO N     CD     sing N N 316 
PRO N     H      sing N N 317 
PRO CA    C      sing N N 318 
PRO CA    CB     sing N N 319 
PRO CA    HA     sing N N 320 
PRO C     O      doub N N 321 
PRO C     OXT    sing N N 322 
PRO CB    CG     sing N N 323 
PRO CB    HB2    sing N N 324 
PRO CB    HB3    sing N N 325 
PRO CG    CD     sing N N 326 
PRO CG    HG2    sing N N 327 
PRO CG    HG3    sing N N 328 
PRO CD    HD2    sing N N 329 
PRO CD    HD3    sing N N 330 
PRO OXT   HXT    sing N N 331 
SER N     CA     sing N N 332 
SER N     H      sing N N 333 
SER N     H2     sing N N 334 
SER CA    C      sing N N 335 
SER CA    CB     sing N N 336 
SER CA    HA     sing N N 337 
SER C     O      doub N N 338 
SER C     OXT    sing N N 339 
SER CB    OG     sing N N 340 
SER CB    HB2    sing N N 341 
SER CB    HB3    sing N N 342 
SER OG    HG     sing N N 343 
SER OXT   HXT    sing N N 344 
THR N     CA     sing N N 345 
THR N     H      sing N N 346 
THR N     H2     sing N N 347 
THR CA    C      sing N N 348 
THR CA    CB     sing N N 349 
THR CA    HA     sing N N 350 
THR C     O      doub N N 351 
THR C     OXT    sing N N 352 
THR CB    OG1    sing N N 353 
THR CB    CG2    sing N N 354 
THR CB    HB     sing N N 355 
THR OG1   HG1    sing N N 356 
THR CG2   HG21   sing N N 357 
THR CG2   HG22   sing N N 358 
THR CG2   HG23   sing N N 359 
THR OXT   HXT    sing N N 360 
TRP N     CA     sing N N 361 
TRP N     H      sing N N 362 
TRP N     H2     sing N N 363 
TRP CA    C      sing N N 364 
TRP CA    CB     sing N N 365 
TRP CA    HA     sing N N 366 
TRP C     O      doub N N 367 
TRP C     OXT    sing N N 368 
TRP CB    CG     sing N N 369 
TRP CB    HB2    sing N N 370 
TRP CB    HB3    sing N N 371 
TRP CG    CD1    doub Y N 372 
TRP CG    CD2    sing Y N 373 
TRP CD1   NE1    sing Y N 374 
TRP CD1   HD1    sing N N 375 
TRP CD2   CE2    doub Y N 376 
TRP CD2   CE3    sing Y N 377 
TRP NE1   CE2    sing Y N 378 
TRP NE1   HE1    sing N N 379 
TRP CE2   CZ2    sing Y N 380 
TRP CE3   CZ3    doub Y N 381 
TRP CE3   HE3    sing N N 382 
TRP CZ2   CH2    doub Y N 383 
TRP CZ2   HZ2    sing N N 384 
TRP CZ3   CH2    sing Y N 385 
TRP CZ3   HZ3    sing N N 386 
TRP CH2   HH2    sing N N 387 
TRP OXT   HXT    sing N N 388 
TYR N     CA     sing N N 389 
TYR N     H      sing N N 390 
TYR N     H2     sing N N 391 
TYR CA    C      sing N N 392 
TYR CA    CB     sing N N 393 
TYR CA    HA     sing N N 394 
TYR C     O      doub N N 395 
TYR C     OXT    sing N N 396 
TYR CB    CG     sing N N 397 
TYR CB    HB2    sing N N 398 
TYR CB    HB3    sing N N 399 
TYR CG    CD1    doub Y N 400 
TYR CG    CD2    sing Y N 401 
TYR CD1   CE1    sing Y N 402 
TYR CD1   HD1    sing N N 403 
TYR CD2   CE2    doub Y N 404 
TYR CD2   HD2    sing N N 405 
TYR CE1   CZ     doub Y N 406 
TYR CE1   HE1    sing N N 407 
TYR CE2   CZ     sing Y N 408 
TYR CE2   HE2    sing N N 409 
TYR CZ    OH     sing N N 410 
TYR OH    HH     sing N N 411 
TYR OXT   HXT    sing N N 412 
VAL N     CA     sing N N 413 
VAL N     H      sing N N 414 
VAL N     H2     sing N N 415 
VAL CA    C      sing N N 416 
VAL CA    CB     sing N N 417 
VAL CA    HA     sing N N 418 
VAL C     O      doub N N 419 
VAL C     OXT    sing N N 420 
VAL CB    CG1    sing N N 421 
VAL CB    CG2    sing N N 422 
VAL CB    HB     sing N N 423 
VAL CG1   HG11   sing N N 424 
VAL CG1   HG12   sing N N 425 
VAL CG1   HG13   sing N N 426 
VAL CG2   HG21   sing N N 427 
VAL CG2   HG22   sing N N 428 
VAL CG2   HG23   sing N N 429 
VAL OXT   HXT    sing N N 430 
# 
_pdbx_initial_refinement_model.id               1 
_pdbx_initial_refinement_model.entity_id_list   ? 
_pdbx_initial_refinement_model.type             'experimental model' 
_pdbx_initial_refinement_model.source_name      PDB 
_pdbx_initial_refinement_model.accession_code   1ONC 
_pdbx_initial_refinement_model.details          'pdb entry 1onc' 
# 
_atom_sites.entry_id                    2GMK 
_atom_sites.fract_transf_matrix[1][1]   -0.03299707 
_atom_sites.fract_transf_matrix[1][2]   -0.00842291 
_atom_sites.fract_transf_matrix[1][3]   0.00545971 
_atom_sites.fract_transf_matrix[2][1]   0.00102098 
_atom_sites.fract_transf_matrix[2][2]   0.00744563 
_atom_sites.fract_transf_matrix[2][3]   0.01765719 
_atom_sites.fract_transf_matrix[3][1]   -0.00432622 
_atom_sites.fract_transf_matrix[3][2]   0.01343742 
_atom_sites.fract_transf_matrix[3][3]   -0.00541609 
_atom_sites.fract_transf_vector[1]      -0.415086 
_atom_sites.fract_transf_vector[2]      0.035749 
_atom_sites.fract_transf_vector[3]      -0.106077 
# 
loop_
_atom_type.symbol 
C 
N 
O 
P 
S 
# 
loop_
_atom_site.group_PDB 
_atom_site.id 
_atom_site.type_symbol 
_atom_site.label_atom_id 
_atom_site.label_alt_id 
_atom_site.label_comp_id 
_atom_site.label_asym_id 
_atom_site.label_entity_id 
_atom_site.label_seq_id 
_atom_site.pdbx_PDB_ins_code 
_atom_site.Cartn_x 
_atom_site.Cartn_y 
_atom_site.Cartn_z 
_atom_site.occupancy 
_atom_site.B_iso_or_equiv 
_atom_site.pdbx_formal_charge 
_atom_site.auth_seq_id 
_atom_site.auth_comp_id 
_atom_site.auth_asym_id 
_atom_site.auth_atom_id 
_atom_site.pdbx_PDB_model_num 
HETATM 1    N N     . PCA A 1 1   ? 4.235   -1.465  -10.102 1.00 16.39 ? 1    PCA A N     1 
HETATM 2    C CA    . PCA A 1 1   ? 4.608   -1.745  -11.491 1.00 16.24 ? 1    PCA A CA    1 
HETATM 3    C CB    . PCA A 1 1   ? 6.112   -1.927  -11.588 1.00 17.36 ? 1    PCA A CB    1 
HETATM 4    C CG    . PCA A 1 1   ? 6.661   -1.997  -10.176 1.00 17.28 ? 1    PCA A CG    1 
HETATM 5    C CD    . PCA A 1 1   ? 5.462   -1.627  -9.340  1.00 15.35 ? 1    PCA A CD    1 
HETATM 6    O OE    . PCA A 1 1   ? 5.530   -1.471  -8.116  1.00 17.80 ? 1    PCA A OE    1 
HETATM 7    C C     . PCA A 1 1   ? 3.900   -2.977  -12.039 1.00 16.88 ? 1    PCA A C     1 
HETATM 8    O O     . PCA A 1 1   ? 3.660   -3.091  -13.251 1.00 16.51 ? 1    PCA A O     1 
ATOM   9    N N     . ASP A 1 2   ? 3.572   -3.901  -11.139 1.00 15.71 ? 2    ASP A N     1 
ATOM   10   C CA    . ASP A 1 2   ? 2.808   -5.095  -11.474 1.00 14.79 ? 2    ASP A CA    1 
ATOM   11   C C     . ASP A 1 2   ? 2.195   -5.613  -10.184 1.00 13.79 ? 2    ASP A C     1 
ATOM   12   O O     . ASP A 1 2   ? 2.518   -5.111  -9.092  1.00 12.99 ? 2    ASP A O     1 
ATOM   13   C CB    . ASP A 1 2   ? 3.693   -6.161  -12.128 1.00 16.44 ? 2    ASP A CB    1 
ATOM   14   C CG    . ASP A 1 2   ? 4.999   -6.371  -11.385 1.00 21.68 ? 2    ASP A CG    1 
ATOM   15   O OD1   . ASP A 1 2   ? 4.969   -6.668  -10.176 1.00 22.09 ? 2    ASP A OD1   1 
ATOM   16   O OD2   . ASP A 1 2   ? 6.070   -6.257  -12.018 1.00 28.19 ? 2    ASP A OD2   1 
ATOM   17   N N     . TRP A 1 3   ? 1.298   -6.588  -10.316 1.00 13.51 ? 3    TRP A N     1 
ATOM   18   C CA    . TRP A 1 3   ? 0.557   -7.097  -9.157  1.00 12.14 ? 3    TRP A CA    1 
ATOM   19   C C     . TRP A 1 3   ? 1.478   -7.721  -8.086  1.00 12.59 ? 3    TRP A C     1 
ATOM   20   O O     . TRP A 1 3   ? 1.310   -7.448  -6.904  1.00 12.34 ? 3    TRP A O     1 
ATOM   21   C CB    . TRP A 1 3   ? -0.522  -8.083  -9.632  1.00 12.72 ? 3    TRP A CB    1 
ATOM   22   C CG    . TRP A 1 3   ? -1.298  -8.818  -8.562  1.00 11.98 ? 3    TRP A CG    1 
ATOM   23   C CD1   . TRP A 1 3   ? -1.540  -10.180 -8.515  1.00 14.38 ? 3    TRP A CD1   1 
ATOM   24   C CD2   . TRP A 1 3   ? -1.945  -8.263  -7.409  1.00 13.43 ? 3    TRP A CD2   1 
ATOM   25   N NE1   . TRP A 1 3   ? -2.282  -10.492 -7.408  1.00 12.46 ? 3    TRP A NE1   1 
ATOM   26   C CE2   . TRP A 1 3   ? -2.549  -9.339  -6.712  1.00 14.39 ? 3    TRP A CE2   1 
ATOM   27   C CE3   . TRP A 1 3   ? -2.057  -6.961  -6.883  1.00 13.26 ? 3    TRP A CE3   1 
ATOM   28   C CZ2   . TRP A 1 3   ? -3.278  -9.155  -5.529  1.00 15.17 ? 3    TRP A CZ2   1 
ATOM   29   C CZ3   . TRP A 1 3   ? -2.787  -6.773  -5.694  1.00 11.36 ? 3    TRP A CZ3   1 
ATOM   30   C CH2   . TRP A 1 3   ? -3.381  -7.875  -5.027  1.00 14.73 ? 3    TRP A CH2   1 
ATOM   31   N N     . LEU A 1 4   ? 2.454   -8.532  -8.488  1.00 13.46 ? 4    LEU A N     1 
ATOM   32   C CA    . LEU A 1 4   ? 3.334   -9.145  -7.483  1.00 13.22 ? 4    LEU A CA    1 
ATOM   33   C C     . LEU A 1 4   ? 4.130   -8.111  -6.686  1.00 13.06 ? 4    LEU A C     1 
ATOM   34   O O     . LEU A 1 4   ? 4.301   -8.250  -5.475  1.00 14.01 ? 4    LEU A O     1 
ATOM   35   C CB    . LEU A 1 4   ? 4.278   -10.173 -8.121  1.00 14.97 ? 4    LEU A CB    1 
ATOM   36   C CG    . LEU A 1 4   ? 3.856   -11.644 -7.957  1.00 17.32 ? 4    LEU A CG    1 
ATOM   37   C CD1   . LEU A 1 4   ? 2.452   -11.959 -8.468  1.00 20.08 ? 4    LEU A CD1   1 
ATOM   38   C CD2   . LEU A 1 4   ? 4.904   -12.595 -8.558  1.00 15.86 ? 4    LEU A CD2   1 
ATOM   39   N N     . THR A 1 5   ? 4.646   -7.096  -7.376  1.00 12.43 ? 5    THR A N     1 
ATOM   40   C CA    . THR A 1 5   ? 5.398   -6.032  -6.689  1.00 13.36 ? 5    THR A CA    1 
ATOM   41   C C     . THR A 1 5   ? 4.487   -5.165  -5.835  1.00 12.97 ? 5    THR A C     1 
ATOM   42   O O     . THR A 1 5   ? 4.875   -4.759  -4.734  1.00 14.50 ? 5    THR A O     1 
ATOM   43   C CB    . THR A 1 5   ? 6.181   -5.140  -7.668  1.00 14.06 ? 5    THR A CB    1 
ATOM   44   O OG1   . THR A 1 5   ? 6.973   -5.959  -8.529  1.00 16.40 ? 5    THR A OG1   1 
ATOM   45   C CG2   . THR A 1 5   ? 7.125   -4.235  -6.892  1.00 17.08 ? 5    THR A CG2   1 
ATOM   46   N N     . PHE A 1 6   ? 3.290   -4.874  -6.335  1.00 11.55 ? 6    PHE A N     1 
ATOM   47   C CA    . PHE A 1 6   ? 2.313   -4.139  -5.534  1.00 11.07 ? 6    PHE A CA    1 
ATOM   48   C C     . PHE A 1 6   ? 2.052   -4.849  -4.205  1.00 11.22 ? 6    PHE A C     1 
ATOM   49   O O     . PHE A 1 6   ? 2.041   -4.213  -3.154  1.00 10.61 ? 6    PHE A O     1 
ATOM   50   C CB    . PHE A 1 6   ? 1.000   -3.925  -6.281  1.00 11.84 ? 6    PHE A CB    1 
ATOM   51   C CG    . PHE A 1 6   ? -0.018  -3.193  -5.474  1.00 7.80  ? 6    PHE A CG    1 
ATOM   52   C CD1   . PHE A 1 6   ? -0.882  -3.881  -4.631  1.00 11.69 ? 6    PHE A CD1   1 
ATOM   53   C CD2   . PHE A 1 6   ? -0.143  -1.809  -5.565  1.00 12.70 ? 6    PHE A CD2   1 
ATOM   54   C CE1   . PHE A 1 6   ? -1.816  -3.193  -3.860  1.00 9.82  ? 6    PHE A CE1   1 
ATOM   55   C CE2   . PHE A 1 6   ? -1.096  -1.130  -4.800  1.00 10.99 ? 6    PHE A CE2   1 
ATOM   56   C CZ    . PHE A 1 6   ? -1.937  -1.828  -3.963  1.00 12.35 ? 6    PHE A CZ    1 
ATOM   57   N N     . GLN A 1 7   ? 1.829   -6.164  -4.248  1.00 10.00 ? 7    GLN A N     1 
ATOM   58   C CA    . GLN A 1 7   ? 1.609   -6.924  -3.005  1.00 11.37 ? 7    GLN A CA    1 
ATOM   59   C C     . GLN A 1 7   ? 2.788   -6.811  -2.046  1.00 11.31 ? 7    GLN A C     1 
ATOM   60   O O     . GLN A 1 7   ? 2.611   -6.581  -0.847  1.00 11.63 ? 7    GLN A O     1 
ATOM   61   C CB    . GLN A 1 7   ? 1.373   -8.398  -3.306  1.00 11.81 ? 7    GLN A CB    1 
ATOM   62   C CG    . GLN A 1 7   ? 0.083   -8.680  -4.013  1.00 13.35 ? 7    GLN A CG    1 
ATOM   63   C CD    . GLN A 1 7   ? -0.052  -10.161 -4.312  1.00 14.28 ? 7    GLN A CD    1 
ATOM   64   O OE1   . GLN A 1 7   ? -0.336  -10.960 -3.413  1.00 18.19 ? 7    GLN A OE1   1 
ATOM   65   N NE2   . GLN A 1 7   ? 0.162   -10.536 -5.578  1.00 13.69 ? 7    GLN A NE2   1 
ATOM   66   N N     . LYS A 1 8   ? 3.997   -6.971  -2.561  1.00 11.25 ? 8    LYS A N     1 
ATOM   67   C CA    . LYS A 1 8   ? 5.176   -6.869  -1.716  1.00 10.94 ? 8    LYS A CA    1 
ATOM   68   C C     . LYS A 1 8   ? 5.298   -5.478  -1.094  1.00 11.94 ? 8    LYS A C     1 
ATOM   69   O O     . LYS A 1 8   ? 5.717   -5.342  0.067   1.00 13.38 ? 8    LYS A O     1 
ATOM   70   C CB    . LYS A 1 8   ? 6.434   -7.143  -2.519  1.00 11.76 ? 8    LYS A CB    1 
ATOM   71   C CG    . LYS A 1 8   ? 6.630   -8.616  -2.864  1.00 15.67 ? 8    LYS A CG    1 
ATOM   72   C CD    . LYS A 1 8   ? 7.954   -8.774  -3.585  1.00 24.32 ? 8    LYS A CD    1 
ATOM   73   C CE    . LYS A 1 8   ? 8.047   -10.120 -4.282  1.00 27.26 ? 8    LYS A CE    1 
ATOM   74   N NZ    . LYS A 1 8   ? 9.315   -10.183 -5.074  1.00 33.19 ? 8    LYS A NZ    1 
ATOM   75   N N     . LYS A 1 9   ? 4.954   -4.448  -1.869  1.00 11.78 ? 9    LYS A N     1 
ATOM   76   C CA    . LYS A 1 9   ? 5.124   -3.068  -1.395  1.00 10.46 ? 9    LYS A CA    1 
ATOM   77   C C     . LYS A 1 9   ? 3.963   -2.575  -0.536  1.00 11.21 ? 9    LYS A C     1 
ATOM   78   O O     . LYS A 1 9   ? 4.144   -1.656  0.282   1.00 12.00 ? 9    LYS A O     1 
ATOM   79   C CB    . LYS A 1 9   ? 5.283   -2.115  -2.572  1.00 10.94 ? 9    LYS A CB    1 
ATOM   80   C CG    . LYS A 1 9   ? 6.627   -2.224  -3.301  1.00 13.61 ? 9    LYS A CG    1 
ATOM   81   C CD    . LYS A 1 9   ? 6.620   -1.200  -4.420  1.00 20.58 ? 9    LYS A CD    1 
ATOM   82   C CE    . LYS A 1 9   ? 7.890   -1.188  -5.225  1.00 23.67 ? 9    LYS A CE    1 
ATOM   83   N NZ    . LYS A 1 9   ? 7.678   -0.352  -6.465  1.00 30.55 ? 9    LYS A NZ    1 
ATOM   84   N N     . HIS A 1 10  ? 2.776   -3.157  -0.729  1.00 9.54  ? 10   HIS A N     1 
ATOM   85   C CA    . HIS A 1 10  ? 1.573   -2.531  -0.171  1.00 10.63 ? 10   HIS A CA    1 
ATOM   86   C C     . HIS A 1 10  ? 0.547   -3.385  0.527   1.00 11.28 ? 10   HIS A C     1 
ATOM   87   O O     . HIS A 1 10  ? -0.506  -2.870  0.892   1.00 11.99 ? 10   HIS A O     1 
ATOM   88   C CB    . HIS A 1 10  ? 0.874   -1.711  -1.240  1.00 9.84  ? 10   HIS A CB    1 
ATOM   89   C CG    . HIS A 1 10  ? 1.717   -0.589  -1.732  1.00 8.78  ? 10   HIS A CG    1 
ATOM   90   N ND1   . HIS A 1 10  ? 2.012   0.506   -0.948  1.00 10.18 ? 10   HIS A ND1   1 
ATOM   91   C CD2   . HIS A 1 10  ? 2.354   -0.397  -2.909  1.00 10.46 ? 10   HIS A CD2   1 
ATOM   92   C CE1   . HIS A 1 10  ? 2.803   1.325   -1.624  1.00 12.51 ? 10   HIS A CE1   1 
ATOM   93   N NE2   . HIS A 1 10  ? 3.023   0.801   -2.815  1.00 10.74 ? 10   HIS A NE2   1 
ATOM   94   N N     . ILE A 1 11  ? 0.827   -4.672  0.699   1.00 12.86 ? 11   ILE A N     1 
ATOM   95   C CA    . ILE A 1 11  ? -0.094  -5.522  1.443   1.00 14.08 ? 11   ILE A CA    1 
ATOM   96   C C     . ILE A 1 11  ? 0.643   -6.123  2.620   1.00 13.63 ? 11   ILE A C     1 
ATOM   97   O O     . ILE A 1 11  ? 1.724   -6.710  2.448   1.00 13.56 ? 11   ILE A O     1 
ATOM   98   C CB    . ILE A 1 11  ? -0.719  -6.610  0.542   1.00 13.36 ? 11   ILE A CB    1 
ATOM   99   C CG1   . ILE A 1 11  ? -1.584  -5.930  -0.524  1.00 17.93 ? 11   ILE A CG1   1 
ATOM   100  C CG2   . ILE A 1 11  ? -1.574  -7.581  1.396   1.00 18.06 ? 11   ILE A CG2   1 
ATOM   101  C CD1   . ILE A 1 11  ? -2.252  -6.878  -1.528  1.00 18.63 ? 11   ILE A CD1   1 
ATOM   102  N N     . THR A 1 12  ? 0.089   -5.950  3.819   1.00 12.73 ? 12   THR A N     1 
ATOM   103  C CA    . THR A 1 12  ? 0.697   -6.513  5.027   1.00 12.79 ? 12   THR A CA    1 
ATOM   104  C C     . THR A 1 12  ? -0.214  -7.546  5.674   1.00 13.95 ? 12   THR A C     1 
ATOM   105  O O     . THR A 1 12  ? -1.449  -7.407  5.699   1.00 13.59 ? 12   THR A O     1 
ATOM   106  C CB    . THR A 1 12  ? 1.089   -5.413  6.056   1.00 13.36 ? 12   THR A CB    1 
ATOM   107  O OG1   . THR A 1 12  ? 1.664   -6.012  7.231   1.00 13.72 ? 12   THR A OG1   1 
ATOM   108  C CG2   . THR A 1 12  ? -0.134  -4.580  6.453   1.00 10.23 ? 12   THR A CG2   1 
ATOM   109  N N     . ASN A 1 13  ? 0.402   -8.587  6.211   1.00 14.75 ? 13   ASN A N     1 
ATOM   110  C CA    . ASN A 1 13  ? -0.374  -9.557  6.979   1.00 16.14 ? 13   ASN A CA    1 
ATOM   111  C C     . ASN A 1 13  ? -0.454  -9.251  8.477   1.00 16.77 ? 13   ASN A C     1 
ATOM   112  O O     . ASN A 1 13  ? -1.046  -10.027 9.235   1.00 16.52 ? 13   ASN A O     1 
ATOM   113  C CB    . ASN A 1 13  ? 0.158   -10.970 6.752   1.00 16.43 ? 13   ASN A CB    1 
ATOM   114  C CG    . ASN A 1 13  ? 1.594   -11.155 7.228   1.00 21.18 ? 13   ASN A CG    1 
ATOM   115  O OD1   . ASN A 1 13  ? 2.144   -10.363 8.010   1.00 21.93 ? 13   ASN A OD1   1 
ATOM   116  N ND2   . ASN A 1 13  ? 2.214   -12.223 6.750   1.00 26.01 ? 13   ASN A ND2   1 
ATOM   117  N N     . THR A 1 14  ? 0.157   -8.144  8.902   1.00 14.54 ? 14   THR A N     1 
ATOM   118  C CA    . THR A 1 14  ? -0.023  -7.628  10.262  1.00 15.41 ? 14   THR A CA    1 
ATOM   119  C C     . THR A 1 14  ? -0.295  -6.121  10.244  1.00 13.89 ? 14   THR A C     1 
ATOM   120  O O     . THR A 1 14  ? 0.330   -5.365  9.488   1.00 13.57 ? 14   THR A O     1 
ATOM   121  C CB    . THR A 1 14  ? 1.187   -7.907  11.189  1.00 16.09 ? 14   THR A CB    1 
ATOM   122  O OG1   . THR A 1 14  ? 0.989   -7.240  12.450  1.00 17.73 ? 14   THR A OG1   1 
ATOM   123  C CG2   . THR A 1 14  ? 2.493   -7.402  10.573  1.00 16.66 ? 14   THR A CG2   1 
ATOM   124  N N     . ARG A 1 15  ? -1.206  -5.674  11.095  1.00 13.73 ? 15   ARG A N     1 
ATOM   125  C CA    . ARG A 1 15  ? -1.414  -4.240  11.234  1.00 13.01 ? 15   ARG A CA    1 
ATOM   126  C C     . ARG A 1 15  ? -0.199  -3.562  11.868  1.00 13.38 ? 15   ARG A C     1 
ATOM   127  O O     . ARG A 1 15  ? 0.054   -2.386  11.643  1.00 13.85 ? 15   ARG A O     1 
ATOM   128  C CB    . ARG A 1 15  ? -2.693  -3.906  12.022  1.00 14.02 ? 15   ARG A CB    1 
ATOM   129  C CG    . ARG A 1 15  ? -2.702  -4.388  13.447  1.00 18.60 ? 15   ARG A CG    1 
ATOM   130  C CD    . ARG A 1 15  ? -4.135  -4.453  13.950  1.00 22.18 ? 15   ARG A CD    1 
ATOM   131  N NE    . ARG A 1 15  ? -4.199  -4.881  15.338  1.00 28.10 ? 15   ARG A NE    1 
ATOM   132  C CZ    . ARG A 1 15  ? -4.252  -6.150  15.744  1.00 33.27 ? 15   ARG A CZ    1 
ATOM   133  N NH1   . ARG A 1 15  ? -4.235  -7.153  14.865  1.00 32.95 ? 15   ARG A NH1   1 
ATOM   134  N NH2   . ARG A 1 15  ? -4.308  -6.418  17.041  1.00 33.35 ? 15   ARG A NH2   1 
ATOM   135  N N     . ASP A 1 16  ? 0.522   -4.309  12.695  1.00 12.61 ? 16   ASP A N     1 
ATOM   136  C CA    . ASP A 1 16  ? 1.641   -3.762  13.428  1.00 13.66 ? 16   ASP A CA    1 
ATOM   137  C C     . ASP A 1 16  ? 2.909   -3.961  12.631  1.00 12.80 ? 16   ASP A C     1 
ATOM   138  O O     . ASP A 1 16  ? 3.776   -4.792  12.950  1.00 13.45 ? 16   ASP A O     1 
ATOM   139  C CB    . ASP A 1 16  ? 1.696   -4.370  14.830  1.00 13.34 ? 16   ASP A CB    1 
ATOM   140  C CG    . ASP A 1 16  ? 0.575   -3.857  15.688  1.00 16.89 ? 16   ASP A CG    1 
ATOM   141  O OD1   . ASP A 1 16  ? 0.460   -2.620  15.795  1.00 15.42 ? 16   ASP A OD1   1 
ATOM   142  O OD2   . ASP A 1 16  ? -0.210  -4.670  16.234  1.00 19.01 ? 16   ASP A OD2   1 
ATOM   143  N N     . VAL A 1 17  ? 2.988   -3.199  11.547  1.00 11.38 ? 17   VAL A N     1 
ATOM   144  C CA    . VAL A 1 17  ? 4.131   -3.303  10.654  1.00 9.28  ? 17   VAL A CA    1 
ATOM   145  C C     . VAL A 1 17  ? 5.365   -2.842  11.406  1.00 9.63  ? 17   VAL A C     1 
ATOM   146  O O     . VAL A 1 17  ? 5.350   -1.797  12.067  1.00 10.26 ? 17   VAL A O     1 
ATOM   147  C CB    . VAL A 1 17  ? 3.932   -2.404  9.409   1.00 7.77  ? 17   VAL A CB    1 
ATOM   148  C CG1   . VAL A 1 17  ? 5.190   -2.369  8.553   1.00 9.62  ? 17   VAL A CG1   1 
ATOM   149  C CG2   . VAL A 1 17  ? 2.762   -2.896  8.575   1.00 10.46 ? 17   VAL A CG2   1 
ATOM   150  N N     . ASP A 1 18  ? 6.431   -3.627  11.288  1.00 10.84 ? 18   ASP A N     1 
ATOM   151  C CA    . ASP A 1 18  ? 7.721   -3.282  11.877  1.00 11.83 ? 18   ASP A CA    1 
ATOM   152  C C     . ASP A 1 18  ? 8.447   -2.368  10.901  1.00 10.35 ? 18   ASP A C     1 
ATOM   153  O O     . ASP A 1 18  ? 9.309   -2.799  10.142  1.00 9.57  ? 18   ASP A O     1 
ATOM   154  C CB    . ASP A 1 18  ? 8.547   -4.552  12.152  1.00 13.39 ? 18   ASP A CB    1 
ATOM   155  C CG    . ASP A 1 18  ? 9.824   -4.283  12.943  1.00 16.33 ? 18   ASP A CG    1 
ATOM   156  O OD1   . ASP A 1 18  ? 10.261  -3.111  13.057  1.00 13.60 ? 18   ASP A OD1   1 
ATOM   157  O OD2   . ASP A 1 18  ? 10.420  -5.273  13.437  1.00 18.52 ? 18   ASP A OD2   1 
ATOM   158  N N     . CYS A 1 19  ? 8.072   -1.096  10.928  1.00 9.41  ? 19   CYS A N     1 
ATOM   159  C CA    . CYS A 1 19  ? 8.559   -0.135  9.937   1.00 9.82  ? 19   CYS A CA    1 
ATOM   160  C C     . CYS A 1 19  ? 10.063  -0.071  9.863   1.00 9.63  ? 19   CYS A C     1 
ATOM   161  O O     . CYS A 1 19  ? 10.614  -0.041  8.770   1.00 9.57  ? 19   CYS A O     1 
ATOM   162  C CB    . CYS A 1 19  ? 8.056   1.243   10.312  1.00 9.33  ? 19   CYS A CB    1 
ATOM   163  S SG    . CYS A 1 19  ? 6.275   1.447   10.169  1.00 11.53 ? 19   CYS A SG    1 
ATOM   164  N N     . ASP A 1 20  ? 10.741  -0.032  11.013  1.00 10.19 ? 20   ASP A N     1 
ATOM   165  C CA    . ASP A 1 20  ? 12.205  0.125   10.980  1.00 9.39  ? 20   ASP A CA    1 
ATOM   166  C C     . ASP A 1 20  ? 12.903  -1.046  10.318  1.00 11.94 ? 20   ASP A C     1 
ATOM   167  O O     . ASP A 1 20  ? 13.955  -0.874  9.705   1.00 15.03 ? 20   ASP A O     1 
ATOM   168  C CB    . ASP A 1 20  ? 12.776  0.386   12.362  1.00 10.03 ? 20   ASP A CB    1 
ATOM   169  C CG    . ASP A 1 20  ? 12.391  1.759   12.914  1.00 12.56 ? 20   ASP A CG    1 
ATOM   170  O OD1   . ASP A 1 20  ? 11.813  2.601   12.189  1.00 14.77 ? 20   ASP A OD1   1 
ATOM   171  O OD2   . ASP A 1 20  ? 12.686  2.013   14.099  1.00 18.49 ? 20   ASP A OD2   1 
ATOM   172  N N     . ASN A 1 21  ? 12.309  -2.231  10.425  1.00 11.55 ? 21   ASN A N     1 
ATOM   173  C CA    . ASN A 1 21  ? 12.796  -3.398  9.692   1.00 12.47 ? 21   ASN A CA    1 
ATOM   174  C C     . ASN A 1 21  ? 12.424  -3.336  8.219   1.00 12.96 ? 21   ASN A C     1 
ATOM   175  O O     . ASN A 1 21  ? 13.305  -3.238  7.355   1.00 14.14 ? 21   ASN A O     1 
ATOM   176  C CB    . ASN A 1 21  ? 12.250  -4.678  10.349  1.00 12.76 ? 21   ASN A CB    1 
ATOM   177  C CG    . ASN A 1 21  ? 12.765  -5.946  9.687   1.00 19.01 ? 21   ASN A CG    1 
ATOM   178  O OD1   . ASN A 1 21  ? 12.962  -5.996  8.476   1.00 25.91 ? 21   ASN A OD1   1 
ATOM   179  N ND2   . ASN A 1 21  ? 12.961  -6.982  10.480  1.00 22.79 ? 21   ASN A ND2   1 
ATOM   180  N N     . ILE A 1 22  ? 11.130  -3.375  7.909   1.00 11.48 ? 22   ILE A N     1 
ATOM   181  C CA    . ILE A 1 22  ? 10.727  -3.502  6.513   1.00 11.54 ? 22   ILE A CA    1 
ATOM   182  C C     . ILE A 1 22  ? 11.194  -2.333  5.656   1.00 11.73 ? 22   ILE A C     1 
ATOM   183  O O     . ILE A 1 22  ? 11.622  -2.532  4.524   1.00 12.23 ? 22   ILE A O     1 
ATOM   184  C CB    . ILE A 1 22  ? 9.215   -3.771  6.345   1.00 11.03 ? 22   ILE A CB    1 
ATOM   185  C CG1   . ILE A 1 22  ? 8.913   -4.221  4.906   1.00 12.85 ? 22   ILE A CG1   1 
ATOM   186  C CG2   . ILE A 1 22  ? 8.386   -2.546  6.754   1.00 11.82 ? 22   ILE A CG2   1 
ATOM   187  C CD1   . ILE A 1 22  ? 7.583   -5.006  4.779   1.00 18.85 ? 22   ILE A CD1   1 
ATOM   188  N N     . MET A 1 23  ? 11.145  -1.118  6.192   1.00 9.92  ? 23   MET A N     1 
ATOM   189  C CA    . MET A 1 23  ? 11.492  0.031   5.336   1.00 9.71  ? 23   MET A CA    1 
ATOM   190  C C     . MET A 1 23  ? 12.973  0.060   4.965   1.00 10.33 ? 23   MET A C     1 
ATOM   191  O O     . MET A 1 23  ? 13.354  0.774   4.036   1.00 11.35 ? 23   MET A O     1 
ATOM   192  C CB    . MET A 1 23  ? 11.103  1.338   6.019   1.00 10.46 ? 23   MET A CB    1 
ATOM   193  C CG    . MET A 1 23  ? 9.586   1.519   6.180   1.00 11.43 ? 23   MET A CG    1 
ATOM   194  S SD    . MET A 1 23  ? 8.681   1.630   4.635   1.00 10.67 ? 23   MET A SD    1 
ATOM   195  C CE    . MET A 1 23  ? 9.257   3.211   3.983   1.00 11.66 ? 23   MET A CE    1 
ATOM   196  N N     . SER A 1 24  ? 13.799  -0.715  5.680   1.00 11.60 ? 24   SER A N     1 
ATOM   197  C CA    . SER A 1 24  ? 15.238  -0.765  5.415   1.00 13.34 ? 24   SER A CA    1 
ATOM   198  C C     . SER A 1 24  ? 15.604  -1.822  4.376   1.00 15.94 ? 24   SER A C     1 
ATOM   199  O O     . SER A 1 24  ? 16.750  -1.866  3.922   1.00 16.16 ? 24   SER A O     1 
ATOM   200  C CB    . SER A 1 24  ? 16.033  -0.988  6.715   1.00 14.10 ? 24   SER A CB    1 
ATOM   201  O OG    . SER A 1 24  ? 15.907  -2.312  7.191   1.00 19.20 ? 24   SER A OG    1 
ATOM   202  N N     . THR A 1 25  ? 14.642  -2.662  3.994   1.00 15.55 ? 25   THR A N     1 
ATOM   203  C CA    . THR A 1 25  ? 14.893  -3.676  2.974   1.00 16.99 ? 25   THR A CA    1 
ATOM   204  C C     . THR A 1 25  ? 14.963  -3.036  1.582   1.00 18.24 ? 25   THR A C     1 
ATOM   205  O O     . THR A 1 25  ? 14.464  -1.921  1.367   1.00 17.16 ? 25   THR A O     1 
ATOM   206  C CB    . THR A 1 25  ? 13.839  -4.818  3.020   1.00 16.52 ? 25   THR A CB    1 
ATOM   207  O OG1   . THR A 1 25  ? 12.546  -4.304  2.682   1.00 15.08 ? 25   THR A OG1   1 
ATOM   208  C CG2   . THR A 1 25  ? 13.772  -5.426  4.391   1.00 18.18 ? 25   THR A CG2   1 
ATOM   209  N N     . ASN A 1 26  ? 15.540  -3.759  0.621   1.00 20.20 ? 26   ASN A N     1 
ATOM   210  C CA    A ASN A 1 26  ? 15.786  -3.264  -0.750  0.50 20.36 ? 26   ASN A CA    1 
ATOM   211  C CA    B ASN A 1 26  ? 15.829  -3.129  -0.669  0.50 20.22 ? 26   ASN A CA    1 
ATOM   212  C C     . ASN A 1 26  ? 14.607  -2.624  -1.466  1.00 19.33 ? 26   ASN A C     1 
ATOM   213  O O     . ASN A 1 26  ? 14.751  -1.709  -2.274  1.00 18.72 ? 26   ASN A O     1 
ATOM   214  C CB    A ASN A 1 26  ? 16.290  -4.409  -1.630  0.50 21.33 ? 26   ASN A CB    1 
ATOM   215  C CB    B ASN A 1 26  ? 16.848  -3.948  -1.505  0.50 20.44 ? 26   ASN A CB    1 
ATOM   216  C CG    A ASN A 1 26  ? 17.683  -4.847  -1.279  0.50 21.83 ? 26   ASN A CG    1 
ATOM   217  C CG    B ASN A 1 26  ? 16.196  -4.965  -2.437  0.50 23.27 ? 26   ASN A CG    1 
ATOM   218  O OD1   A ASN A 1 26  ? 18.366  -4.216  -0.474  0.50 29.10 ? 26   ASN A OD1   1 
ATOM   219  O OD1   B ASN A 1 26  ? 14.974  -5.115  -2.481  0.50 25.60 ? 26   ASN A OD1   1 
ATOM   220  N ND2   A ASN A 1 26  ? 18.123  -5.942  -1.893  0.50 27.55 ? 26   ASN A ND2   1 
ATOM   221  N ND2   B ASN A 1 26  ? 17.027  -5.676  -3.191  0.50 21.92 ? 26   ASN A ND2   1 
ATOM   222  N N     . LEU A 1 27  ? 13.406  -3.143  -1.203  1.00 18.54 ? 27   LEU A N     1 
ATOM   223  C CA    . LEU A 1 27  ? 12.243  -2.658  -1.907  1.00 19.14 ? 27   LEU A CA    1 
ATOM   224  C C     . LEU A 1 27  ? 11.878  -1.232  -1.529  1.00 17.09 ? 27   LEU A C     1 
ATOM   225  O O     . LEU A 1 27  ? 11.348  -0.486  -2.342  1.00 17.70 ? 27   LEU A O     1 
ATOM   226  C CB    . LEU A 1 27  ? 11.051  -3.584  -1.671  1.00 21.63 ? 27   LEU A CB    1 
ATOM   227  C CG    . LEU A 1 27  ? 10.170  -3.797  -2.901  1.00 25.78 ? 27   LEU A CG    1 
ATOM   228  C CD1   . LEU A 1 27  ? 10.993  -4.206  -4.109  1.00 29.95 ? 27   LEU A CD1   1 
ATOM   229  C CD2   . LEU A 1 27  ? 9.139   -4.856  -2.572  1.00 32.24 ? 27   LEU A CD2   1 
ATOM   230  N N     . PHE A 1 28  ? 12.177  -0.872  -0.281  1.00 15.42 ? 28   PHE A N     1 
ATOM   231  C CA    . PHE A 1 28  ? 11.835  0.438   0.255   1.00 14.38 ? 28   PHE A CA    1 
ATOM   232  C C     . PHE A 1 28  ? 13.042  1.335   0.457   1.00 12.09 ? 28   PHE A C     1 
ATOM   233  O O     . PHE A 1 28  ? 12.915  2.561   0.386   1.00 13.67 ? 28   PHE A O     1 
ATOM   234  C CB    . PHE A 1 28  ? 11.090  0.262   1.566   1.00 14.82 ? 28   PHE A CB    1 
ATOM   235  C CG    . PHE A 1 28  ? 9.882   -0.611  1.437   1.00 14.72 ? 28   PHE A CG    1 
ATOM   236  C CD1   . PHE A 1 28  ? 8.717   -0.126  0.879   1.00 14.48 ? 28   PHE A CD1   1 
ATOM   237  C CD2   . PHE A 1 28  ? 9.938   -1.936  1.831   1.00 15.16 ? 28   PHE A CD2   1 
ATOM   238  C CE1   . PHE A 1 28  ? 7.601   -0.946  0.753   1.00 13.49 ? 28   PHE A CE1   1 
ATOM   239  C CE2   . PHE A 1 28  ? 8.815   -2.766  1.708   1.00 15.88 ? 28   PHE A CE2   1 
ATOM   240  C CZ    . PHE A 1 28  ? 7.658   -2.259  1.183   1.00 15.70 ? 28   PHE A CZ    1 
ATOM   241  N N     . HIS A 1 29  ? 14.197  0.706   0.671   1.00 11.43 ? 29   HIS A N     1 
ATOM   242  C CA    . HIS A 1 29  ? 15.498  1.397   0.738   1.00 11.51 ? 29   HIS A CA    1 
ATOM   243  C C     . HIS A 1 29  ? 15.477  2.715   1.515   1.00 11.22 ? 29   HIS A C     1 
ATOM   244  O O     . HIS A 1 29  ? 16.051  3.712   1.058   1.00 10.71 ? 29   HIS A O     1 
ATOM   245  C CB    . HIS A 1 29  ? 16.073  1.613   -0.688  1.00 11.94 ? 29   HIS A CB    1 
ATOM   246  C CG    . HIS A 1 29  ? 15.156  2.347   -1.614  1.00 11.95 ? 29   HIS A CG    1 
ATOM   247  N ND1   . HIS A 1 29  ? 14.940  3.710   -1.527  1.00 13.77 ? 29   HIS A ND1   1 
ATOM   248  C CD2   . HIS A 1 29  ? 14.386  1.912   -2.640  1.00 14.33 ? 29   HIS A CD2   1 
ATOM   249  C CE1   . HIS A 1 29  ? 14.075  4.077   -2.453  1.00 12.82 ? 29   HIS A CE1   1 
ATOM   250  N NE2   . HIS A 1 29  ? 13.728  3.005   -3.149  1.00 17.07 ? 29   HIS A NE2   1 
ATOM   251  N N     . CYS A 1 30  ? 14.861  2.709   2.703   1.00 9.75  ? 30   CYS A N     1 
ATOM   252  C CA    . CYS A 1 30  ? 14.877  3.881   3.595   1.00 11.23 ? 30   CYS A CA    1 
ATOM   253  C C     . CYS A 1 30  ? 14.185  5.133   3.028   1.00 11.08 ? 30   CYS A C     1 
ATOM   254  O O     . CYS A 1 30  ? 14.509  6.242   3.441   1.00 10.62 ? 30   CYS A O     1 
ATOM   255  C CB    . CYS A 1 30  ? 16.312  4.206   4.068   1.00 11.39 ? 30   CYS A CB    1 
ATOM   256  S SG    . CYS A 1 30  ? 16.955  2.945   5.167   1.00 11.49 ? 30   CYS A SG    1 
ATOM   257  N N     . LYS A 1 31  ? 13.196  4.956   2.148   1.00 11.83 ? 31   LYS A N     1 
ATOM   258  C CA    . LYS A 1 31  ? 12.413  6.092   1.628   1.00 12.67 ? 31   LYS A CA    1 
ATOM   259  C C     . LYS A 1 31  ? 11.542  6.713   2.724   1.00 12.18 ? 31   LYS A C     1 
ATOM   260  O O     . LYS A 1 31  ? 11.299  6.073   3.763   1.00 11.77 ? 31   LYS A O     1 
ATOM   261  C CB    . LYS A 1 31  ? 11.535  5.659   0.444   1.00 12.94 ? 31   LYS A CB    1 
ATOM   262  C CG    . LYS A 1 31  ? 10.398  4.736   0.832   1.00 14.10 ? 31   LYS A CG    1 
ATOM   263  C CD    . LYS A 1 31  ? 9.781   4.074   -0.396  1.00 19.50 ? 31   LYS A CD    1 
ATOM   264  C CE    . LYS A 1 31  ? 9.156   5.062   -1.341  1.00 24.97 ? 31   LYS A CE    1 
ATOM   265  N NZ    . LYS A 1 31  ? 8.741   4.344   -2.599  1.00 29.53 ? 31   LYS A NZ    1 
ATOM   266  N N     . ASP A 1 32  ? 11.050  7.931   2.494   1.00 10.56 ? 32   ASP A N     1 
ATOM   267  C CA    . ASP A 1 32  ? 10.385  8.664   3.571   1.00 11.41 ? 32   ASP A CA    1 
ATOM   268  C C     . ASP A 1 32  ? 9.091   8.013   4.086   1.00 12.14 ? 32   ASP A C     1 
ATOM   269  O O     . ASP A 1 32  ? 8.780   8.089   5.276   1.00 12.11 ? 32   ASP A O     1 
ATOM   270  C CB    . ASP A 1 32  ? 10.080  10.093  3.136   1.00 12.12 ? 32   ASP A CB    1 
ATOM   271  C CG    . ASP A 1 32  ? 11.305  11.006  3.175   1.00 14.68 ? 32   ASP A CG    1 
ATOM   272  O OD1   . ASP A 1 32  ? 12.453  10.525  3.352   1.00 14.28 ? 32   ASP A OD1   1 
ATOM   273  O OD2   . ASP A 1 32  ? 11.093  12.230  3.041   1.00 19.05 ? 32   ASP A OD2   1 
ATOM   274  N N     . LYS A 1 33  ? 8.315   7.424   3.192   1.00 12.22 ? 33   LYS A N     1 
ATOM   275  C CA    A LYS A 1 33  ? 6.947   6.996   3.529   0.50 12.75 ? 33   LYS A CA    1 
ATOM   276  C CA    B LYS A 1 33  ? 7.028   6.885   3.623   0.50 12.87 ? 33   LYS A CA    1 
ATOM   277  C C     . LYS A 1 33  ? 6.506   5.767   2.736   1.00 12.05 ? 33   LYS A C     1 
ATOM   278  O O     . LYS A 1 33  ? 6.868   5.632   1.571   1.00 12.55 ? 33   LYS A O     1 
ATOM   279  C CB    A LYS A 1 33  ? 5.980   8.152   3.225   0.50 13.12 ? 33   LYS A CB    1 
ATOM   280  C CB    B LYS A 1 33  ? 5.990   8.005   3.778   0.50 14.44 ? 33   LYS A CB    1 
ATOM   281  C CG    A LYS A 1 33  ? 4.598   8.014   3.866   0.50 15.45 ? 33   LYS A CG    1 
ATOM   282  C CG    B LYS A 1 33  ? 5.760   8.840   2.532   0.50 16.12 ? 33   LYS A CG    1 
ATOM   283  C CD    A LYS A 1 33  ? 3.707   9.237   3.626   0.50 15.53 ? 33   LYS A CD    1 
ATOM   284  C CD    B LYS A 1 33  ? 4.732   9.943   2.787   0.50 14.93 ? 33   LYS A CD    1 
ATOM   285  C CE    A LYS A 1 33  ? 2.270   8.928   4.054   0.50 22.24 ? 33   LYS A CE    1 
ATOM   286  C CE    B LYS A 1 33  ? 5.323   11.093  3.598   0.50 20.72 ? 33   LYS A CE    1 
ATOM   287  N NZ    A LYS A 1 33  ? 1.346   10.105  4.071   0.50 24.21 ? 33   LYS A NZ    1 
ATOM   288  N NZ    B LYS A 1 33  ? 4.281   11.996  4.157   0.50 27.31 ? 33   LYS A NZ    1 
ATOM   289  N N     . ASN A 1 34  ? 5.681   4.921   3.337   1.00 10.49 ? 34   ASN A N     1 
ATOM   290  C CA    . ASN A 1 34  ? 5.007   3.871   2.583   1.00 10.35 ? 34   ASN A CA    1 
ATOM   291  C C     . ASN A 1 34  ? 3.731   3.497   3.284   1.00 10.97 ? 34   ASN A C     1 
ATOM   292  O O     . ASN A 1 34  ? 3.702   3.440   4.509   1.00 10.51 ? 34   ASN A O     1 
ATOM   293  C CB    . ASN A 1 34  ? 5.887   2.627   2.408   1.00 8.66  ? 34   ASN A CB    1 
ATOM   294  C CG    . ASN A 1 34  ? 5.307   1.643   1.408   1.00 14.52 ? 34   ASN A CG    1 
ATOM   295  O OD1   . ASN A 1 34  ? 5.380   1.856   0.197   1.00 14.29 ? 34   ASN A OD1   1 
ATOM   296  N ND2   . ASN A 1 34  ? 4.720   0.569   1.907   1.00 10.66 ? 34   ASN A ND2   1 
ATOM   297  N N     . THR A 1 35  ? 2.687   3.255   2.502   1.00 10.71 ? 35   THR A N     1 
ATOM   298  C CA    . THR A 1 35  ? 1.393   2.851   3.055   1.00 8.73  ? 35   THR A CA    1 
ATOM   299  C C     . THR A 1 35  ? 1.157   1.382   2.804   1.00 9.14  ? 35   THR A C     1 
ATOM   300  O O     . THR A 1 35  ? 1.219   0.929   1.647   1.00 10.46 ? 35   THR A O     1 
ATOM   301  C CB    . THR A 1 35  ? 0.236   3.628   2.423   1.00 9.51  ? 35   THR A CB    1 
ATOM   302  O OG1   . THR A 1 35  ? 0.436   5.034   2.639   1.00 11.54 ? 35   THR A OG1   1 
ATOM   303  C CG2   . THR A 1 35  ? -1.082  3.202   3.062   1.00 11.40 ? 35   THR A CG2   1 
ATOM   304  N N     . PHE A 1 36  ? 0.877   0.635   3.874   1.00 9.42  ? 36   PHE A N     1 
ATOM   305  C CA    . PHE A 1 36  ? 0.518   -0.780  3.728   1.00 11.13 ? 36   PHE A CA    1 
ATOM   306  C C     . PHE A 1 36  ? -0.963  -0.985  3.986   1.00 11.21 ? 36   PHE A C     1 
ATOM   307  O O     . PHE A 1 36  ? -1.544  -0.323  4.843   1.00 10.64 ? 36   PHE A O     1 
ATOM   308  C CB    . PHE A 1 36  ? 1.272   -1.648  4.737   1.00 9.56  ? 36   PHE A CB    1 
ATOM   309  C CG    . PHE A 1 36  ? 2.774   -1.612  4.578   1.00 10.33 ? 36   PHE A CG    1 
ATOM   310  C CD1   . PHE A 1 36  ? 3.531   -0.619  5.216   1.00 11.65 ? 36   PHE A CD1   1 
ATOM   311  C CD2   . PHE A 1 36  ? 3.423   -2.570  3.796   1.00 10.23 ? 36   PHE A CD2   1 
ATOM   312  C CE1   . PHE A 1 36  ? 4.942   -0.574  5.070   1.00 9.57  ? 36   PHE A CE1   1 
ATOM   313  C CE2   . PHE A 1 36  ? 4.811   -2.541  3.651   1.00 11.99 ? 36   PHE A CE2   1 
ATOM   314  C CZ    . PHE A 1 36  ? 5.565   -1.559  4.300   1.00 10.36 ? 36   PHE A CZ    1 
ATOM   315  N N     . ILE A 1 37  ? -1.554  -1.927  3.252   1.00 11.01 ? 37   ILE A N     1 
ATOM   316  C CA    . ILE A 1 37  ? -2.971  -2.271  3.421   1.00 11.03 ? 37   ILE A CA    1 
ATOM   317  C C     . ILE A 1 37  ? -3.019  -3.563  4.237   1.00 10.19 ? 37   ILE A C     1 
ATOM   318  O O     . ILE A 1 37  ? -2.447  -4.588  3.826   1.00 8.77  ? 37   ILE A O     1 
ATOM   319  C CB    . ILE A 1 37  ? -3.660  -2.494  2.052   1.00 9.54  ? 37   ILE A CB    1 
ATOM   320  C CG1   . ILE A 1 37  ? -3.491  -1.273  1.126   1.00 10.86 ? 37   ILE A CG1   1 
ATOM   321  C CG2   . ILE A 1 37  ? -5.122  -2.844  2.249   1.00 13.80 ? 37   ILE A CG2   1 
ATOM   322  C CD1   . ILE A 1 37  ? -3.483  -1.675  -0.354  1.00 9.96  ? 37   ILE A CD1   1 
ATOM   323  N N     . TYR A 1 38  ? -3.685  -3.517  5.400   1.00 10.59 ? 38   TYR A N     1 
ATOM   324  C CA    . TYR A 1 38  ? -3.783  -4.692  6.256   1.00 12.57 ? 38   TYR A CA    1 
ATOM   325  C C     . TYR A 1 38  ? -4.995  -5.480  5.803   1.00 12.69 ? 38   TYR A C     1 
ATOM   326  O O     . TYR A 1 38  ? -6.135  -5.206  6.213   1.00 13.14 ? 38   TYR A O     1 
ATOM   327  C CB    . TYR A 1 38  ? -3.869  -4.289  7.715   1.00 12.90 ? 38   TYR A CB    1 
ATOM   328  C CG    . TYR A 1 38  ? -4.158  -5.436  8.657   1.00 13.48 ? 38   TYR A CG    1 
ATOM   329  C CD1   . TYR A 1 38  ? -3.456  -6.638  8.554   1.00 16.01 ? 38   TYR A CD1   1 
ATOM   330  C CD2   . TYR A 1 38  ? -5.128  -5.304  9.648   1.00 17.87 ? 38   TYR A CD2   1 
ATOM   331  C CE1   . TYR A 1 38  ? -3.710  -7.693  9.437   1.00 15.52 ? 38   TYR A CE1   1 
ATOM   332  C CE2   . TYR A 1 38  ? -5.388  -6.339  10.517  1.00 18.21 ? 38   TYR A CE2   1 
ATOM   333  C CZ    . TYR A 1 38  ? -4.683  -7.527  10.396  1.00 15.75 ? 38   TYR A CZ    1 
ATOM   334  O OH    . TYR A 1 38  ? -4.922  -8.573  11.246  1.00 19.95 ? 38   TYR A OH    1 
ATOM   335  N N     . SER A 1 39  ? -4.742  -6.418  4.906   1.00 12.06 ? 39   SER A N     1 
ATOM   336  C CA    . SER A 1 39  ? -5.814  -7.211  4.301   1.00 13.91 ? 39   SER A CA    1 
ATOM   337  C C     . SER A 1 39  ? -5.191  -8.401  3.628   1.00 15.53 ? 39   SER A C     1 
ATOM   338  O O     . SER A 1 39  ? -3.999  -8.403  3.304   1.00 16.43 ? 39   SER A O     1 
ATOM   339  C CB    . SER A 1 39  ? -6.547  -6.384  3.238   1.00 13.59 ? 39   SER A CB    1 
ATOM   340  O OG    . SER A 1 39  ? -7.607  -7.109  2.626   1.00 19.37 ? 39   SER A OG    1 
ATOM   341  N N     . ARG A 1 40  ? -5.988  -9.445  3.438   1.00 17.38 ? 40   ARG A N     1 
ATOM   342  C CA    A ARG A 1 40  ? -5.600  -10.492 2.507   0.50 17.91 ? 40   ARG A CA    1 
ATOM   343  C CA    B ARG A 1 40  ? -5.628  -10.502 2.508   0.50 17.72 ? 40   ARG A CA    1 
ATOM   344  C C     . ARG A 1 40  ? -5.671  -9.898  1.095   1.00 19.20 ? 40   ARG A C     1 
ATOM   345  O O     . ARG A 1 40  ? -6.434  -8.955  0.862   1.00 18.60 ? 40   ARG A O     1 
ATOM   346  C CB    A ARG A 1 40  ? -6.491  -11.726 2.665   0.50 19.13 ? 40   ARG A CB    1 
ATOM   347  C CB    B ARG A 1 40  ? -6.607  -11.666 2.649   0.50 18.68 ? 40   ARG A CB    1 
ATOM   348  C CG    A ARG A 1 40  ? -6.172  -12.546 3.915   0.50 19.78 ? 40   ARG A CG    1 
ATOM   349  C CG    B ARG A 1 40  ? -6.567  -12.350 4.021   0.50 18.52 ? 40   ARG A CG    1 
ATOM   350  C CD    A ARG A 1 40  ? -6.706  -13.976 3.812   0.50 26.26 ? 40   ARG A CD    1 
ATOM   351  C CD    B ARG A 1 40  ? -7.853  -13.132 4.294   0.50 23.18 ? 40   ARG A CD    1 
ATOM   352  N NE    A ARG A 1 40  ? -6.394  -14.765 5.005   0.50 31.75 ? 40   ARG A NE    1 
ATOM   353  N NE    B ARG A 1 40  ? -8.060  -14.227 3.343   0.50 25.20 ? 40   ARG A NE    1 
ATOM   354  C CZ    A ARG A 1 40  ? -5.243  -15.404 5.223   0.50 32.88 ? 40   ARG A CZ    1 
ATOM   355  C CZ    B ARG A 1 40  ? -9.071  -15.095 3.395   0.50 23.79 ? 40   ARG A CZ    1 
ATOM   356  N NH1   A ARG A 1 40  ? -4.262  -15.362 4.332   0.50 37.16 ? 40   ARG A NH1   1 
ATOM   357  N NH1   B ARG A 1 40  ? -9.978  -15.016 4.357   0.50 23.66 ? 40   ARG A NH1   1 
ATOM   358  N NH2   A ARG A 1 40  ? -5.070  -16.087 6.346   0.50 36.63 ? 40   ARG A NH2   1 
ATOM   359  N NH2   B ARG A 1 40  ? -9.169  -16.059 2.485   0.50 22.94 ? 40   ARG A NH2   1 
ATOM   360  N N     . PRO A 1 41  ? -4.845  -10.417 0.150   1.00 20.11 ? 41   PRO A N     1 
ATOM   361  C CA    . PRO A 1 41  ? -4.783  -9.809  -1.186  1.00 21.11 ? 41   PRO A CA    1 
ATOM   362  C C     . PRO A 1 41  ? -6.048  -9.858  -2.037  1.00 21.37 ? 41   PRO A C     1 
ATOM   363  O O     . PRO A 1 41  ? -6.240  -8.966  -2.873  1.00 21.48 ? 41   PRO A O     1 
ATOM   364  C CB    . PRO A 1 41  ? -3.671  -10.602 -1.886  1.00 22.20 ? 41   PRO A CB    1 
ATOM   365  C CG    . PRO A 1 41  ? -3.626  -11.893 -1.164  1.00 24.14 ? 41   PRO A CG    1 
ATOM   366  C CD    . PRO A 1 41  ? -3.876  -11.524 0.264   1.00 21.46 ? 41   PRO A CD    1 
ATOM   367  N N     . GLU A 1 42  ? -6.900  -10.868 -1.827  1.00 22.03 ? 42   GLU A N     1 
ATOM   368  C CA    A GLU A 1 42  ? -8.044  -11.067 -2.707  0.50 21.86 ? 42   GLU A CA    1 
ATOM   369  C CA    B GLU A 1 42  ? -8.097  -11.091 -2.665  0.50 21.97 ? 42   GLU A CA    1 
ATOM   370  C C     . GLU A 1 42  ? -9.001  -9.854  -2.802  1.00 20.59 ? 42   GLU A C     1 
ATOM   371  O O     . GLU A 1 42  ? -9.282  -9.398  -3.921  1.00 21.22 ? 42   GLU A O     1 
ATOM   372  C CB    A GLU A 1 42  ? -8.755  -12.402 -2.413  0.50 23.19 ? 42   GLU A CB    1 
ATOM   373  C CB    B GLU A 1 42  ? -8.938  -12.288 -2.168  0.50 23.18 ? 42   GLU A CB    1 
ATOM   374  C CG    A GLU A 1 42  ? -7.993  -13.644 -2.932  0.50 24.81 ? 42   GLU A CG    1 
ATOM   375  C CG    B GLU A 1 42  ? -8.159  -13.552 -1.834  0.50 25.66 ? 42   GLU A CG    1 
ATOM   376  C CD    A GLU A 1 42  ? -6.744  -14.002 -2.111  0.50 27.60 ? 42   GLU A CD    1 
ATOM   377  C CD    B GLU A 1 42  ? -7.750  -13.623 -0.375  0.50 25.68 ? 42   GLU A CD    1 
ATOM   378  O OE1   A GLU A 1 42  ? -6.684  -13.648 -0.912  0.50 25.85 ? 42   GLU A OE1   1 
ATOM   379  O OE1   B GLU A 1 42  ? -8.625  -13.873 0.490   0.50 31.35 ? 42   GLU A OE1   1 
ATOM   380  O OE2   A GLU A 1 42  ? -5.819  -14.647 -2.667  0.50 26.63 ? 42   GLU A OE2   1 
ATOM   381  O OE2   B GLU A 1 42  ? -6.545  -13.459 -0.096  0.50 28.40 ? 42   GLU A OE2   1 
ATOM   382  N N     . PRO A 1 43  ? -9.492  -9.298  -1.656  1.00 19.62 ? 43   PRO A N     1 
ATOM   383  C CA    . PRO A 1 43  ? -10.355 -8.113  -1.827  1.00 18.92 ? 43   PRO A CA    1 
ATOM   384  C C     . PRO A 1 43  ? -9.633  -6.877  -2.373  1.00 17.77 ? 43   PRO A C     1 
ATOM   385  O O     . PRO A 1 43  ? -10.285 -5.960  -2.890  1.00 16.97 ? 43   PRO A O     1 
ATOM   386  C CB    . PRO A 1 43  ? -10.860 -7.824  -0.399  1.00 21.35 ? 43   PRO A CB    1 
ATOM   387  C CG    . PRO A 1 43  ? -9.863  -8.403  0.472   1.00 19.01 ? 43   PRO A CG    1 
ATOM   388  C CD    . PRO A 1 43  ? -9.379  -9.653  -0.225  1.00 19.94 ? 43   PRO A CD    1 
ATOM   389  N N     . VAL A 1 44  ? -8.312  -6.838  -2.229  1.00 17.05 ? 44   VAL A N     1 
ATOM   390  C CA    . VAL A 1 44  ? -7.539  -5.714  -2.775  1.00 15.22 ? 44   VAL A CA    1 
ATOM   391  C C     . VAL A 1 44  ? -7.473  -5.858  -4.291  1.00 14.52 ? 44   VAL A C     1 
ATOM   392  O O     . VAL A 1 44  ? -7.742  -4.903  -5.024  1.00 14.87 ? 44   VAL A O     1 
ATOM   393  C CB    . VAL A 1 44  ? -6.122  -5.592  -2.146  1.00 13.09 ? 44   VAL A CB    1 
ATOM   394  C CG1   . VAL A 1 44  ? -5.304  -4.506  -2.852  1.00 12.47 ? 44   VAL A CG1   1 
ATOM   395  C CG2   . VAL A 1 44  ? -6.211  -5.257  -0.675  1.00 16.49 ? 44   VAL A CG2   1 
ATOM   396  N N     . LYS A 1 45  ? -7.168  -7.063  -4.767  1.00 14.32 ? 45   LYS A N     1 
ATOM   397  C CA    . LYS A 1 45  ? -7.101  -7.272  -6.216  1.00 14.04 ? 45   LYS A CA    1 
ATOM   398  C C     . LYS A 1 45  ? -8.427  -6.921  -6.890  1.00 13.91 ? 45   LYS A C     1 
ATOM   399  O O     . LYS A 1 45  ? -8.445  -6.368  -8.002  1.00 13.82 ? 45   LYS A O     1 
ATOM   400  C CB    . LYS A 1 45  ? -6.717  -8.713  -6.563  1.00 14.43 ? 45   LYS A CB    1 
ATOM   401  C CG    . LYS A 1 45  ? -6.051  -8.758  -7.929  1.00 13.68 ? 45   LYS A CG    1 
ATOM   402  C CD    . LYS A 1 45  ? -5.865  -10.164 -8.473  1.00 16.28 ? 45   LYS A CD    1 
ATOM   403  C CE    . LYS A 1 45  ? -5.089  -10.125 -9.774  1.00 19.81 ? 45   LYS A CE    1 
ATOM   404  N NZ    . LYS A 1 45  ? -4.895  -11.519 -10.291 1.00 21.91 ? 45   LYS A NZ    1 
ATOM   405  N N     . ALA A 1 46  ? -9.528  -7.232  -6.197  1.00 15.00 ? 46   ALA A N     1 
ATOM   406  C CA    . ALA A 1 46  ? -10.883 -7.076  -6.728  1.00 14.95 ? 46   ALA A CA    1 
ATOM   407  C C     . ALA A 1 46  ? -11.236 -5.641  -7.082  1.00 14.86 ? 46   ALA A C     1 
ATOM   408  O O     . ALA A 1 46  ? -12.083 -5.406  -7.941  1.00 14.09 ? 46   ALA A O     1 
ATOM   409  C CB    . ALA A 1 46  ? -11.905 -7.672  -5.763  1.00 17.27 ? 46   ALA A CB    1 
ATOM   410  N N     . ILE A 1 47  ? -10.556 -4.679  -6.453  1.00 13.57 ? 47   ILE A N     1 
ATOM   411  C CA    . ILE A 1 47  ? -10.749 -3.264  -6.770  1.00 13.57 ? 47   ILE A CA    1 
ATOM   412  C C     . ILE A 1 47  ? -10.640 -3.035  -8.286  1.00 12.88 ? 47   ILE A C     1 
ATOM   413  O O     . ILE A 1 47  ? -11.376 -2.215  -8.842  1.00 14.49 ? 47   ILE A O     1 
ATOM   414  C CB    . ILE A 1 47  ? -9.681  -2.383  -6.044  1.00 12.33 ? 47   ILE A CB    1 
ATOM   415  C CG1   . ILE A 1 47  ? -9.810  -2.531  -4.525  1.00 14.11 ? 47   ILE A CG1   1 
ATOM   416  C CG2   . ILE A 1 47  ? -9.790  -0.912  -6.495  1.00 14.89 ? 47   ILE A CG2   1 
ATOM   417  C CD1   . ILE A 1 47  ? -8.559  -2.051  -3.722  1.00 14.43 ? 47   ILE A CD1   1 
ATOM   418  N N     . CYS A 1 48  ? -9.739  -3.782  -8.938  1.00 11.82 ? 48   CYS A N     1 
ATOM   419  C CA    . CYS A 1 48  ? -9.350  -3.519  -10.331 1.00 12.17 ? 48   CYS A CA    1 
ATOM   420  C C     . CYS A 1 48  ? -9.956  -4.485  -11.315 1.00 14.51 ? 48   CYS A C     1 
ATOM   421  O O     . CYS A 1 48  ? -9.602  -4.459  -12.495 1.00 16.00 ? 48   CYS A O     1 
ATOM   422  C CB    . CYS A 1 48  ? -7.835  -3.561  -10.484 1.00 11.94 ? 48   CYS A CB    1 
ATOM   423  S SG    . CYS A 1 48  ? -7.017  -2.277  -9.512  1.00 13.35 ? 48   CYS A SG    1 
ATOM   424  N N     . LYS A 1 49  ? -10.871 -5.326  -10.841 1.00 15.48 ? 49   LYS A N     1 
ATOM   425  C CA    . LYS A 1 49  ? -11.506 -6.304  -11.740 1.00 17.17 ? 49   LYS A CA    1 
ATOM   426  C C     . LYS A 1 49  ? -12.028 -5.611  -13.005 1.00 17.88 ? 49   LYS A C     1 
ATOM   427  O O     . LYS A 1 49  ? -12.668 -4.563  -12.920 1.00 17.80 ? 49   LYS A O     1 
ATOM   428  C CB    . LYS A 1 49  ? -12.629 -7.034  -11.000 1.00 17.38 ? 49   LYS A CB    1 
ATOM   429  C CG    . LYS A 1 49  ? -13.283 -8.169  -11.819 1.00 23.47 ? 49   LYS A CG    1 
ATOM   430  C CD    . LYS A 1 49  ? -13.933 -9.204  -10.910 1.00 31.36 ? 49   LYS A CD    1 
ATOM   431  C CE    . LYS A 1 49  ? -15.098 -9.929  -11.606 1.00 35.99 ? 49   LYS A CE    1 
ATOM   432  N NZ    . LYS A 1 49  ? -14.893 -10.153 -13.069 1.00 38.45 ? 49   LYS A NZ    1 
ATOM   433  N N     . GLY A 1 50  ? -11.722 -6.184  -14.171 1.00 18.16 ? 50   GLY A N     1 
ATOM   434  C CA    . GLY A 1 50  ? -12.272 -5.722  -15.438 1.00 18.77 ? 50   GLY A CA    1 
ATOM   435  C C     . GLY A 1 50  ? -11.629 -4.485  -16.020 1.00 19.02 ? 50   GLY A C     1 
ATOM   436  O O     . GLY A 1 50  ? -11.960 -4.088  -17.143 1.00 20.79 ? 50   GLY A O     1 
ATOM   437  N N     . ILE A 1 51  ? -10.730 -3.860  -15.249 1.00 17.22 ? 51   ILE A N     1 
ATOM   438  C CA    . ILE A 1 51  ? -10.029 -2.655  -15.709 1.00 17.11 ? 51   ILE A CA    1 
ATOM   439  C C     . ILE A 1 51  ? -8.798  -3.081  -16.491 1.00 17.62 ? 51   ILE A C     1 
ATOM   440  O O     . ILE A 1 51  ? -7.871  -3.687  -15.934 1.00 17.09 ? 51   ILE A O     1 
ATOM   441  C CB    . ILE A 1 51  ? -9.654  -1.714  -14.529 1.00 16.83 ? 51   ILE A CB    1 
ATOM   442  C CG1   . ILE A 1 51  ? -10.932 -1.245  -13.835 1.00 19.07 ? 51   ILE A CG1   1 
ATOM   443  C CG2   . ILE A 1 51  ? -8.839  -0.471  -15.048 1.00 21.50 ? 51   ILE A CG2   1 
ATOM   444  C CD1   . ILE A 1 51  ? -10.696 -0.271  -12.741 1.00 23.19 ? 51   ILE A CD1   1 
ATOM   445  N N     . ILE A 1 52  ? -8.791  -2.772  -17.785 1.00 18.30 ? 52   ILE A N     1 
ATOM   446  C CA    . ILE A 1 52  ? -7.705  -3.234  -18.659 1.00 19.02 ? 52   ILE A CA    1 
ATOM   447  C C     . ILE A 1 52  ? -6.630  -2.157  -18.800 1.00 17.87 ? 52   ILE A C     1 
ATOM   448  O O     . ILE A 1 52  ? -5.543  -2.295  -18.242 1.00 17.86 ? 52   ILE A O     1 
ATOM   449  C CB    . ILE A 1 52  ? -8.245  -3.739  -20.046 1.00 21.04 ? 52   ILE A CB    1 
ATOM   450  C CG1   . ILE A 1 52  ? -9.410  -4.724  -19.852 1.00 23.09 ? 52   ILE A CG1   1 
ATOM   451  C CG2   . ILE A 1 52  ? -7.116  -4.358  -20.880 1.00 22.34 ? 52   ILE A CG2   1 
ATOM   452  C CD1   . ILE A 1 52  ? -9.114  -5.877  -18.881 1.00 27.18 ? 52   ILE A CD1   1 
ATOM   453  N N     . ALA A 1 53  ? -6.942  -1.087  -19.527 1.00 17.13 ? 53   ALA A N     1 
ATOM   454  C CA    . ALA A 1 53  ? -6.067  0.063   -19.638 1.00 16.72 ? 53   ALA A CA    1 
ATOM   455  C C     . ALA A 1 53  ? -5.941  0.746   -18.277 1.00 16.09 ? 53   ALA A C     1 
ATOM   456  O O     . ALA A 1 53  ? -6.884  0.751   -17.479 1.00 16.28 ? 53   ALA A O     1 
ATOM   457  C CB    . ALA A 1 53  ? -6.599  1.046   -20.678 1.00 17.19 ? 53   ALA A CB    1 
ATOM   458  N N     . SER A 1 54  ? -4.759  1.305   -18.036 1.00 14.28 ? 54   SER A N     1 
ATOM   459  C CA    . SER A 1 54  ? -4.433  1.964   -16.775 1.00 13.64 ? 54   SER A CA    1 
ATOM   460  C C     . SER A 1 54  ? -5.434  3.033   -16.372 1.00 15.05 ? 54   SER A C     1 
ATOM   461  O O     . SER A 1 54  ? -5.740  3.946   -17.155 1.00 15.14 ? 54   SER A O     1 
ATOM   462  C CB    . SER A 1 54  ? -3.046  2.587   -16.878 1.00 13.93 ? 54   SER A CB    1 
ATOM   463  O OG    . SER A 1 54  ? -2.706  3.266   -15.686 1.00 20.61 ? 54   SER A OG    1 
ATOM   464  N N     . LYS A 1 55  ? -5.913  2.946   -15.131 1.00 13.17 ? 55   LYS A N     1 
ATOM   465  C CA    . LYS A 1 55  ? -6.854  3.928   -14.623 1.00 14.06 ? 55   LYS A CA    1 
ATOM   466  C C     . LYS A 1 55  ? -6.723  3.971   -13.104 1.00 14.84 ? 55   LYS A C     1 
ATOM   467  O O     . LYS A 1 55  ? -6.700  2.919   -12.464 1.00 15.01 ? 55   LYS A O     1 
ATOM   468  C CB    . LYS A 1 55  ? -8.281  3.504   -14.988 1.00 14.76 ? 55   LYS A CB    1 
ATOM   469  C CG    . LYS A 1 55  ? -9.327  4.533   -14.651 1.00 20.61 ? 55   LYS A CG    1 
ATOM   470  C CD    . LYS A 1 55  ? -10.662 4.140   -15.235 1.00 24.46 ? 55   LYS A CD    1 
ATOM   471  C CE    . LYS A 1 55  ? -11.504 3.336   -14.266 1.00 27.12 ? 55   LYS A CE    1 
ATOM   472  N NZ    . LYS A 1 55  ? -12.782 2.910   -14.899 1.00 27.22 ? 55   LYS A NZ    1 
ATOM   473  N N     . ASN A 1 56  ? -6.673  5.177   -12.541 1.00 14.72 ? 56   ASN A N     1 
ATOM   474  C CA    . ASN A 1 56  ? -6.729  5.314   -11.077 1.00 12.97 ? 56   ASN A CA    1 
ATOM   475  C C     . ASN A 1 56  ? -8.136  5.066   -10.555 1.00 12.59 ? 56   ASN A C     1 
ATOM   476  O O     . ASN A 1 56  ? -9.107  5.577   -11.110 1.00 15.34 ? 56   ASN A O     1 
ATOM   477  C CB    . ASN A 1 56  ? -6.188  6.677   -10.638 1.00 13.72 ? 56   ASN A CB    1 
ATOM   478  C CG    . ASN A 1 56  ? -4.692  6.811   -10.881 1.00 16.76 ? 56   ASN A CG    1 
ATOM   479  O OD1   . ASN A 1 56  ? -4.000  5.824   -11.183 1.00 19.97 ? 56   ASN A OD1   1 
ATOM   480  N ND2   . ASN A 1 56  ? -4.181  8.031   -10.743 1.00 22.39 ? 56   ASN A ND2   1 
ATOM   481  N N     . VAL A 1 57  ? -8.252  4.237   -9.512  1.00 11.69 ? 57   VAL A N     1 
ATOM   482  C CA    . VAL A 1 57  ? -9.541  3.886   -8.936  1.00 12.20 ? 57   VAL A CA    1 
ATOM   483  C C     . VAL A 1 57  ? -9.504  4.111   -7.428  1.00 12.33 ? 57   VAL A C     1 
ATOM   484  O O     . VAL A 1 57  ? -8.601  3.628   -6.757  1.00 11.88 ? 57   VAL A O     1 
ATOM   485  C CB    . VAL A 1 57  ? -9.899  2.411   -9.207  1.00 12.16 ? 57   VAL A CB    1 
ATOM   486  C CG1   . VAL A 1 57  ? -11.198 2.036   -8.546  1.00 13.63 ? 57   VAL A CG1   1 
ATOM   487  C CG2   . VAL A 1 57  ? -10.002 2.176   -10.711 1.00 16.58 ? 57   VAL A CG2   1 
ATOM   488  N N     . LEU A 1 58  ? -10.500 4.831   -6.914  1.00 12.14 ? 58   LEU A N     1 
ATOM   489  C CA    . LEU A 1 58  ? -10.678 4.975   -5.459  1.00 10.96 ? 58   LEU A CA    1 
ATOM   490  C C     . LEU A 1 58  ? -11.584 3.864   -4.946  1.00 12.56 ? 58   LEU A C     1 
ATOM   491  O O     . LEU A 1 58  ? -12.652 3.621   -5.514  1.00 12.67 ? 58   LEU A O     1 
ATOM   492  C CB    . LEU A 1 58  ? -11.300 6.350   -5.159  1.00 11.97 ? 58   LEU A CB    1 
ATOM   493  C CG    . LEU A 1 58  ? -11.502 6.647   -3.669  1.00 13.50 ? 58   LEU A CG    1 
ATOM   494  C CD1   . LEU A 1 58  ? -10.175 6.871   -2.973  1.00 9.92  ? 58   LEU A CD1   1 
ATOM   495  C CD2   . LEU A 1 58  ? -12.425 7.837   -3.495  1.00 16.83 ? 58   LEU A CD2   1 
ATOM   496  N N     . THR A 1 59  ? -11.186 3.189   -3.870  1.00 11.09 ? 59   THR A N     1 
ATOM   497  C CA    . THR A 1 59  ? -12.006 2.079   -3.375  1.00 10.82 ? 59   THR A CA    1 
ATOM   498  C C     . THR A 1 59  ? -13.403 2.559   -2.996  1.00 13.14 ? 59   THR A C     1 
ATOM   499  O O     . THR A 1 59  ? -13.607 3.722   -2.638  1.00 13.34 ? 59   THR A O     1 
ATOM   500  C CB    . THR A 1 59  ? -11.384 1.397   -2.155  1.00 10.67 ? 59   THR A CB    1 
ATOM   501  O OG1   . THR A 1 59  ? -11.143 2.387   -1.139  1.00 11.64 ? 59   THR A OG1   1 
ATOM   502  C CG2   . THR A 1 59  ? -10.094 0.700   -2.547  1.00 9.56  ? 59   THR A CG2   1 
ATOM   503  N N     . THR A 1 60  ? -14.364 1.649   -3.068  1.00 13.55 ? 60   THR A N     1 
ATOM   504  C CA    . THR A 1 60  ? -15.741 2.022   -2.786  1.00 15.23 ? 60   THR A CA    1 
ATOM   505  C C     . THR A 1 60  ? -16.046 2.051   -1.284  1.00 15.72 ? 60   THR A C     1 
ATOM   506  O O     . THR A 1 60  ? -17.052 2.622   -0.858  1.00 16.77 ? 60   THR A O     1 
ATOM   507  C CB    . THR A 1 60  ? -16.726 1.079   -3.528  1.00 15.16 ? 60   THR A CB    1 
ATOM   508  O OG1   . THR A 1 60  ? -16.331 -0.287  -3.339  1.00 19.09 ? 60   THR A OG1   1 
ATOM   509  C CG2   . THR A 1 60  ? -16.731 1.381   -5.020  1.00 20.40 ? 60   THR A CG2   1 
ATOM   510  N N     . SER A 1 61  ? -15.196 1.401   -0.496  1.00 15.41 ? 61   SER A N     1 
ATOM   511  C CA    . SER A 1 61  ? -15.320 1.407   0.959   1.00 12.56 ? 61   SER A CA    1 
ATOM   512  C C     . SER A 1 61  ? -13.937 1.352   1.596   1.00 11.91 ? 61   SER A C     1 
ATOM   513  O O     . SER A 1 61  ? -12.913 1.390   0.913   1.00 11.76 ? 61   SER A O     1 
ATOM   514  C CB    . SER A 1 61  ? -16.186 0.252   1.473   1.00 11.66 ? 61   SER A CB    1 
ATOM   515  O OG    . SER A 1 61  ? -15.650 -0.983  1.066   1.00 16.39 ? 61   SER A OG    1 
ATOM   516  N N     . GLU A 1 62  ? -13.928 1.300   2.914   1.00 10.01 ? 62   GLU A N     1 
ATOM   517  C CA    . GLU A 1 62  ? -12.711 1.532   3.682   1.00 9.40  ? 62   GLU A CA    1 
ATOM   518  C C     . GLU A 1 62  ? -11.967 0.237   3.940   1.00 9.81  ? 62   GLU A C     1 
ATOM   519  O O     . GLU A 1 62  ? -12.575 -0.834  4.036   1.00 9.81  ? 62   GLU A O     1 
ATOM   520  C CB    . GLU A 1 62  ? -13.048 2.193   5.024   1.00 10.35 ? 62   GLU A CB    1 
ATOM   521  C CG    . GLU A 1 62  ? -13.785 3.531   4.920   1.00 14.20 ? 62   GLU A CG    1 
ATOM   522  C CD    . GLU A 1 62  ? -15.264 3.394   4.574   1.00 20.33 ? 62   GLU A CD    1 
ATOM   523  O OE1   . GLU A 1 62  ? -15.886 2.300   4.742   1.00 12.61 ? 62   GLU A OE1   1 
ATOM   524  O OE2   . GLU A 1 62  ? -15.805 4.418   4.099   1.00 24.85 ? 62   GLU A OE2   1 
ATOM   525  N N     . PHE A 1 63  ? -10.654 0.365   4.054   1.00 8.63  ? 63   PHE A N     1 
ATOM   526  C CA    . PHE A 1 63  ? -9.757  -0.723  4.487   1.00 9.08  ? 63   PHE A CA    1 
ATOM   527  C C     . PHE A 1 63  ? -8.889  -0.248  5.659   1.00 9.48  ? 63   PHE A C     1 
ATOM   528  O O     . PHE A 1 63  ? -8.738  0.956   5.908   1.00 10.11 ? 63   PHE A O     1 
ATOM   529  C CB    . PHE A 1 63  ? -8.812  -1.161  3.344   1.00 9.05  ? 63   PHE A CB    1 
ATOM   530  C CG    . PHE A 1 63  ? -9.481  -1.919  2.222   1.00 9.51  ? 63   PHE A CG    1 
ATOM   531  C CD1   . PHE A 1 63  ? -10.364 -1.280  1.344   1.00 10.57 ? 63   PHE A CD1   1 
ATOM   532  C CD2   . PHE A 1 63  ? -9.200  -3.269  2.031   1.00 10.17 ? 63   PHE A CD2   1 
ATOM   533  C CE1   . PHE A 1 63  ? -10.969 -1.976  0.293   1.00 14.45 ? 63   PHE A CE1   1 
ATOM   534  C CE2   . PHE A 1 63  ? -9.807  -3.978  0.997   1.00 9.94  ? 63   PHE A CE2   1 
ATOM   535  C CZ    . PHE A 1 63  ? -10.692 -3.328  0.122   1.00 12.12 ? 63   PHE A CZ    1 
ATOM   536  N N     . TYR A 1 64  ? -8.281  -1.218  6.343   1.00 9.48  ? 64   TYR A N     1 
ATOM   537  C CA    . TYR A 1 64  ? -7.332  -0.963  7.427   1.00 9.49  ? 64   TYR A CA    1 
ATOM   538  C C     . TYR A 1 64  ? -5.982  -0.659  6.808   1.00 9.72  ? 64   TYR A C     1 
ATOM   539  O O     . TYR A 1 64  ? -5.468  -1.438  5.985   1.00 10.69 ? 64   TYR A O     1 
ATOM   540  C CB    . TYR A 1 64  ? -7.230  -2.174  8.339   1.00 9.58  ? 64   TYR A CB    1 
ATOM   541  C CG    . TYR A 1 64  ? -6.713  -1.849  9.729   1.00 13.96 ? 64   TYR A CG    1 
ATOM   542  C CD1   . TYR A 1 64  ? -5.385  -1.448  9.926   1.00 13.82 ? 64   TYR A CD1   1 
ATOM   543  C CD2   . TYR A 1 64  ? -7.541  -1.944  10.840  1.00 9.95  ? 64   TYR A CD2   1 
ATOM   544  C CE1   . TYR A 1 64  ? -4.898  -1.150  11.202  1.00 13.58 ? 64   TYR A CE1   1 
ATOM   545  C CE2   . TYR A 1 64  ? -7.053  -1.659  12.131  1.00 9.99  ? 64   TYR A CE2   1 
ATOM   546  C CZ    . TYR A 1 64  ? -5.738  -1.247  12.291  1.00 12.57 ? 64   TYR A CZ    1 
ATOM   547  O OH    . TYR A 1 64  ? -5.253  -0.969  13.551  1.00 16.20 ? 64   TYR A OH    1 
ATOM   548  N N     . LEU A 1 65  ? -5.420  0.475   7.213   1.00 8.92  ? 65   LEU A N     1 
ATOM   549  C CA    . LEU A 1 65  ? -4.145  0.941   6.656   1.00 8.64  ? 65   LEU A CA    1 
ATOM   550  C C     . LEU A 1 65  ? -3.099  1.115   7.734   1.00 9.16  ? 65   LEU A C     1 
ATOM   551  O O     . LEU A 1 65  ? -3.389  1.640   8.815   1.00 10.18 ? 65   LEU A O     1 
ATOM   552  C CB    . LEU A 1 65  ? -4.366  2.288   5.957   1.00 9.31  ? 65   LEU A CB    1 
ATOM   553  C CG    . LEU A 1 65  ? -5.382  2.267   4.809   1.00 10.61 ? 65   LEU A CG    1 
ATOM   554  C CD1   . LEU A 1 65  ? -5.578  3.669   4.303   1.00 14.31 ? 65   LEU A CD1   1 
ATOM   555  C CD2   . LEU A 1 65  ? -4.963  1.346   3.656   1.00 10.69 ? 65   LEU A CD2   1 
ATOM   556  N N     . SER A 1 66  ? -1.859  0.709   7.433   1.00 8.41  ? 66   SER A N     1 
ATOM   557  C CA    . SER A 1 66  ? -0.732  0.903   8.344   1.00 9.85  ? 66   SER A CA    1 
ATOM   558  C C     . SER A 1 66  ? 0.348   1.679   7.609   1.00 10.14 ? 66   SER A C     1 
ATOM   559  O O     . SER A 1 66  ? 0.929   1.169   6.643   1.00 11.55 ? 66   SER A O     1 
ATOM   560  C CB    . SER A 1 66  ? -0.174  -0.456  8.775   1.00 10.17 ? 66   SER A CB    1 
ATOM   561  O OG    . SER A 1 66  ? -1.150  -1.156  9.569   1.00 12.83 ? 66   SER A OG    1 
ATOM   562  N N     . ASP A 1 67  ? 0.590   2.906   8.054   1.00 10.53 ? 67   ASP A N     1 
ATOM   563  C CA    . ASP A 1 67  ? 1.526   3.804   7.393   1.00 11.13 ? 67   ASP A CA    1 
ATOM   564  C C     . ASP A 1 67  ? 2.832   3.837   8.165   1.00 9.91  ? 67   ASP A C     1 
ATOM   565  O O     . ASP A 1 67  ? 2.823   3.932   9.387   1.00 10.57 ? 67   ASP A O     1 
ATOM   566  C CB    . ASP A 1 67  ? 0.930   5.202   7.361   1.00 12.66 ? 67   ASP A CB    1 
ATOM   567  C CG    . ASP A 1 67  ? -0.003  5.389   6.207   1.00 19.40 ? 67   ASP A CG    1 
ATOM   568  O OD1   . ASP A 1 67  ? 0.491   5.717   5.119   1.00 21.84 ? 67   ASP A OD1   1 
ATOM   569  O OD2   . ASP A 1 67  ? -1.220  5.187   6.385   1.00 26.35 ? 67   ASP A OD2   1 
ATOM   570  N N     . CYS A 1 68  ? 3.954   3.761   7.446   1.00 8.90  ? 68   CYS A N     1 
ATOM   571  C CA    . CYS A 1 68  ? 5.259   4.006   8.034   1.00 8.52  ? 68   CYS A CA    1 
ATOM   572  C C     . CYS A 1 68  ? 5.719   5.384   7.585   1.00 9.33  ? 68   CYS A C     1 
ATOM   573  O O     . CYS A 1 68  ? 5.903   5.593   6.385   1.00 9.77  ? 68   CYS A O     1 
ATOM   574  C CB    . CYS A 1 68  ? 6.281   3.001   7.527   1.00 7.87  ? 68   CYS A CB    1 
ATOM   575  S SG    . CYS A 1 68  ? 5.931   1.317   8.134   1.00 11.88 ? 68   CYS A SG    1 
ATOM   576  N N     . ASN A 1 69  ? 5.861   6.296   8.536   1.00 10.08 ? 69   ASN A N     1 
ATOM   577  C CA    . ASN A 1 69  ? 6.264   7.679   8.258   1.00 13.26 ? 69   ASN A CA    1 
ATOM   578  C C     . ASN A 1 69  ? 7.618   7.997   8.882   1.00 13.58 ? 69   ASN A C     1 
ATOM   579  O O     . ASN A 1 69  ? 7.805   7.835   10.087  1.00 12.98 ? 69   ASN A O     1 
ATOM   580  C CB    . ASN A 1 69  ? 5.219   8.639   8.807   1.00 14.23 ? 69   ASN A CB    1 
ATOM   581  C CG    . ASN A 1 69  ? 3.877   8.485   8.137   1.00 20.91 ? 69   ASN A CG    1 
ATOM   582  O OD1   . ASN A 1 69  ? 3.777   8.516   6.910   1.00 26.04 ? 69   ASN A OD1   1 
ATOM   583  N ND2   . ASN A 1 69  ? 2.834   8.329   8.938   1.00 24.27 ? 69   ASN A ND2   1 
ATOM   584  N N     . VAL A 1 70  ? 8.577   8.435   8.073   1.00 13.73 ? 70   VAL A N     1 
ATOM   585  C CA    . VAL A 1 70  ? 9.911   8.638   8.633   1.00 13.03 ? 70   VAL A CA    1 
ATOM   586  C C     . VAL A 1 70  ? 9.979   9.833   9.603   1.00 12.76 ? 70   VAL A C     1 
ATOM   587  O O     . VAL A 1 70  ? 9.338   10.870  9.420   1.00 14.18 ? 70   VAL A O     1 
ATOM   588  C CB    . VAL A 1 70  ? 11.039  8.645   7.551   1.00 12.10 ? 70   VAL A CB    1 
ATOM   589  C CG1   . VAL A 1 70  ? 11.267  10.049  6.954   1.00 14.31 ? 70   VAL A CG1   1 
ATOM   590  C CG2   . VAL A 1 70  ? 12.314  8.077   8.130   1.00 12.08 ? 70   VAL A CG2   1 
ATOM   591  N N     . THR A 1 71  ? 10.759  9.664   10.646  1.00 11.76 ? 71   THR A N     1 
ATOM   592  C CA    . THR A 1 71  ? 11.053  10.761  11.564  1.00 11.86 ? 71   THR A CA    1 
ATOM   593  C C     . THR A 1 71  ? 12.249  11.531  11.005  1.00 11.73 ? 71   THR A C     1 
ATOM   594  O O     . THR A 1 71  ? 12.759  11.219  9.927   1.00 13.36 ? 71   THR A O     1 
ATOM   595  C CB    . THR A 1 71  ? 11.410  10.199  12.955  1.00 11.05 ? 71   THR A CB    1 
ATOM   596  O OG1   . THR A 1 71  ? 12.675  9.531   12.899  1.00 13.96 ? 71   THR A OG1   1 
ATOM   597  C CG2   . THR A 1 71  ? 10.343  9.204   13.455  1.00 12.03 ? 71   THR A CG2   1 
ATOM   598  N N     . SER A 1 72  ? 12.722  12.536  11.730  1.00 13.04 ? 72   SER A N     1 
ATOM   599  C CA    . SER A 1 72  ? 13.917  13.267  11.281  1.00 12.71 ? 72   SER A CA    1 
ATOM   600  C C     . SER A 1 72  ? 15.235  12.501  11.526  1.00 13.82 ? 72   SER A C     1 
ATOM   601  O O     . SER A 1 72  ? 16.297  12.963  11.116  1.00 14.10 ? 72   SER A O     1 
ATOM   602  C CB    . SER A 1 72  ? 13.935  14.690  11.885  1.00 13.68 ? 72   SER A CB    1 
ATOM   603  O OG    . SER A 1 72  ? 13.723  14.623  13.250  1.00 15.97 ? 72   SER A OG    1 
ATOM   604  N N     . ARG A 1 73  ? 15.167  11.331  12.171  1.00 12.73 ? 73   ARG A N     1 
ATOM   605  C CA    . ARG A 1 73  ? 16.313  10.427  12.246  1.00 13.55 ? 73   ARG A CA    1 
ATOM   606  C C     . ARG A 1 73  ? 16.356  9.514   11.023  1.00 13.40 ? 73   ARG A C     1 
ATOM   607  O O     . ARG A 1 73  ? 15.376  8.823   10.755  1.00 14.11 ? 73   ARG A O     1 
ATOM   608  C CB    . ARG A 1 73  ? 16.247  9.556   13.486  1.00 14.14 ? 73   ARG A CB    1 
ATOM   609  C CG    . ARG A 1 73  ? 17.400  8.584   13.534  1.00 15.15 ? 73   ARG A CG    1 
ATOM   610  C CD    . ARG A 1 73  ? 17.475  7.871   14.861  1.00 21.50 ? 73   ARG A CD    1 
ATOM   611  N NE    . ARG A 1 73  ? 18.487  6.831   14.797  1.00 19.07 ? 73   ARG A NE    1 
ATOM   612  C CZ    . ARG A 1 73  ? 18.776  6.007   15.802  1.00 27.34 ? 73   ARG A CZ    1 
ATOM   613  N NH1   . ARG A 1 73  ? 18.117  6.104   16.953  1.00 27.67 ? 73   ARG A NH1   1 
ATOM   614  N NH2   . ARG A 1 73  ? 19.717  5.087   15.654  1.00 26.45 ? 73   ARG A NH2   1 
ATOM   615  N N     . PRO A 1 74  ? 17.482  9.509   10.281  1.00 13.08 ? 74   PRO A N     1 
ATOM   616  C CA    . PRO A 1 74  ? 17.561  8.713   9.053   1.00 12.14 ? 74   PRO A CA    1 
ATOM   617  C C     . PRO A 1 74  ? 17.027  7.286   9.198   1.00 11.08 ? 74   PRO A C     1 
ATOM   618  O O     . PRO A 1 74  ? 17.524  6.499   10.027  1.00 11.53 ? 74   PRO A O     1 
ATOM   619  C CB    . PRO A 1 74  ? 19.070  8.670   8.774   1.00 13.05 ? 74   PRO A CB    1 
ATOM   620  C CG    . PRO A 1 74  ? 19.543  10.023  9.287   1.00 14.39 ? 74   PRO A CG    1 
ATOM   621  C CD    . PRO A 1 74  ? 18.732  10.266  10.522  1.00 12.80 ? 74   PRO A CD    1 
ATOM   622  N N     . CYS A 1 75  ? 16.027  6.958   8.378   1.00 10.65 ? 75   CYS A N     1 
ATOM   623  C CA    . CYS A 1 75  ? 15.524  5.581   8.256   1.00 9.84  ? 75   CYS A CA    1 
ATOM   624  C C     . CYS A 1 75  ? 14.938  4.983   9.543   1.00 11.14 ? 75   CYS A C     1 
ATOM   625  O O     . CYS A 1 75  ? 14.913  3.777   9.704   1.00 10.33 ? 75   CYS A O     1 
ATOM   626  C CB    . CYS A 1 75  ? 16.594  4.657   7.644   1.00 11.64 ? 75   CYS A CB    1 
ATOM   627  S SG    . CYS A 1 75  ? 15.871  3.158   6.883   1.00 11.17 ? 75   CYS A SG    1 
ATOM   628  N N     . LYS A 1 76  ? 14.400  5.852   10.399  1.00 10.79 ? 76   LYS A N     1 
ATOM   629  C CA    . LYS A 1 76  ? 13.681  5.459   11.612  1.00 10.86 ? 76   LYS A CA    1 
ATOM   630  C C     . LYS A 1 76  ? 12.289  6.082   11.537  1.00 11.81 ? 76   LYS A C     1 
ATOM   631  O O     . LYS A 1 76  ? 12.150  7.278   11.249  1.00 12.27 ? 76   LYS A O     1 
ATOM   632  C CB    . LYS A 1 76  ? 14.438  5.927   12.860  1.00 12.93 ? 76   LYS A CB    1 
ATOM   633  C CG    . LYS A 1 76  ? 15.786  5.228   13.053  1.00 14.55 ? 76   LYS A CG    1 
ATOM   634  C CD    . LYS A 1 76  ? 15.663  3.706   13.228  1.00 19.25 ? 76   LYS A CD    1 
ATOM   635  C CE    . LYS A 1 76  ? 17.020  3.020   13.397  1.00 24.93 ? 76   LYS A CE    1 
ATOM   636  N NZ    . LYS A 1 76  ? 17.862  3.133   12.183  1.00 31.49 ? 76   LYS A NZ    1 
ATOM   637  N N     . TYR A 1 77  ? 11.283  5.243   11.768  1.00 11.04 ? 77   TYR A N     1 
ATOM   638  C CA    . TYR A 1 77  ? 9.902   5.538   11.426  1.00 11.11 ? 77   TYR A CA    1 
ATOM   639  C C     . TYR A 1 77  ? 8.955   5.546   12.630  1.00 11.29 ? 77   TYR A C     1 
ATOM   640  O O     . TYR A 1 77  ? 9.294   5.029   13.718  1.00 12.52 ? 77   TYR A O     1 
ATOM   641  C CB    . TYR A 1 77  ? 9.410   4.467   10.428  1.00 8.62  ? 77   TYR A CB    1 
ATOM   642  C CG    . TYR A 1 77  ? 10.185  4.512   9.137   1.00 9.63  ? 77   TYR A CG    1 
ATOM   643  C CD1   . TYR A 1 77  ? 11.411  3.852   9.027   1.00 12.92 ? 77   TYR A CD1   1 
ATOM   644  C CD2   . TYR A 1 77  ? 9.718   5.230   8.042   1.00 11.33 ? 77   TYR A CD2   1 
ATOM   645  C CE1   . TYR A 1 77  ? 12.149  3.896   7.847   1.00 9.98  ? 77   TYR A CE1   1 
ATOM   646  C CE2   . TYR A 1 77  ? 10.448  5.277   6.856   1.00 11.81 ? 77   TYR A CE2   1 
ATOM   647  C CZ    . TYR A 1 77  ? 11.667  4.608   6.779   1.00 11.59 ? 77   TYR A CZ    1 
ATOM   648  O OH    . TYR A 1 77  ? 12.433  4.644   5.639   1.00 10.83 ? 77   TYR A OH    1 
ATOM   649  N N     . LYS A 1 78  ? 7.770   6.105   12.408  1.00 9.74  ? 78   LYS A N     1 
ATOM   650  C CA    . LYS A 1 78  ? 6.628   5.881   13.315  1.00 11.12 ? 78   LYS A CA    1 
ATOM   651  C C     . LYS A 1 78  ? 5.506   5.224   12.541  1.00 11.62 ? 78   LYS A C     1 
ATOM   652  O O     . LYS A 1 78  ? 5.263   5.554   11.381  1.00 12.67 ? 78   LYS A O     1 
ATOM   653  C CB    . LYS A 1 78  ? 6.106   7.185   13.935  1.00 12.50 ? 78   LYS A CB    1 
ATOM   654  C CG    . LYS A 1 78  ? 7.034   7.835   14.994  1.00 16.55 ? 78   LYS A CG    1 
ATOM   655  C CD    . LYS A 1 78  ? 7.298   6.893   16.179  1.00 24.68 ? 78   LYS A CD    1 
ATOM   656  C CE    . LYS A 1 78  ? 8.479   7.382   17.019  1.00 27.52 ? 78   LYS A CE    1 
ATOM   657  N NZ    . LYS A 1 78  ? 8.708   6.509   18.201  1.00 30.43 ? 78   LYS A NZ    1 
ATOM   658  N N     . LEU A 1 79  ? 4.833   4.288   13.195  1.00 9.90  ? 79   LEU A N     1 
ATOM   659  C CA    . LEU A 1 79  ? 3.722   3.585   12.600  1.00 9.29  ? 79   LEU A CA    1 
ATOM   660  C C     . LEU A 1 79  ? 2.417   4.309   12.922  1.00 9.96  ? 79   LEU A C     1 
ATOM   661  O O     . LEU A 1 79  ? 2.189   4.690   14.077  1.00 11.29 ? 79   LEU A O     1 
ATOM   662  C CB    . LEU A 1 79  ? 3.668   2.176   13.201  1.00 11.03 ? 79   LEU A CB    1 
ATOM   663  C CG    . LEU A 1 79  ? 2.426   1.335   12.906  1.00 10.65 ? 79   LEU A CG    1 
ATOM   664  C CD1   . LEU A 1 79  ? 2.401   0.938   11.448  1.00 10.57 ? 79   LEU A CD1   1 
ATOM   665  C CD2   . LEU A 1 79  ? 2.481   0.092   13.804  1.00 11.63 ? 79   LEU A CD2   1 
ATOM   666  N N     . LYS A 1 80  ? 1.561   4.446   11.918  1.00 10.57 ? 80   LYS A N     1 
ATOM   667  C CA    A LYS A 1 80  ? 0.222   4.990   12.121  0.50 11.38 ? 80   LYS A CA    1 
ATOM   668  C CA    B LYS A 1 80  ? 0.222   4.978   12.133  0.50 10.90 ? 80   LYS A CA    1 
ATOM   669  C C     . LYS A 1 80  ? -0.817  4.041   11.537  1.00 11.98 ? 80   LYS A C     1 
ATOM   670  O O     . LYS A 1 80  ? -0.749  3.705   10.353  1.00 13.95 ? 80   LYS A O     1 
ATOM   671  C CB    A LYS A 1 80  ? 0.097   6.360   11.460  0.50 11.98 ? 80   LYS A CB    1 
ATOM   672  C CB    B LYS A 1 80  ? 0.079   6.371   11.521  0.50 12.00 ? 80   LYS A CB    1 
ATOM   673  C CG    A LYS A 1 80  ? -1.142  7.146   11.889  0.50 16.15 ? 80   LYS A CG    1 
ATOM   674  C CG    B LYS A 1 80  ? -1.295  6.992   11.749  0.50 16.34 ? 80   LYS A CG    1 
ATOM   675  C CD    A LYS A 1 80  ? -1.305  8.444   11.092  0.50 13.26 ? 80   LYS A CD    1 
ATOM   676  C CD    B LYS A 1 80  ? -1.436  7.567   13.161  0.50 19.34 ? 80   LYS A CD    1 
ATOM   677  C CE    A LYS A 1 80  ? -0.118  9.373   11.244  0.50 16.68 ? 80   LYS A CE    1 
ATOM   678  C CE    B LYS A 1 80  ? -2.875  7.479   13.670  0.50 21.31 ? 80   LYS A CE    1 
ATOM   679  N NZ    A LYS A 1 80  ? -0.299  10.635  10.464  0.50 13.40 ? 80   LYS A NZ    1 
ATOM   680  N NZ    B LYS A 1 80  ? -3.892  7.610   12.583  0.50 18.91 ? 80   LYS A NZ    1 
ATOM   681  N N     . LYS A 1 81  ? -1.781  3.647   12.368  1.00 10.86 ? 81   LYS A N     1 
ATOM   682  C CA    . LYS A 1 81  ? -2.845  2.729   11.946  1.00 10.56 ? 81   LYS A CA    1 
ATOM   683  C C     . LYS A 1 81  ? -4.142  3.493   11.803  1.00 11.63 ? 81   LYS A C     1 
ATOM   684  O O     . LYS A 1 81  ? -4.489  4.300   12.672  1.00 11.87 ? 81   LYS A O     1 
ATOM   685  C CB    . LYS A 1 81  ? -3.012  1.613   12.987  1.00 10.41 ? 81   LYS A CB    1 
ATOM   686  C CG    . LYS A 1 81  ? -1.799  0.683   13.042  1.00 10.54 ? 81   LYS A CG    1 
ATOM   687  C CD    . LYS A 1 81  ? -1.903  -0.400  14.133  1.00 12.19 ? 81   LYS A CD    1 
ATOM   688  C CE    . LYS A 1 81  ? -1.604  0.134   15.498  1.00 14.79 ? 81   LYS A CE    1 
ATOM   689  N NZ    . LYS A 1 81  ? -1.633  -0.992  16.485  1.00 15.10 ? 81   LYS A NZ    1 
ATOM   690  N N     . SER A 1 82  ? -4.869  3.242   10.724  1.00 10.85 ? 82   SER A N     1 
ATOM   691  C CA    . SER A 1 82  ? -6.126  3.959   10.485  1.00 11.51 ? 82   SER A CA    1 
ATOM   692  C C     . SER A 1 82  ? -6.998  3.117   9.587   1.00 12.20 ? 82   SER A C     1 
ATOM   693  O O     . SER A 1 82  ? -6.583  2.031   9.162   1.00 13.87 ? 82   SER A O     1 
ATOM   694  C CB    . SER A 1 82  ? -5.853  5.296   9.802   1.00 13.23 ? 82   SER A CB    1 
ATOM   695  O OG    . SER A 1 82  ? -5.315  5.086   8.493   1.00 14.31 ? 82   SER A OG    1 
ATOM   696  N N     . THR A 1 83  ? -8.216  3.589   9.327   1.00 11.10 ? 83   THR A N     1 
ATOM   697  C CA    . THR A 1 83  ? -9.021  3.052   8.223   1.00 10.18 ? 83   THR A CA    1 
ATOM   698  C C     . THR A 1 83  ? -9.377  4.191   7.280   1.00 9.80  ? 83   THR A C     1 
ATOM   699  O O     . THR A 1 83  ? -9.572  5.325   7.707   1.00 10.28 ? 83   THR A O     1 
ATOM   700  C CB    . THR A 1 83  ? -10.317 2.343   8.673   1.00 10.77 ? 83   THR A CB    1 
ATOM   701  O OG1   . THR A 1 83  ? -11.112 3.232   9.473   1.00 12.60 ? 83   THR A OG1   1 
ATOM   702  C CG2   . THR A 1 83  ? -9.970  1.099   9.494   1.00 11.47 ? 83   THR A CG2   1 
ATOM   703  N N     . ASN A 1 84  ? -9.461  3.880   5.987   1.00 11.24 ? 84   ASN A N     1 
ATOM   704  C CA    . ASN A 1 84  ? -9.828  4.872   4.977   1.00 10.51 ? 84   ASN A CA    1 
ATOM   705  C C     . ASN A 1 84  ? -10.038 4.164   3.638   1.00 10.19 ? 84   ASN A C     1 
ATOM   706  O O     . ASN A 1 84  ? -9.627  3.029   3.444   1.00 8.98  ? 84   ASN A O     1 
ATOM   707  C CB    . ASN A 1 84  ? -8.716  5.919   4.836   1.00 8.82  ? 84   ASN A CB    1 
ATOM   708  C CG    . ASN A 1 84  ? -9.231  7.300   4.431   1.00 17.48 ? 84   ASN A CG    1 
ATOM   709  O OD1   . ASN A 1 84  ? -10.222 7.427   3.706   1.00 19.39 ? 84   ASN A OD1   1 
ATOM   710  N ND2   . ASN A 1 84  ? -8.540  8.348   4.896   1.00 18.13 ? 84   ASN A ND2   1 
ATOM   711  N N     . LYS A 1 85  ? -10.672 4.869   2.714   1.00 10.25 ? 85   LYS A N     1 
ATOM   712  C CA    . LYS A 1 85  ? -10.598 4.492   1.316   1.00 9.72  ? 85   LYS A CA    1 
ATOM   713  C C     . LYS A 1 85  ? -9.205  4.788   0.789   1.00 10.44 ? 85   LYS A C     1 
ATOM   714  O O     . LYS A 1 85  ? -8.466  5.604   1.347   1.00 9.76  ? 85   LYS A O     1 
ATOM   715  C CB    . LYS A 1 85  ? -11.590 5.312   0.509   1.00 10.59 ? 85   LYS A CB    1 
ATOM   716  C CG    . LYS A 1 85  ? -13.027 5.026   0.867   1.00 12.45 ? 85   LYS A CG    1 
ATOM   717  C CD    . LYS A 1 85  ? -13.944 5.926   0.046   1.00 18.58 ? 85   LYS A CD    1 
ATOM   718  C CE    . LYS A 1 85  ? -15.394 5.664   0.390   1.00 22.30 ? 85   LYS A CE    1 
ATOM   719  N NZ    . LYS A 1 85  ? -16.275 6.616   -0.349  1.00 30.20 ? 85   LYS A NZ    1 
ATOM   720  N N     . PHE A 1 86  ? -8.829  4.118   -0.288  1.00 9.84  ? 86   PHE A N     1 
ATOM   721  C CA    . PHE A 1 86  ? -7.551  4.448   -0.899  1.00 10.12 ? 86   PHE A CA    1 
ATOM   722  C C     . PHE A 1 86  ? -7.624  4.296   -2.402  1.00 11.39 ? 86   PHE A C     1 
ATOM   723  O O     . PHE A 1 86  ? -8.579  3.718   -2.933  1.00 11.07 ? 86   PHE A O     1 
ATOM   724  C CB    . PHE A 1 86  ? -6.415  3.625   -0.280  1.00 10.27 ? 86   PHE A CB    1 
ATOM   725  C CG    . PHE A 1 86  ? -6.517  2.143   -0.528  1.00 12.16 ? 86   PHE A CG    1 
ATOM   726  C CD1   . PHE A 1 86  ? -6.050  1.588   -1.713  1.00 9.24  ? 86   PHE A CD1   1 
ATOM   727  C CD2   . PHE A 1 86  ? -7.092  1.296   0.431   1.00 11.00 ? 86   PHE A CD2   1 
ATOM   728  C CE1   . PHE A 1 86  ? -6.132  0.201   -1.933  1.00 11.99 ? 86   PHE A CE1   1 
ATOM   729  C CE2   . PHE A 1 86  ? -7.211  -0.069  0.216   1.00 12.08 ? 86   PHE A CE2   1 
ATOM   730  C CZ    . PHE A 1 86  ? -6.726  -0.634  -0.961  1.00 11.25 ? 86   PHE A CZ    1 
ATOM   731  N N     . CYS A 1 87  ? -6.627  4.855   -3.071  1.00 11.08 ? 87   CYS A N     1 
ATOM   732  C CA    . CYS A 1 87  ? -6.630  4.936   -4.532  1.00 10.27 ? 87   CYS A CA    1 
ATOM   733  C C     . CYS A 1 87  ? -5.461  4.143   -5.050  1.00 9.74  ? 87   CYS A C     1 
ATOM   734  O O     . CYS A 1 87  ? -4.348  4.243   -4.508  1.00 10.50 ? 87   CYS A O     1 
ATOM   735  C CB    . CYS A 1 87  ? -6.523  6.401   -4.972  1.00 9.65  ? 87   CYS A CB    1 
ATOM   736  S SG    . CYS A 1 87  ? -6.512  6.561   -6.802  1.00 14.91 ? 87   CYS A SG    1 
ATOM   737  N N     . VAL A 1 88  ? -5.704  3.333   -6.085  1.00 9.55  ? 88   VAL A N     1 
ATOM   738  C CA    . VAL A 1 88  ? -4.626  2.582   -6.718  1.00 10.02 ? 88   VAL A CA    1 
ATOM   739  C C     . VAL A 1 88  ? -4.698  2.798   -8.225  1.00 10.29 ? 88   VAL A C     1 
ATOM   740  O O     . VAL A 1 88  ? -5.746  3.201   -8.737  1.00 11.29 ? 88   VAL A O     1 
ATOM   741  C CB    . VAL A 1 88  ? -4.729  1.054   -6.473  1.00 11.14 ? 88   VAL A CB    1 
ATOM   742  C CG1   . VAL A 1 88  ? -4.478  0.710   -5.017  1.00 12.32 ? 88   VAL A CG1   1 
ATOM   743  C CG2   . VAL A 1 88  ? -6.100  0.534   -6.929  1.00 12.40 ? 88   VAL A CG2   1 
ATOM   744  N N     . ASN A 1 89  ? -3.581  2.554   -8.908  1.00 10.32 ? 89   ASN A N     1 
ATOM   745  C CA    A ASN A 1 89  ? -3.560  2.463   -10.355 0.50 11.76 ? 89   ASN A CA    1 
ATOM   746  C CA    B ASN A 1 89  ? -3.618  2.463   -10.352 0.50 11.55 ? 89   ASN A CA    1 
ATOM   747  C C     . ASN A 1 89  ? -3.941  1.032   -10.735 1.00 12.03 ? 89   ASN A C     1 
ATOM   748  O O     . ASN A 1 89  ? -3.232  0.083   -10.342 1.00 11.29 ? 89   ASN A O     1 
ATOM   749  C CB    A ASN A 1 89  ? -2.149  2.808   -10.846 0.50 12.32 ? 89   ASN A CB    1 
ATOM   750  C CB    B ASN A 1 89  ? -2.304  2.892   -10.997 0.50 11.72 ? 89   ASN A CB    1 
ATOM   751  C CG    A ASN A 1 89  ? -1.930  2.535   -12.325 0.50 12.48 ? 89   ASN A CG    1 
ATOM   752  C CG    B ASN A 1 89  ? -2.388  2.915   -12.510 0.50 11.75 ? 89   ASN A CG    1 
ATOM   753  O OD1   A ASN A 1 89  ? -2.808  2.058   -13.045 0.50 10.81 ? 89   ASN A OD1   1 
ATOM   754  O OD1   B ASN A 1 89  ? -1.614  2.252   -13.199 0.50 13.98 ? 89   ASN A OD1   1 
ATOM   755  N ND2   A ASN A 1 89  ? -0.725  2.843   -12.785 0.50 14.65 ? 89   ASN A ND2   1 
ATOM   756  N ND2   B ASN A 1 89  ? -3.347  3.668   -13.035 0.50 9.17  ? 89   ASN A ND2   1 
ATOM   757  N N     . CYS A 1 90  ? -5.044  0.876   -11.468 1.00 11.59 ? 90   CYS A N     1 
ATOM   758  C CA    . CYS A 1 90  ? -5.479  -0.430  -11.958 1.00 11.98 ? 90   CYS A CA    1 
ATOM   759  C C     . CYS A 1 90  ? -5.004  -0.622  -13.377 1.00 12.85 ? 90   CYS A C     1 
ATOM   760  O O     . CYS A 1 90  ? -5.171  0.265   -14.205 1.00 13.38 ? 90   CYS A O     1 
ATOM   761  C CB    . CYS A 1 90  ? -6.998  -0.519  -11.959 1.00 12.49 ? 90   CYS A CB    1 
ATOM   762  S SG    . CYS A 1 90  ? -7.750  -0.557  -10.339 1.00 12.80 ? 90   CYS A SG    1 
ATOM   763  N N     . ALA A 1 91  ? -4.420  -1.784  -13.651 1.00 11.97 ? 91   ALA A N     1 
ATOM   764  C CA    . ALA A 1 91  ? -4.011  -2.129  -15.033 1.00 13.58 ? 91   ALA A CA    1 
ATOM   765  C C     . ALA A 1 91  ? -4.097  -3.640  -15.185 1.00 14.34 ? 91   ALA A C     1 
ATOM   766  O O     . ALA A 1 91  ? -3.700  -4.371  -14.280 1.00 14.47 ? 91   ALA A O     1 
ATOM   767  C CB    . ALA A 1 91  ? -2.599  -1.624  -15.320 1.00 13.33 ? 91   ALA A CB    1 
ATOM   768  N N     . ASN A 1 92  ? -4.666  -4.122  -16.296 1.00 16.19 ? 92   ASN A N     1 
ATOM   769  C CA    . ASN A 1 92  ? -4.797  -5.567  -16.506 1.00 18.23 ? 92   ASN A CA    1 
ATOM   770  C C     . ASN A 1 92  ? -5.398  -6.277  -15.293 1.00 17.53 ? 92   ASN A C     1 
ATOM   771  O O     . ASN A 1 92  ? -4.925  -7.354  -14.877 1.00 17.09 ? 92   ASN A O     1 
ATOM   772  C CB    . ASN A 1 92  ? -3.435  -6.181  -16.856 1.00 19.44 ? 92   ASN A CB    1 
ATOM   773  C CG    . ASN A 1 92  ? -2.807  -5.545  -18.066 1.00 26.47 ? 92   ASN A CG    1 
ATOM   774  O OD1   . ASN A 1 92  ? -1.658  -5.096  -18.018 1.00 34.04 ? 92   ASN A OD1   1 
ATOM   775  N ND2   . ASN A 1 92  ? -3.563  -5.477  -19.161 1.00 31.36 ? 92   ASN A ND2   1 
ATOM   776  N N     . GLN A 1 93  ? -6.443  -5.661  -14.727 1.00 15.74 ? 93   GLN A N     1 
ATOM   777  C CA    . GLN A 1 93  ? -7.268  -6.258  -13.679 1.00 15.34 ? 93   GLN A CA    1 
ATOM   778  C C     . GLN A 1 93  ? -6.559  -6.451  -12.332 1.00 16.01 ? 93   GLN A C     1 
ATOM   779  O O     . GLN A 1 93  ? -6.986  -7.263  -11.514 1.00 15.95 ? 93   GLN A O     1 
ATOM   780  C CB    . GLN A 1 93  ? -7.914  -7.568  -14.170 1.00 16.45 ? 93   GLN A CB    1 
ATOM   781  C CG    . GLN A 1 93  ? -8.572  -7.436  -15.523 1.00 17.83 ? 93   GLN A CG    1 
ATOM   782  C CD    . GLN A 1 93  ? -9.650  -8.467  -15.738 1.00 25.20 ? 93   GLN A CD    1 
ATOM   783  O OE1   . GLN A 1 93  ? -10.551 -8.616  -14.918 1.00 21.12 ? 93   GLN A OE1   1 
ATOM   784  N NE2   . GLN A 1 93  ? -9.558  -9.196  -16.849 1.00 30.51 ? 93   GLN A NE2   1 
ATOM   785  N N     . ALA A 1 94  ? -5.495  -5.690  -12.088 1.00 15.55 ? 94   ALA A N     1 
ATOM   786  C CA    . ALA A 1 94  ? -4.817  -5.762  -10.787 1.00 15.12 ? 94   ALA A CA    1 
ATOM   787  C C     . ALA A 1 94  ? -4.302  -4.388  -10.386 1.00 14.21 ? 94   ALA A C     1 
ATOM   788  O O     . ALA A 1 94  ? -3.973  -3.562  -11.259 1.00 14.07 ? 94   ALA A O     1 
ATOM   789  C CB    . ALA A 1 94  ? -3.681  -6.763  -10.823 1.00 15.25 ? 94   ALA A CB    1 
ATOM   790  N N     . PRO A 1 95  ? -4.250  -4.114  -9.071  1.00 13.93 ? 95   PRO A N     1 
ATOM   791  C CA    . PRO A 1 95  ? -3.554  -2.910  -8.637  1.00 12.94 ? 95   PRO A CA    1 
ATOM   792  C C     . PRO A 1 95  ? -2.075  -3.032  -8.957  1.00 13.76 ? 95   PRO A C     1 
ATOM   793  O O     . PRO A 1 95  ? -1.449  -4.077  -8.668  1.00 14.35 ? 95   PRO A O     1 
ATOM   794  C CB    . PRO A 1 95  ? -3.765  -2.909  -7.118  1.00 13.46 ? 95   PRO A CB    1 
ATOM   795  C CG    . PRO A 1 95  ? -4.968  -3.747  -6.899  1.00 13.75 ? 95   PRO A CG    1 
ATOM   796  C CD    . PRO A 1 95  ? -4.846  -4.832  -7.933  1.00 12.98 ? 95   PRO A CD    1 
ATOM   797  N N     . VAL A 1 96  ? -1.513  -1.984  -9.565  1.00 11.91 ? 96   VAL A N     1 
ATOM   798  C CA    . VAL A 1 96  ? -0.087  -2.004  -9.876  1.00 11.55 ? 96   VAL A CA    1 
ATOM   799  C C     . VAL A 1 96  ? 0.699   -0.867  -9.258  1.00 12.64 ? 96   VAL A C     1 
ATOM   800  O O     . VAL A 1 96  ? 1.911   -0.910  -9.273  1.00 14.74 ? 96   VAL A O     1 
ATOM   801  C CB    . VAL A 1 96  ? 0.199   -2.055  -11.404 1.00 12.31 ? 96   VAL A CB    1 
ATOM   802  C CG1   . VAL A 1 96  ? -0.401  -3.329  -12.016 1.00 14.43 ? 96   VAL A CG1   1 
ATOM   803  C CG2   . VAL A 1 96  ? -0.358  -0.792  -12.094 1.00 11.21 ? 96   VAL A CG2   1 
ATOM   804  N N     . HIS A 1 97  ? 0.015   0.155   -8.744  1.00 11.72 ? 97   HIS A N     1 
ATOM   805  C CA    . HIS A 1 97  ? 0.679   1.218   -7.993  1.00 12.18 ? 97   HIS A CA    1 
ATOM   806  C C     . HIS A 1 97  ? -0.257  1.721   -6.915  1.00 11.21 ? 97   HIS A C     1 
ATOM   807  O O     . HIS A 1 97  ? -1.476  1.697   -7.092  1.00 13.13 ? 97   HIS A O     1 
ATOM   808  C CB    . HIS A 1 97  ? 1.058   2.401   -8.901  1.00 12.96 ? 97   HIS A CB    1 
ATOM   809  C CG    . HIS A 1 97  ? 2.290   2.163   -9.712  1.00 16.41 ? 97   HIS A CG    1 
ATOM   810  N ND1   . HIS A 1 97  ? 3.538   2.032   -9.147  1.00 19.24 ? 97   HIS A ND1   1 
ATOM   811  C CD2   . HIS A 1 97  ? 2.462   2.036   -11.048 1.00 17.65 ? 97   HIS A CD2   1 
ATOM   812  C CE1   . HIS A 1 97  ? 4.429   1.830   -10.102 1.00 21.35 ? 97   HIS A CE1   1 
ATOM   813  N NE2   . HIS A 1 97  ? 3.800   1.820   -11.262 1.00 21.26 ? 97   HIS A NE2   1 
ATOM   814  N N     . PHE A 1 98  ? 0.314   2.192   -5.803  1.00 10.57 ? 98   PHE A N     1 
ATOM   815  C CA    . PHE A 1 98  ? -0.471  2.830   -4.775  1.00 11.49 ? 98   PHE A CA    1 
ATOM   816  C C     . PHE A 1 98  ? -0.449  4.332   -5.026  1.00 13.12 ? 98   PHE A C     1 
ATOM   817  O O     . PHE A 1 98  ? 0.632   4.926   -5.116  1.00 15.42 ? 98   PHE A O     1 
ATOM   818  C CB    . PHE A 1 98  ? 0.101   2.515   -3.392  1.00 12.84 ? 98   PHE A CB    1 
ATOM   819  C CG    . PHE A 1 98  ? -0.837  2.852   -2.269  1.00 11.95 ? 98   PHE A CG    1 
ATOM   820  C CD1   . PHE A 1 98  ? -0.832  4.123   -1.697  1.00 12.09 ? 98   PHE A CD1   1 
ATOM   821  C CD2   . PHE A 1 98  ? -1.729  1.891   -1.780  1.00 13.52 ? 98   PHE A CD2   1 
ATOM   822  C CE1   . PHE A 1 98  ? -1.719  4.455   -0.654  1.00 13.63 ? 98   PHE A CE1   1 
ATOM   823  C CE2   . PHE A 1 98  ? -2.608  2.207   -0.755  1.00 16.02 ? 98   PHE A CE2   1 
ATOM   824  C CZ    . PHE A 1 98  ? -2.605  3.480   -0.183  1.00 15.21 ? 98   PHE A CZ    1 
ATOM   825  N N     . VAL A 1 99  ? -1.628  4.941   -5.127  1.00 12.41 ? 99   VAL A N     1 
ATOM   826  C CA    . VAL A 1 99  ? -1.724  6.371   -5.456  1.00 12.62 ? 99   VAL A CA    1 
ATOM   827  C C     . VAL A 1 99  ? -1.856  7.254   -4.225  1.00 14.26 ? 99   VAL A C     1 
ATOM   828  O O     . VAL A 1 99  ? -1.100  8.220   -4.055  1.00 15.42 ? 99   VAL A O     1 
ATOM   829  C CB    . VAL A 1 99  ? -2.851  6.641   -6.470  1.00 12.84 ? 99   VAL A CB    1 
ATOM   830  C CG1   . VAL A 1 99  ? -3.082  8.155   -6.685  1.00 14.25 ? 99   VAL A CG1   1 
ATOM   831  C CG2   . VAL A 1 99  ? -2.486  5.959   -7.768  1.00 13.94 ? 99   VAL A CG2   1 
ATOM   832  N N     . GLY A 1 100 ? -2.810  6.926   -3.375  1.00 13.41 ? 100  GLY A N     1 
ATOM   833  C CA    . GLY A 1 100 ? -2.981  7.722   -2.175  1.00 13.48 ? 100  GLY A CA    1 
ATOM   834  C C     . GLY A 1 100 ? -4.027  7.202   -1.241  1.00 13.43 ? 100  GLY A C     1 
ATOM   835  O O     . GLY A 1 100 ? -4.721  6.226   -1.535  1.00 13.48 ? 100  GLY A O     1 
ATOM   836  N N     . VAL A 1 101 ? -4.122  7.857   -0.094  1.00 12.16 ? 101  VAL A N     1 
ATOM   837  C CA    . VAL A 1 101 ? -5.160  7.539   0.869   1.00 12.40 ? 101  VAL A CA    1 
ATOM   838  C C     . VAL A 1 101 ? -6.245  8.599   0.819   1.00 13.27 ? 101  VAL A C     1 
ATOM   839  O O     . VAL A 1 101 ? -5.940  9.794   0.752   1.00 12.15 ? 101  VAL A O     1 
ATOM   840  C CB    . VAL A 1 101 ? -4.572  7.493   2.293   1.00 13.36 ? 101  VAL A CB    1 
ATOM   841  C CG1   . VAL A 1 101 ? -5.660  7.225   3.299   1.00 16.28 ? 101  VAL A CG1   1 
ATOM   842  C CG2   . VAL A 1 101 ? -3.482  6.420   2.391   1.00 14.76 ? 101  VAL A CG2   1 
ATOM   843  N N     . GLY A 1 102 ? -7.505  8.163   0.855   1.00 12.66 ? 102  GLY A N     1 
ATOM   844  C CA    . GLY A 1 102 ? -8.652  9.091   0.919   1.00 14.15 ? 102  GLY A CA    1 
ATOM   845  C C     . GLY A 1 102 ? -9.053  9.682   -0.416  1.00 15.03 ? 102  GLY A C     1 
ATOM   846  O O     . GLY A 1 102 ? -10.212 10.030  -0.619  1.00 15.31 ? 102  GLY A O     1 
ATOM   847  N N     . SER A 1 103 ? -8.108  9.768   -1.344  1.00 15.02 ? 103  SER A N     1 
ATOM   848  C CA    . SER A 1 103 ? -8.385  10.382  -2.644  1.00 16.48 ? 103  SER A CA    1 
ATOM   849  C C     . SER A 1 103 ? -7.371  9.927   -3.678  1.00 17.10 ? 103  SER A C     1 
ATOM   850  O O     . SER A 1 103 ? -6.236  9.547   -3.335  1.00 18.61 ? 103  SER A O     1 
ATOM   851  C CB    . SER A 1 103 ? -8.300  11.904  -2.513  1.00 17.18 ? 103  SER A CB    1 
ATOM   852  O OG    . SER A 1 103 ? -8.611  12.536  -3.744  1.00 24.66 ? 103  SER A OG    1 
ATOM   853  N N     . CYS A 1 104 ? -7.760  9.999   -4.950  1.00 18.65 ? 104  CYS A N     1 
ATOM   854  C CA    . CYS A 1 104 ? -6.792  9.814   -6.028  1.00 20.05 ? 104  CYS A CA    1 
ATOM   855  C C     . CYS A 1 104 ? -5.970  11.087  -6.211  1.00 22.74 ? 104  CYS A C     1 
ATOM   856  O O     . CYS A 1 104 ? -5.057  11.167  -7.037  1.00 23.90 ? 104  CYS A O     1 
ATOM   857  C CB    . CYS A 1 104 ? -7.496  9.398   -7.319  1.00 19.97 ? 104  CYS A CB    1 
ATOM   858  S SG    . CYS A 1 104 ? -8.159  7.705   -7.229  1.00 19.47 ? 104  CYS A SG    1 
ATOM   859  O OXT   . CYS A 1 104 ? -6.193  12.075  -5.505  1.00 23.95 ? 104  CYS A OXT   1 
HETATM 860  P P     . AMP B 2 .   ? 9.298   2.793   -5.948  1.00 72.95 ? 940  AMP A P     1 
HETATM 861  O O1P   . AMP B 2 .   ? 9.485   1.894   -7.151  1.00 72.43 ? 940  AMP A O1P   1 
HETATM 862  O O2P   . AMP B 2 .   ? 10.571  3.465   -5.466  1.00 70.17 ? 940  AMP A O2P   1 
HETATM 863  O O3P   . AMP B 2 .   ? 8.433   2.185   -4.865  1.00 71.13 ? 940  AMP A O3P   1 
HETATM 864  O "O5'" . AMP B 2 .   ? 8.390   3.993   -6.520  1.00 67.56 ? 940  AMP A "O5'" 1 
HETATM 865  C "C5'" . AMP B 2 .   ? 7.882   5.008   -5.655  1.00 62.24 ? 940  AMP A "C5'" 1 
HETATM 866  C "C4'" . AMP B 2 .   ? 8.161   6.349   -6.308  1.00 56.90 ? 940  AMP A "C4'" 1 
HETATM 867  O "O4'" . AMP B 2 .   ? 7.666   6.322   -7.649  1.00 53.56 ? 940  AMP A "O4'" 1 
HETATM 868  C "C3'" . AMP B 2 .   ? 7.446   7.486   -5.599  1.00 56.08 ? 940  AMP A "C3'" 1 
HETATM 869  O "O3'" . AMP B 2 .   ? 8.301   8.149   -4.660  1.00 58.04 ? 940  AMP A "O3'" 1 
HETATM 870  C "C2'" . AMP B 2 .   ? 7.006   8.412   -6.714  1.00 53.51 ? 940  AMP A "C2'" 1 
HETATM 871  O "O2'" . AMP B 2 .   ? 7.862   9.561   -6.814  1.00 55.95 ? 940  AMP A "O2'" 1 
HETATM 872  C "C1'" . AMP B 2 .   ? 7.093   7.584   -7.987  1.00 47.74 ? 940  AMP A "C1'" 1 
HETATM 873  N N9    . AMP B 2 .   ? 5.718   7.460   -8.529  1.00 44.72 ? 940  AMP A N9    1 
HETATM 874  C C8    . AMP B 2 .   ? 4.809   6.494   -8.270  1.00 41.95 ? 940  AMP A C8    1 
HETATM 875  N N7    . AMP B 2 .   ? 3.653   6.731   -8.949  1.00 42.58 ? 940  AMP A N7    1 
HETATM 876  C C5    . AMP B 2 .   ? 3.822   7.873   -9.654  1.00 42.10 ? 940  AMP A C5    1 
HETATM 877  C C6    . AMP B 2 .   ? 3.014   8.703   -10.586 1.00 42.76 ? 940  AMP A C6    1 
HETATM 878  N N6    . AMP B 2 .   ? 1.747   8.360   -10.915 1.00 43.46 ? 940  AMP A N6    1 
HETATM 879  N N1    . AMP B 2 .   ? 3.579   9.821   -11.099 1.00 43.02 ? 940  AMP A N1    1 
HETATM 880  C C2    . AMP B 2 .   ? 4.838   10.192  -10.792 1.00 42.69 ? 940  AMP A C2    1 
HETATM 881  N N3    . AMP B 2 .   ? 5.631   9.494   -9.959  1.00 41.10 ? 940  AMP A N3    1 
HETATM 882  C C4    . AMP B 2 .   ? 5.183   8.349   -9.369  1.00 42.84 ? 940  AMP A C4    1 
HETATM 883  P P     . AMP C 2 .   ? 4.553   2.504   -5.649  1.00 18.47 ? 941  AMP A P     1 
HETATM 884  O O1P   . AMP C 2 .   ? 5.478   2.294   -6.817  1.00 25.57 ? 941  AMP A O1P   1 
HETATM 885  O O2P   . AMP C 2 .   ? 5.158   2.077   -4.340  1.00 23.36 ? 941  AMP A O2P   1 
HETATM 886  O O3P   . AMP C 2 .   ? 3.158   1.968   -5.876  1.00 23.01 ? 941  AMP A O3P   1 
HETATM 887  O "O5'" . AMP C 2 .   ? 4.429   4.088   -5.560  1.00 23.08 ? 941  AMP A "O5'" 1 
HETATM 888  C "C5'" . AMP C 2 .   ? 3.832   4.588   -4.385  1.00 27.45 ? 941  AMP A "C5'" 1 
HETATM 889  C "C4'" . AMP C 2 .   ? 4.319   6.003   -4.208  1.00 26.49 ? 941  AMP A "C4'" 1 
HETATM 890  O "O4'" . AMP C 2 .   ? 4.133   6.757   -5.418  1.00 23.86 ? 941  AMP A "O4'" 1 
HETATM 891  C "C3'" . AMP C 2 .   ? 3.470   6.624   -3.129  1.00 27.03 ? 941  AMP A "C3'" 1 
HETATM 892  O "O3'" . AMP C 2 .   ? 4.362   7.257   -2.219  1.00 26.34 ? 941  AMP A "O3'" 1 
HETATM 893  C "C2'" . AMP C 2 .   ? 2.618   7.615   -3.895  1.00 22.46 ? 941  AMP A "C2'" 1 
HETATM 894  O "O2'" . AMP C 2 .   ? 2.249   8.726   -3.085  1.00 23.75 ? 941  AMP A "O2'" 1 
HETATM 895  C "C1'" . AMP C 2 .   ? 3.529   7.993   -5.056  1.00 23.18 ? 941  AMP A "C1'" 1 
HETATM 896  N N9    . AMP C 2 .   ? 2.751   8.617   -6.146  1.00 23.48 ? 941  AMP A N9    1 
HETATM 897  C C8    . AMP C 2 .   ? 1.608   8.160   -6.705  1.00 24.06 ? 941  AMP A C8    1 
HETATM 898  N N7    . AMP C 2 .   ? 1.154   9.018   -7.664  1.00 22.96 ? 941  AMP A N7    1 
HETATM 899  C C5    . AMP C 2 .   ? 2.029   10.045  -7.717  1.00 23.43 ? 941  AMP A C5    1 
HETATM 900  C C6    . AMP C 2 .   ? 2.166   11.295  -8.505  1.00 25.57 ? 941  AMP A C6    1 
HETATM 901  N N6    . AMP C 2 .   ? 1.243   11.611  -9.439  1.00 26.80 ? 941  AMP A N6    1 
HETATM 902  N N1    . AMP C 2 .   ? 3.232   12.095  -8.252  1.00 23.60 ? 941  AMP A N1    1 
HETATM 903  C C2    . AMP C 2 .   ? 4.156   11.780  -7.320  1.00 25.20 ? 941  AMP A C2    1 
HETATM 904  N N3    . AMP C 2 .   ? 4.093   10.656  -6.563  1.00 24.70 ? 941  AMP A N3    1 
HETATM 905  C C4    . AMP C 2 .   ? 3.075   9.778   -6.717  1.00 21.82 ? 941  AMP A C4    1 
HETATM 906  P P     . AMP D 2 .   ? 2.363   18.503  -8.253  1.00 40.42 ? 942  AMP A P     1 
HETATM 907  O O1P   . AMP D 2 .   ? 1.775   19.544  -9.177  1.00 45.39 ? 942  AMP A O1P   1 
HETATM 908  O O2P   . AMP D 2 .   ? 2.191   18.828  -6.781  1.00 42.01 ? 942  AMP A O2P   1 
HETATM 909  O O3P   . AMP D 2 .   ? 3.768   18.063  -8.608  1.00 42.52 ? 942  AMP A O3P   1 
HETATM 910  O "O5'" . AMP D 2 .   ? 1.466   17.186  -8.476  1.00 40.94 ? 942  AMP A "O5'" 1 
HETATM 911  C "C5'" . AMP D 2 .   ? 0.953   16.823  -9.763  1.00 38.00 ? 942  AMP A "C5'" 1 
HETATM 912  C "C4'" . AMP D 2 .   ? -0.113  15.748  -9.574  1.00 35.62 ? 942  AMP A "C4'" 1 
HETATM 913  O "O4'" . AMP D 2 .   ? 0.458   14.623  -8.893  1.00 31.94 ? 942  AMP A "O4'" 1 
HETATM 914  C "C3'" . AMP D 2 .   ? -1.270  16.222  -8.706  1.00 34.74 ? 942  AMP A "C3'" 1 
HETATM 915  O "O3'" . AMP D 2 .   ? -2.484  15.657  -9.209  1.00 39.80 ? 942  AMP A "O3'" 1 
HETATM 916  C "C2'" . AMP D 2 .   ? -0.980  15.662  -7.326  1.00 31.65 ? 942  AMP A "C2'" 1 
HETATM 917  O "O2'" . AMP D 2 .   ? -2.175  15.398  -6.582  1.00 30.05 ? 942  AMP A "O2'" 1 
HETATM 918  C "C1'" . AMP D 2 .   ? -0.242  14.378  -7.670  1.00 28.28 ? 942  AMP A "C1'" 1 
HETATM 919  N N9    . AMP D 2 .   ? 0.761   13.992  -6.647  1.00 24.82 ? 942  AMP A N9    1 
HETATM 920  C C8    . AMP D 2 .   ? 1.868   14.677  -6.298  1.00 25.79 ? 942  AMP A C8    1 
HETATM 921  N N7    . AMP D 2 .   ? 2.572   14.021  -5.333  1.00 24.48 ? 942  AMP A N7    1 
HETATM 922  C C5    . AMP D 2 .   ? 1.896   12.892  -5.076  1.00 21.99 ? 942  AMP A C5    1 
HETATM 923  C C6    . AMP D 2 .   ? 2.069   11.728  -4.179  1.00 22.35 ? 942  AMP A C6    1 
HETATM 924  N N6    . AMP D 2 .   ? 3.135   11.660  -3.353  1.00 23.58 ? 942  AMP A N6    1 
HETATM 925  N N1    . AMP D 2 .   ? 1.127   10.751  -4.227  1.00 25.91 ? 942  AMP A N1    1 
HETATM 926  C C2    . AMP D 2 .   ? 0.062   10.797  -5.058  1.00 26.87 ? 942  AMP A C2    1 
HETATM 927  N N3    . AMP D 2 .   ? -0.160  11.819  -5.898  1.00 25.34 ? 942  AMP A N3    1 
HETATM 928  C C4    . AMP D 2 .   ? 0.709   12.871  -5.948  1.00 24.41 ? 942  AMP A C4    1 
HETATM 929  P P     . AMP E 2 .   ? 0.579   22.547  -1.055  1.00 26.78 ? 943  AMP A P     1 
HETATM 930  O O1P   . AMP E 2 .   ? 1.435   23.791  -1.216  1.00 23.19 ? 943  AMP A O1P   1 
HETATM 931  O O2P   . AMP E 2 .   ? -0.467  22.377  -2.140  1.00 26.04 ? 943  AMP A O2P   1 
HETATM 932  O O3P   . AMP E 2 .   ? 0.032   22.253  0.340   1.00 21.91 ? 943  AMP A O3P   1 
HETATM 933  O "O5'" . AMP E 2 .   ? 1.645   21.393  -1.404  1.00 24.52 ? 943  AMP A "O5'" 1 
HETATM 934  C "C5'" . AMP E 2 .   ? 1.237   20.023  -1.413  1.00 21.66 ? 943  AMP A "C5'" 1 
HETATM 935  C "C4'" . AMP E 2 .   ? 2.441   19.084  -1.417  1.00 23.04 ? 943  AMP A "C4'" 1 
HETATM 936  O "O4'" . AMP E 2 .   ? 1.981   17.717  -1.384  1.00 22.03 ? 943  AMP A "O4'" 1 
HETATM 937  C "C3'" . AMP E 2 .   ? 3.207   19.210  -2.725  1.00 22.85 ? 943  AMP A "C3'" 1 
HETATM 938  O "O3'" . AMP E 2 .   ? 4.568   18.857  -2.465  1.00 21.80 ? 943  AMP A "O3'" 1 
HETATM 939  C "C2'" . AMP E 2 .   ? 2.559   18.172  -3.629  1.00 22.10 ? 943  AMP A "C2'" 1 
HETATM 940  O "O2'" . AMP E 2 .   ? 3.439   17.657  -4.638  1.00 25.48 ? 943  AMP A "O2'" 1 
HETATM 941  C "C1'" . AMP E 2 .   ? 2.216   17.073  -2.652  1.00 21.49 ? 943  AMP A "C1'" 1 
HETATM 942  N N9    . AMP E 2 .   ? 1.015   16.327  -3.087  1.00 19.84 ? 943  AMP A N9    1 
HETATM 943  C C8    . AMP E 2 .   ? 0.053   16.728  -3.948  1.00 21.98 ? 943  AMP A C8    1 
HETATM 944  N N7    . AMP E 2 .   ? -0.898  15.771  -4.090  1.00 23.01 ? 943  AMP A N7    1 
HETATM 945  C C5    . AMP E 2 .   ? -0.548  14.730  -3.304  1.00 20.57 ? 943  AMP A C5    1 
HETATM 946  C C6    . AMP E 2 .   ? -1.099  13.395  -2.970  1.00 22.32 ? 943  AMP A C6    1 
HETATM 947  N N6    . AMP E 2 .   ? -2.254  12.964  -3.523  1.00 24.44 ? 943  AMP A N6    1 
HETATM 948  N N1    . AMP E 2 .   ? -0.401  12.622  -2.100  1.00 21.45 ? 943  AMP A N1    1 
HETATM 949  C C2    . AMP E 2 .   ? 0.751   13.044  -1.529  1.00 19.47 ? 943  AMP A C2    1 
HETATM 950  N N3    . AMP E 2 .   ? 1.310   14.236  -1.779  1.00 18.92 ? 943  AMP A N3    1 
HETATM 951  C C4    . AMP E 2 .   ? 0.714   15.107  -2.641  1.00 20.80 ? 943  AMP A C4    1 
HETATM 952  O O     . HOH F 3 .   ? -8.531  -3.947  5.510   1.00 12.08 ? 944  HOH A O     1 
HETATM 953  O O     . HOH F 3 .   ? -2.661  4.941   8.531   1.00 15.33 ? 945  HOH A O     1 
HETATM 954  O O     . HOH F 3 .   ? 2.765   4.284   -0.292  1.00 13.37 ? 946  HOH A O     1 
HETATM 955  O O     . HOH F 3 .   ? 13.728  8.583   4.592   1.00 14.74 ? 947  HOH A O     1 
HETATM 956  O O     . HOH F 3 .   ? -9.364  1.771   -18.243 1.00 19.05 ? 948  HOH A O     1 
HETATM 957  O O     . HOH F 3 .   ? 12.828  -3.063  13.934  1.00 21.33 ? 949  HOH A O     1 
HETATM 958  O O     . HOH F 3 .   ? -9.404  10.892  3.682   1.00 19.14 ? 950  HOH A O     1 
HETATM 959  O O     . HOH F 3 .   ? 14.424  11.362  7.862   1.00 17.92 ? 951  HOH A O     1 
HETATM 960  O O     . HOH F 3 .   ? 6.811   0.088   13.567  1.00 16.16 ? 952  HOH A O     1 
HETATM 961  O O     . HOH F 3 .   ? 15.736  1.254   10.112  1.00 21.64 ? 953  HOH A O     1 
HETATM 962  O O     . HOH F 3 .   ? 6.323   -5.981  9.520   1.00 16.11 ? 954  HOH A O     1 
HETATM 963  O O     . HOH F 3 .   ? 9.552   -0.464  13.681  1.00 16.43 ? 955  HOH A O     1 
HETATM 964  O O     . HOH F 3 .   ? -12.589 2.129   11.334  1.00 15.63 ? 956  HOH A O     1 
HETATM 965  O O     . HOH F 3 .   ? 4.422   -6.167  7.384   1.00 19.35 ? 957  HOH A O     1 
HETATM 966  O O     . HOH F 3 .   ? 2.806   -9.410  -11.290 1.00 15.84 ? 958  HOH A O     1 
HETATM 967  O O     . HOH F 3 .   ? -2.961  1.300   -20.411 1.00 20.17 ? 959  HOH A O     1 
HETATM 968  O O     . HOH F 3 .   ? -13.124 -2.549  -11.116 1.00 21.29 ? 960  HOH A O     1 
HETATM 969  O O     . HOH F 3 .   ? 3.124   -9.101  5.114   1.00 16.22 ? 961  HOH A O     1 
HETATM 970  O O     . HOH F 3 .   ? 0.452   -7.430  -12.965 1.00 14.53 ? 962  HOH A O     1 
HETATM 971  O O     . HOH F 3 .   ? 4.329   -14.681 -5.587  1.00 20.75 ? 963  HOH A O     1 
HETATM 972  O O     . HOH F 3 .   ? -12.900 4.876   8.205   1.00 19.74 ? 964  HOH A O     1 
HETATM 973  O O     . HOH F 3 .   ? 2.992   14.507  4.584   1.00 16.25 ? 965  HOH A O     1 
HETATM 974  O O     . HOH F 3 .   ? 3.281   -0.807  -6.255  1.00 14.49 ? 966  HOH A O     1 
HETATM 975  O O     . HOH F 3 .   ? -6.354  7.312   6.993   1.00 22.04 ? 967  HOH A O     1 
HETATM 976  O O     . HOH F 3 .   ? 19.001  5.746   12.103  1.00 21.43 ? 968  HOH A O     1 
HETATM 977  O O     . HOH F 3 .   ? 11.670  4.371   15.002  1.00 21.63 ? 969  HOH A O     1 
HETATM 978  O O     . HOH F 3 .   ? 4.801   -7.053  4.613   1.00 23.77 ? 970  HOH A O     1 
HETATM 979  O O     . HOH F 3 .   ? 9.199   -7.553  13.961  1.00 21.62 ? 971  HOH A O     1 
HETATM 980  O O     . HOH F 3 .   ? 1.957   -9.074  0.544   1.00 18.68 ? 972  HOH A O     1 
HETATM 981  O O     . HOH F 3 .   ? -10.246 10.859  -5.716  1.00 27.51 ? 973  HOH A O     1 
HETATM 982  O O     . HOH F 3 .   ? -13.309 -0.745  -4.522  1.00 19.77 ? 974  HOH A O     1 
HETATM 983  O O     . HOH F 3 .   ? -11.410 -13.490 6.005   1.00 27.32 ? 975  HOH A O     1 
HETATM 984  O O     . HOH F 3 .   ? 1.915   12.313  10.434  1.00 25.47 ? 976  HOH A O     1 
HETATM 985  O O     . HOH F 3 .   ? -13.425 -0.841  -7.426  1.00 19.75 ? 977  HOH A O     1 
HETATM 986  O O     . HOH F 3 .   ? -2.508  -7.709  12.829  1.00 18.59 ? 978  HOH A O     1 
HETATM 987  O O     . HOH F 3 .   ? 8.790   8.304   0.245   1.00 26.62 ? 979  HOH A O     1 
HETATM 988  O O     . HOH F 3 .   ? 5.808   3.542   15.874  1.00 19.37 ? 980  HOH A O     1 
HETATM 989  O O     . HOH F 3 .   ? -1.739  -3.634  18.285  1.00 31.51 ? 981  HOH A O     1 
HETATM 990  O O     . HOH F 3 .   ? 13.380  12.973  15.488  1.00 24.55 ? 982  HOH A O     1 
HETATM 991  O O     . HOH F 3 .   ? 13.375  8.757   15.608  1.00 24.76 ? 983  HOH A O     1 
HETATM 992  O O     . HOH F 3 .   ? -12.405 9.282   0.654   1.00 22.82 ? 984  HOH A O     1 
HETATM 993  O O     . HOH F 3 .   ? -0.232  -10.611 -0.752  1.00 26.54 ? 985  HOH A O     1 
HETATM 994  O O     . HOH F 3 .   ? -6.339  7.356   -14.350 1.00 27.39 ? 986  HOH A O     1 
HETATM 995  O O     . HOH F 3 .   ? 1.570   11.504  1.976   1.00 21.88 ? 987  HOH A O     1 
HETATM 996  O O     . HOH F 3 .   ? -12.464 6.187   -8.659  1.00 20.38 ? 988  HOH A O     1 
HETATM 997  O O     . HOH F 3 .   ? -11.764 5.684   -11.234 1.00 22.41 ? 989  HOH A O     1 
HETATM 998  O O     . HOH F 3 .   ? -2.942  -10.877 -12.248 1.00 23.73 ? 990  HOH A O     1 
HETATM 999  O O     . HOH F 3 .   ? -15.333 5.739   -3.425  1.00 28.49 ? 991  HOH A O     1 
HETATM 1000 O O     . HOH F 3 .   ? -11.794 9.768   3.324   1.00 23.97 ? 992  HOH A O     1 
HETATM 1001 O O     . HOH F 3 .   ? 9.026   -6.599  9.159   1.00 24.09 ? 993  HOH A O     1 
HETATM 1002 O O     . HOH F 3 .   ? -0.059  -13.403 -5.948  1.00 28.58 ? 994  HOH A O     1 
HETATM 1003 O O     . HOH F 3 .   ? -9.825  -10.962 -6.130  1.00 22.80 ? 995  HOH A O     1 
HETATM 1004 O O     . HOH F 3 .   ? 8.927   -8.323  11.333  1.00 30.31 ? 996  HOH A O     1 
HETATM 1005 O O     . HOH F 3 .   ? 0.432   21.869  -4.418  1.00 28.17 ? 997  HOH A O     1 
HETATM 1006 O O     . HOH F 3 .   ? -2.954  -2.130  -19.230 1.00 27.48 ? 998  HOH A O     1 
HETATM 1007 O O     . HOH F 3 .   ? -10.278 -9.926  -8.601  1.00 29.94 ? 999  HOH A O     1 
HETATM 1008 O O     . HOH F 3 .   ? 2.524   -13.099 -4.444  1.00 27.69 ? 1000 HOH A O     1 
HETATM 1009 O O     . HOH F 3 .   ? 4.216   -10.694 -4.178  1.00 22.08 ? 1001 HOH A O     1 
HETATM 1010 O O     . HOH F 3 .   ? -1.649  4.625   15.126  1.00 29.34 ? 1002 HOH A O     1 
HETATM 1011 O O     . HOH F 3 .   ? 1.565   -10.148 3.047   1.00 30.41 ? 1003 HOH A O     1 
HETATM 1012 O O     . HOH F 3 .   ? 6.221   -8.341  11.052  1.00 27.25 ? 1004 HOH A O     1 
HETATM 1013 O O     . HOH F 3 .   ? -12.908 -5.528  -2.884  1.00 29.00 ? 1005 HOH A O     1 
HETATM 1014 O O     . HOH F 3 .   ? 0.103   8.728   7.719   1.00 29.61 ? 1006 HOH A O     1 
HETATM 1015 O O     . HOH F 3 .   ? -4.918  14.069  -4.248  1.00 27.24 ? 1007 HOH A O     1 
HETATM 1016 O O     . HOH F 3 .   ? -0.293  7.235   1.250   1.00 20.28 ? 1008 HOH A O     1 
HETATM 1017 O O     . HOH F 3 .   ? -2.555  -8.600  -13.994 1.00 28.55 ? 1009 HOH A O     1 
HETATM 1018 O O     . HOH F 3 .   ? -1.941  23.851  1.657   1.00 30.48 ? 1010 HOH A O     1 
HETATM 1019 O O     . HOH F 3 .   ? -11.873 -12.374 -5.448  1.00 32.02 ? 1011 HOH A O     1 
HETATM 1020 O O     . HOH F 3 .   ? -1.850  -10.312 3.596   1.00 28.59 ? 1012 HOH A O     1 
HETATM 1021 O O     . HOH F 3 .   ? 0.507   4.849   -12.104 1.00 35.64 ? 1013 HOH A O     1 
HETATM 1022 O O     . HOH F 3 .   ? -14.656 -5.728  -8.273  1.00 26.25 ? 1014 HOH A O     1 
HETATM 1023 O O     . HOH F 3 .   ? 7.871   4.684   -9.800  1.00 33.40 ? 1015 HOH A O     1 
HETATM 1024 O O     . HOH F 3 .   ? 0.002   1.417   -15.367 1.00 28.56 ? 1016 HOH A O     1 
HETATM 1025 O O     . HOH F 3 .   ? 3.542   14.626  -0.194  1.00 24.81 ? 1017 HOH A O     1 
HETATM 1026 O O     . HOH F 3 .   ? -9.174  -8.393  -10.564 1.00 30.45 ? 1018 HOH A O     1 
HETATM 1027 O O     . HOH F 3 .   ? -9.406  -7.595  4.551   1.00 31.40 ? 1019 HOH A O     1 
HETATM 1028 O O     . HOH F 3 .   ? 18.189  0.542   2.403   1.00 27.83 ? 1020 HOH A O     1 
HETATM 1029 O O     . HOH F 3 .   ? 18.738  1.188   8.521   1.00 44.33 ? 1021 HOH A O     1 
HETATM 1030 O O     . HOH F 3 .   ? -0.532  -0.851  -18.598 1.00 23.44 ? 1022 HOH A O     1 
HETATM 1031 O O     . HOH F 3 .   ? -2.945  -11.967 5.648   1.00 41.96 ? 1023 HOH A O     1 
HETATM 1032 O O     . HOH F 3 .   ? 3.833   -10.427 -1.317  1.00 33.65 ? 1024 HOH A O     1 
HETATM 1033 O O     . HOH F 3 .   ? -6.420  6.181   13.113  1.00 30.66 ? 1025 HOH A O     1 
HETATM 1034 O O     . HOH F 3 .   ? 6.162   -12.861 -5.223  1.00 28.61 ? 1026 HOH A O     1 
HETATM 1035 O O     . HOH F 3 .   ? -2.486  11.480  -7.594  1.00 26.54 ? 1027 HOH A O     1 
HETATM 1036 O O     . HOH F 3 .   ? -1.131  -0.040  18.800  1.00 41.98 ? 1028 HOH A O     1 
HETATM 1037 O O     . HOH F 3 .   ? 5.689   4.963   -0.926  1.00 21.97 ? 1029 HOH A O     1 
HETATM 1038 O O     . HOH F 3 .   ? -0.149  19.479  -5.577  1.00 28.02 ? 1030 HOH A O     1 
HETATM 1039 O O     . HOH F 3 .   ? 8.270   1.412   -9.777  1.00 29.45 ? 1031 HOH A O     1 
HETATM 1040 O O     . HOH F 3 .   ? 4.500   -6.703  14.718  1.00 24.75 ? 1032 HOH A O     1 
HETATM 1041 O O     . HOH F 3 .   ? -14.405 4.077   -7.549  1.00 27.49 ? 1033 HOH A O     1 
HETATM 1042 O O     . HOH F 3 .   ? 4.420   -5.833  2.336   1.00 31.13 ? 1034 HOH A O     1 
HETATM 1043 O O     . HOH F 3 .   ? -1.515  -6.244  -14.082 1.00 33.03 ? 1035 HOH A O     1 
HETATM 1044 O O     . HOH F 3 .   ? 0.749   -1.004  -16.165 1.00 26.26 ? 1036 HOH A O     1 
HETATM 1045 O O     . HOH F 3 .   ? 7.625   11.570  7.604   1.00 29.49 ? 1037 HOH A O     1 
HETATM 1046 O O     . HOH F 3 .   ? 2.643   -7.693  -15.101 1.00 28.86 ? 1038 HOH A O     1 
HETATM 1047 O O     . HOH F 3 .   ? -14.557 6.748   3.865   1.00 28.35 ? 1039 HOH A O     1 
HETATM 1048 O O     . HOH F 3 .   ? -0.085  -4.866  -15.873 1.00 36.27 ? 1040 HOH A O     1 
HETATM 1049 O O     . HOH F 3 .   ? -4.596  -10.470 7.050   1.00 40.92 ? 1041 HOH A O     1 
HETATM 1050 O O     . HOH F 3 .   ? 16.223  8.056   18.018  1.00 36.90 ? 1042 HOH A O     1 
HETATM 1051 O O     . HOH F 3 .   ? 7.996   -6.698  1.070   1.00 30.06 ? 1043 HOH A O     1 
HETATM 1052 O O     . HOH F 3 .   ? -13.470 5.414   -15.860 1.00 32.34 ? 1044 HOH A O     1 
HETATM 1053 O O     . HOH F 3 .   ? -3.252  -0.823  -22.175 1.00 29.85 ? 1045 HOH A O     1 
HETATM 1054 O O     . HOH F 3 .   ? 5.160   16.959  -0.749  1.00 38.53 ? 1046 HOH A O     1 
HETATM 1055 O O     . HOH F 3 .   ? -1.214  9.391   -9.534  1.00 32.54 ? 1047 HOH A O     1 
HETATM 1056 O O     . HOH F 3 .   ? 5.138   15.167  -4.920  1.00 49.79 ? 1048 HOH A O     1 
HETATM 1057 O O     . HOH F 3 .   ? -0.507  10.009  -1.866  1.00 26.63 ? 1049 HOH A O     1 
HETATM 1058 O O     . HOH F 3 .   ? 10.141  -7.039  -0.405  1.00 37.14 ? 1050 HOH A O     1 
HETATM 1059 O O     . HOH F 3 .   ? 1.046   6.724   -1.103  1.00 37.70 ? 1051 HOH A O     1 
HETATM 1060 O O     . HOH F 3 .   ? -17.346 -1.983  -5.912  1.00 35.25 ? 1052 HOH A O     1 
HETATM 1061 O O     . HOH F 3 .   ? -18.575 3.172   1.257   1.00 28.81 ? 1053 HOH A O     1 
HETATM 1062 O O     . HOH F 3 .   ? 5.249   -9.176  13.372  1.00 30.88 ? 1054 HOH A O     1 
HETATM 1063 O O     . HOH F 3 .   ? 11.553  -0.170  -5.127  1.00 29.64 ? 1055 HOH A O     1 
HETATM 1064 O O     . HOH F 3 .   ? -3.290  -13.253 -6.470  1.00 31.88 ? 1056 HOH A O     1 
HETATM 1065 O O     . HOH F 3 .   ? 1.154   2.811   16.202  1.00 32.74 ? 1057 HOH A O     1 
HETATM 1066 O O     . HOH F 3 .   ? 9.551   1.413   -2.939  1.00 35.89 ? 1058 HOH A O     1 
HETATM 1067 O O     . HOH F 3 .   ? 10.875  2.532   -9.215  1.00 44.89 ? 1059 HOH A O     1 
HETATM 1068 O O     . HOH F 3 .   ? 4.100   14.599  -9.159  1.00 44.59 ? 1060 HOH A O     1 
HETATM 1069 O O     . HOH F 3 .   ? 5.529   1.799   -13.147 1.00 34.23 ? 1061 HOH A O     1 
HETATM 1070 O O     . HOH F 3 .   ? -5.577  10.312  -9.982  1.00 38.39 ? 1062 HOH A O     1 
HETATM 1071 O O     . HOH F 3 .   ? 2.018   7.417   14.737  1.00 32.82 ? 1063 HOH A O     1 
HETATM 1072 O O     . HOH F 3 .   ? -7.486  -12.200 -10.819 1.00 49.22 ? 1064 HOH A O     1 
HETATM 1073 O O     . HOH F 3 .   ? -11.998 1.459   -16.981 1.00 26.97 ? 1065 HOH A O     1 
HETATM 1074 O O     . HOH F 3 .   ? -15.014 -8.333  -15.129 1.00 28.04 ? 1066 HOH A O     1 
HETATM 1075 O O     . HOH F 3 .   ? 6.624   -5.061  -14.354 1.00 36.11 ? 1067 HOH A O     1 
HETATM 1076 O O     . HOH F 3 .   ? -5.828  4.305   -19.731 1.00 36.56 ? 1068 HOH A O     1 
HETATM 1077 O O     . HOH F 3 .   ? -12.815 -0.920  -17.439 1.00 32.28 ? 1069 HOH A O     1 
HETATM 1078 O O     . HOH F 3 .   ? 9.744   -0.799  -10.623 1.00 32.59 ? 1070 HOH A O     1 
HETATM 1079 O O     . HOH F 3 .   ? -13.905 2.077   -12.126 1.00 48.25 ? 1071 HOH A O     1 
HETATM 1080 O O     . HOH F 3 .   ? 6.343   10.795  -4.889  1.00 36.75 ? 1072 HOH A O     1 
HETATM 1081 O O     . HOH F 3 .   ? -12.153 -14.013 -3.093  1.00 35.71 ? 1073 HOH A O     1 
HETATM 1082 O O     . HOH F 3 .   ? 3.772   8.193   0.092   1.00 33.28 ? 1074 HOH A O     1 
HETATM 1083 O O     . HOH F 3 .   ? 7.292   -8.624  -10.822 1.00 33.30 ? 1075 HOH A O     1 
HETATM 1084 O O     . HOH F 3 .   ? -3.444  -3.520  -21.275 1.00 35.75 ? 1076 HOH A O     1 
HETATM 1085 O O     . HOH F 3 .   ? 5.431   -9.875  0.821   1.00 45.43 ? 1077 HOH A O     1 
HETATM 1086 O O     . HOH F 3 .   ? 7.495   10.931  0.833   1.00 26.75 ? 1078 HOH A O     1 
HETATM 1087 O O     . HOH F 3 .   ? -7.776  -12.860 -6.222  1.00 30.51 ? 1079 HOH A O     1 
HETATM 1088 O O     . HOH F 3 .   ? 13.901  5.815   -6.292  1.00 33.35 ? 1080 HOH A O     1 
HETATM 1089 O O     . HOH F 3 .   ? 0.559   -12.065 11.030  1.00 47.85 ? 1081 HOH A O     1 
HETATM 1090 O O     . HOH F 3 .   ? 9.981   -1.211  -7.559  1.00 36.06 ? 1082 HOH A O     1 
HETATM 1091 O O     . HOH F 3 .   ? 8.755   -1.685  -13.785 1.00 35.34 ? 1083 HOH A O     1 
HETATM 1092 O O     . HOH F 3 .   ? -12.988 -9.173  -16.350 1.00 32.64 ? 1084 HOH A O     1 
HETATM 1093 O O     . HOH F 3 .   ? -6.099  -13.973 -12.266 1.00 35.55 ? 1085 HOH A O     1 
HETATM 1094 O O     . HOH F 3 .   ? -2.074  24.405  -2.653  1.00 33.01 ? 1086 HOH A O     1 
HETATM 1095 O O     . HOH F 3 .   ? 15.514  -5.454  7.350   1.00 42.50 ? 1087 HOH A O     1 
HETATM 1096 O O     . HOH F 3 .   ? 17.048  12.141  8.281   1.00 39.84 ? 1088 HOH A O     1 
HETATM 1097 O O     . HOH F 3 .   ? 6.651   2.261   -2.206  1.00 34.07 ? 1089 HOH A O     1 
HETATM 1098 O O     . HOH F 3 .   ? 7.569   -8.610  4.887   1.00 38.26 ? 1090 HOH A O     1 
HETATM 1099 O O     . HOH F 3 .   ? 10.575  -3.759  -8.216  1.00 41.40 ? 1091 HOH A O     1 
HETATM 1100 O O     . HOH F 3 .   ? 1.995   -1.258  17.449  1.00 31.27 ? 1092 HOH A O     1 
HETATM 1101 O O     . HOH F 3 .   ? 8.030   -8.632  -7.804  1.00 34.26 ? 1093 HOH A O     1 
HETATM 1102 O O     . HOH F 3 .   ? -2.519  7.569   8.583   1.00 41.33 ? 1094 HOH A O     1 
HETATM 1103 O O     . HOH F 3 .   ? -4.801  -9.310  17.928  1.00 53.54 ? 1095 HOH A O     1 
HETATM 1104 O O     . HOH F 3 .   ? -16.299 8.285   2.418   1.00 40.20 ? 1096 HOH A O     1 
HETATM 1105 O O     . HOH F 3 .   ? 10.946  -9.310  -1.639  1.00 40.64 ? 1097 HOH A O     1 
HETATM 1106 O O     . HOH F 3 .   ? -1.452  -9.595  -16.207 1.00 40.82 ? 1098 HOH A O     1 
HETATM 1107 O O     . HOH F 3 .   ? 2.255   10.287  -0.418  1.00 40.82 ? 1099 HOH A O     1 
HETATM 1108 O O     . HOH F 3 .   ? -0.285  -12.615 0.679   1.00 40.70 ? 1100 HOH A O     1 
HETATM 1109 O O     . HOH F 3 .   ? -5.057  -14.459 -9.816  1.00 35.82 ? 1101 HOH A O     1 
HETATM 1110 O O     . HOH F 3 .   ? -4.450  -10.384 15.481  1.00 53.89 ? 1102 HOH A O     1 
HETATM 1111 O O     . HOH F 3 .   ? -1.537  6.430   -12.405 1.00 35.41 ? 1103 HOH A O     1 
HETATM 1112 O O     . HOH F 3 .   ? -1.061  8.151   4.212   1.00 46.21 ? 1104 HOH A O     1 
HETATM 1113 O O     . HOH F 3 .   ? -1.860  -13.387 -3.980  1.00 35.10 ? 1105 HOH A O     1 
HETATM 1114 O O     . HOH F 3 .   ? 4.562   4.662   17.922  1.00 36.33 ? 1106 HOH A O     1 
HETATM 1115 O O     . HOH F 3 .   ? 17.392  -4.700  5.853   1.00 35.83 ? 1107 HOH A O     1 
HETATM 1116 O O     . HOH F 3 .   ? -9.265  15.221  -4.099  1.00 35.46 ? 1108 HOH A O     1 
HETATM 1117 O O     . HOH F 3 .   ? 4.796   -9.505  8.196   1.00 50.88 ? 1109 HOH A O     1 
HETATM 1118 O O     . HOH F 3 .   ? -1.788  -14.551 1.095   1.00 44.96 ? 1110 HOH A O     1 
HETATM 1119 O O     . HOH F 3 .   ? -4.393  -14.824 1.621   1.00 49.65 ? 1111 HOH A O     1 
HETATM 1120 O O     . HOH F 3 .   ? -7.311  -7.264  7.866   1.00 34.13 ? 1112 HOH A O     1 
HETATM 1121 O O     . HOH F 3 .   ? -14.153 1.483   -7.084  1.00 40.06 ? 1113 HOH A O     1 
HETATM 1122 O O     . HOH F 3 .   ? -7.766  -8.371  11.780  1.00 37.63 ? 1114 HOH A O     1 
HETATM 1123 O O     . HOH F 3 .   ? 12.621  6.317   16.348  1.00 36.39 ? 1115 HOH A O     1 
HETATM 1124 O O     . HOH F 3 .   ? -2.838  7.401   5.953   1.00 46.87 ? 1116 HOH A O     1 
HETATM 1125 O O     . HOH F 3 .   ? -4.186  -15.822 -0.700  1.00 38.62 ? 1117 HOH A O     1 
HETATM 1126 O O     . HOH F 3 .   ? -9.702  -12.790 -9.685  1.00 45.74 ? 1118 HOH A O     1 
HETATM 1127 O O     . HOH F 3 .   ? -5.443  -12.320 -4.619  1.00 34.92 ? 1119 HOH A O     1 
HETATM 1128 O O     . HOH F 3 .   ? 9.480   -7.889  6.958   1.00 48.23 ? 1120 HOH A O     1 
HETATM 1129 O O     . HOH F 3 .   ? -14.772 9.740   -1.426  1.00 37.50 ? 1121 HOH A O     1 
HETATM 1130 O O     . HOH F 3 .   ? -2.058  12.604  -10.026 1.00 42.18 ? 1122 HOH A O     1 
HETATM 1131 O O     . HOH F 3 .   ? -5.150  9.985   -13.849 1.00 41.20 ? 1123 HOH A O     1 
HETATM 1132 O O     . HOH F 3 .   ? 8.429   13.087  3.669   1.00 42.19 ? 1124 HOH A O     1 
HETATM 1133 O O     . HOH F 3 .   ? -12.122 -11.396 -12.508 1.00 49.64 ? 1125 HOH A O     1 
HETATM 1134 O O     . HOH F 3 .   ? 2.846   21.105  -5.400  1.00 51.17 ? 1126 HOH A O     1 
HETATM 1135 O O     . HOH F 3 .   ? 12.875  -9.800  9.314   1.00 49.68 ? 1127 HOH A O     1 
HETATM 1136 O O     . HOH F 3 .   ? 0.878   5.758   -9.893  1.00 36.89 ? 1128 HOH A O     1 
HETATM 1137 O O     . HOH F 3 .   ? 0.956   11.188  6.484   1.00 46.05 ? 1129 HOH A O     1 
HETATM 1138 O O     . HOH F 3 .   ? 1.528   -8.730  14.559  1.00 46.97 ? 1130 HOH A O     1 
HETATM 1139 O O     . HOH F 3 .   ? 6.100   10.918  -2.353  1.00 47.48 ? 1131 HOH A O     1 
HETATM 1140 O O     . HOH F 3 .   ? 0.549   -8.147  -17.163 1.00 45.04 ? 1132 HOH A O     1 
HETATM 1141 O O     . HOH F 3 .   ? 2.582   6.519   1.843   1.00 41.52 ? 1133 HOH A O     1 
HETATM 1142 O O     . HOH F 3 .   ? 11.796  -7.609  -3.549  1.00 47.82 ? 1134 HOH A O     1 
HETATM 1143 O O     . HOH F 3 .   ? 11.007  -6.302  1.942   1.00 42.20 ? 1135 HOH A O     1 
HETATM 1144 O O     . HOH F 3 .   ? 4.689   -11.313 4.437   1.00 49.42 ? 1136 HOH A O     1 
HETATM 1145 O O     . HOH F 3 .   ? 9.048   -5.043  -10.323 1.00 47.42 ? 1137 HOH A O     1 
HETATM 1146 O O     . HOH F 3 .   ? -4.181  -12.137 12.923  1.00 52.00 ? 1138 HOH A O     1 
HETATM 1147 O O     . HOH F 3 .   ? -1.553  -14.578 -1.573  1.00 42.24 ? 1139 HOH A O     1 
# 
